data_9HEL
#
_entry.id   9HEL
#
_cell.length_a   1.00
_cell.length_b   1.00
_cell.length_c   1.00
_cell.angle_alpha   90.00
_cell.angle_beta   90.00
_cell.angle_gamma   90.00
#
_symmetry.space_group_name_H-M   'P 1'
#
loop_
_entity.id
_entity.type
_entity.pdbx_description
1 polymer 'Scavenger receptor cysteine-rich type 1 protein M130'
2 branched beta-D-mannopyranose-(1-4)-2-acetamido-2-deoxy-beta-D-glucopyranose-(1-4)-2-acetamido-2-deoxy-beta-D-glucopyranose
3 branched 2-acetamido-2-deoxy-beta-D-glucopyranose-(1-4)-2-acetamido-2-deoxy-beta-D-glucopyranose
4 non-polymer 2-acetamido-2-deoxy-beta-D-glucopyranose
5 non-polymer 'CALCIUM ION'
#
_entity_poly.entity_id   1
_entity_poly.type   'polypeptide(L)'
_entity_poly.pdbx_seq_one_letter_code
;MSKLRMVLLEDSGSADFRRHFVNLSPFTITVVLLLSACFVTSSLGGTDKELRLVDGENKCSGRVEVKVQEEWGTVCNNGW
SMEAVSVICNQLGCPTAIKAPGWANSSAGSGRIWMDHVSCRGNESALWDCKHDGWGKHSNCTHQQDAGVTCSDGSNLEMR
LTRGGNMCSGRIEIKFQGRWGTVCDDNFNIDHASVICRQLECGSAVSFSGSSNFGEGSGPIWFDDLICNGNESALWNCKH
QGWGKHNCDHAEDAGVICSKGADLSLRLVDGVTECSGRLEVRFQGEWGTICDDGWDSYDAAVACKQLGCPTAVTAIGRVN
ASKGFGHIWLDSVSCQGHEPAIWQCKHHEWGKHYCNHNEDAGVTCSDGSDLELRLRGGGSRCAGTVEVEIQRLLGKVCDR
GWGLKEADVVCRQLGCGSALKTSYQVYSKIQATNTWLFLSSCNGNETSLWDCKNWQWGGLTCDHYEEAKITCSAHREPRL
VGGDIPCSGRVEVKHGDTWGSICDSDFSLEAASVLCRELQCGTVVSILGGAHFGEGNGQIWAEEFQCEGHESHLSLCPVA
PRPEGTCSHSRDVGVVCSRYTEIRLVNGKTPCEGRVELKTLGAWGSLCNSHWDIEDAHVLCQQLKCGVALSTPGGARFGK
GNGQIWRHMFHCTGTEQHMGDCPVTALGASLCPSEQVASVICSGNQSQTLSSCNSSSLGPTRPTIPEESAVACIESGQLR
LVNGGGRCAGRVEIYHEGSWGTICDDSWDLSDAHVVCRQLGCGEAINATGSAHFGEGTGPIWLDEMKCNGKESRIWQCHS
HGWGQQNCRHKEDAGVICSEFMSLRLTSEASREACAGRLEVFYNGAWGTVGKSSMSETTVGVVCRQLGCADKGKINPASL
DKAMSIPMWVDNVQCPKGPDTLWQCPSSPWEKRLASPSEETWITCDNKIRLQEGPTSCSGRVEIWHGGSWGTVCDDSWDL
DDAQVVCQQLGCGPALKAFKEAEFGQGTGPIWLNEVKCKGNESSLWDCPARRWGHSECGHKEDAAVNCTDISVQKTPQKA
TTGRSSRQSSFIAVGILGVVLLAIFVALFFLTKKRRQRQRLAVSSRGENLVHQIQYREMNSCLNADDLDLMNSSENSHES
ADFSAAELISVSKFLPISGMEKEAILSHTEKENGNL
;
_entity_poly.pdbx_strand_id   A,B
#
# COMPACT_ATOMS: atom_id res chain seq x y z
N SER A 152 1.58 54.79 -61.07
CA SER A 152 1.49 54.95 -59.62
C SER A 152 2.25 53.84 -58.90
N ASP A 153 3.16 54.23 -58.01
CA ASP A 153 3.95 53.30 -57.23
C ASP A 153 3.25 52.83 -55.97
N GLY A 154 2.05 53.35 -55.68
CA GLY A 154 1.30 52.98 -54.50
C GLY A 154 1.46 53.92 -53.32
N SER A 155 2.22 55.01 -53.47
CA SER A 155 2.40 55.94 -52.36
C SER A 155 1.13 56.73 -52.08
N ASN A 156 0.41 57.11 -53.14
CA ASN A 156 -0.81 57.89 -52.96
C ASN A 156 -1.98 57.05 -52.49
N LEU A 157 -1.91 55.73 -52.63
CA LEU A 157 -2.99 54.87 -52.18
C LEU A 157 -2.99 54.79 -50.66
N GLU A 158 -4.16 54.53 -50.10
CA GLU A 158 -4.28 54.38 -48.66
C GLU A 158 -5.41 53.41 -48.33
N MET A 159 -5.29 52.76 -47.19
CA MET A 159 -6.24 51.77 -46.72
C MET A 159 -6.75 52.15 -45.34
N ARG A 160 -7.99 51.79 -45.08
CA ARG A 160 -8.68 52.18 -43.87
C ARG A 160 -9.55 51.01 -43.40
N LEU A 161 -9.79 50.96 -42.09
CA LEU A 161 -10.66 49.96 -41.50
C LEU A 161 -11.89 50.69 -40.97
N THR A 162 -13.07 50.33 -41.48
CA THR A 162 -14.27 51.10 -41.21
C THR A 162 -15.36 50.23 -40.61
N ARG A 163 -16.27 50.89 -39.88
CA ARG A 163 -17.44 50.24 -39.29
C ARG A 163 -17.05 49.07 -38.40
N GLY A 164 -15.96 49.23 -37.66
CA GLY A 164 -15.50 48.23 -36.72
C GLY A 164 -15.55 48.72 -35.29
N GLY A 165 -15.17 47.81 -34.38
CA GLY A 165 -15.12 48.17 -32.97
C GLY A 165 -14.09 49.24 -32.67
N ASN A 166 -12.99 49.25 -33.40
CA ASN A 166 -11.93 50.24 -33.21
C ASN A 166 -11.07 50.28 -34.47
N MET A 167 -9.92 50.96 -34.37
CA MET A 167 -9.06 51.19 -35.53
C MET A 167 -8.56 49.87 -36.12
N CYS A 168 -8.38 48.84 -35.30
CA CYS A 168 -7.83 47.56 -35.76
C CYS A 168 -8.91 46.53 -36.04
N SER A 169 -10.06 46.97 -36.56
CA SER A 169 -11.20 46.08 -36.74
C SER A 169 -12.09 46.59 -37.86
N GLY A 170 -12.64 45.67 -38.65
CA GLY A 170 -13.77 46.03 -39.49
C GLY A 170 -13.61 45.79 -40.98
N ARG A 171 -14.38 46.52 -41.79
CA ARG A 171 -14.36 46.34 -43.24
C ARG A 171 -13.17 47.05 -43.85
N ILE A 172 -12.57 46.41 -44.84
CA ILE A 172 -11.42 46.95 -45.56
C ILE A 172 -11.92 47.98 -46.57
N GLU A 173 -11.25 49.12 -46.63
CA GLU A 173 -11.53 50.12 -47.65
C GLU A 173 -10.24 50.68 -48.21
N ILE A 174 -10.22 50.91 -49.52
CA ILE A 174 -9.05 51.42 -50.22
C ILE A 174 -9.45 52.67 -50.99
N LYS A 175 -8.63 53.71 -50.90
CA LYS A 175 -8.87 54.97 -51.60
C LYS A 175 -8.07 54.97 -52.90
N PHE A 176 -8.76 55.17 -54.02
CA PHE A 176 -8.13 55.24 -55.33
C PHE A 176 -8.92 56.19 -56.21
N GLN A 177 -8.20 57.04 -56.92
CA GLN A 177 -8.80 58.02 -57.84
C GLN A 177 -9.81 58.91 -57.14
N GLY A 178 -9.54 59.24 -55.86
CA GLY A 178 -10.46 60.06 -55.11
C GLY A 178 -11.73 59.36 -54.67
N ARG A 179 -11.81 58.04 -54.83
CA ARG A 179 -13.01 57.28 -54.48
C ARG A 179 -12.65 56.18 -53.49
N TRP A 180 -13.49 56.01 -52.49
CA TRP A 180 -13.37 54.90 -51.55
C TRP A 180 -14.06 53.66 -52.09
N GLY A 181 -13.41 52.51 -51.93
CA GLY A 181 -13.96 51.27 -52.42
C GLY A 181 -13.61 50.13 -51.49
N THR A 182 -14.26 48.99 -51.72
CA THR A 182 -14.06 47.80 -50.92
C THR A 182 -13.54 46.67 -51.80
N VAL A 183 -13.08 45.59 -51.16
CA VAL A 183 -12.45 44.48 -51.86
C VAL A 183 -13.29 43.23 -51.66
N CYS A 184 -13.60 42.55 -52.77
CA CYS A 184 -14.42 41.35 -52.71
C CYS A 184 -13.66 40.21 -52.02
N ASP A 185 -14.41 39.31 -51.41
CA ASP A 185 -13.86 38.28 -50.54
C ASP A 185 -13.51 37.00 -51.28
N ASP A 186 -13.53 37.01 -52.62
CA ASP A 186 -13.13 35.82 -53.36
C ASP A 186 -11.65 35.54 -53.18
N ASN A 187 -11.32 34.27 -52.97
CA ASN A 187 -9.94 33.81 -52.76
C ASN A 187 -9.29 34.50 -51.56
N PHE A 188 -10.10 34.94 -50.61
CA PHE A 188 -9.58 35.56 -49.40
C PHE A 188 -9.18 34.48 -48.40
N ASN A 189 -7.95 34.55 -47.92
CA ASN A 189 -7.42 33.55 -46.99
C ASN A 189 -6.68 34.25 -45.87
N ILE A 190 -6.11 33.45 -44.97
CA ILE A 190 -5.37 34.01 -43.84
C ILE A 190 -4.12 34.75 -44.30
N ASP A 191 -3.62 34.46 -45.51
CA ASP A 191 -2.49 35.21 -46.04
C ASP A 191 -2.87 36.66 -46.28
N HIS A 192 -4.04 36.91 -46.86
CA HIS A 192 -4.49 38.28 -47.08
C HIS A 192 -4.70 39.01 -45.76
N ALA A 193 -5.29 38.34 -44.77
CA ALA A 193 -5.46 38.96 -43.46
C ALA A 193 -4.13 39.29 -42.82
N SER A 194 -3.16 38.37 -42.94
CA SER A 194 -1.83 38.63 -42.39
C SER A 194 -1.16 39.81 -43.08
N VAL A 195 -1.32 39.91 -44.40
CA VAL A 195 -0.75 41.04 -45.13
C VAL A 195 -1.41 42.34 -44.69
N ILE A 196 -2.73 42.33 -44.56
CA ILE A 196 -3.44 43.56 -44.20
C ILE A 196 -3.07 44.01 -42.79
N CYS A 197 -2.99 43.07 -41.85
CA CYS A 197 -2.60 43.46 -40.50
C CYS A 197 -1.08 43.55 -40.41
N ARG A 198 -0.46 44.25 -41.34
CA ARG A 198 0.95 44.58 -41.27
C ARG A 198 1.23 46.05 -41.56
N GLN A 199 0.48 46.66 -42.48
CA GLN A 199 0.70 48.04 -42.88
C GLN A 199 -0.22 49.03 -42.18
N LEU A 200 -1.20 48.55 -41.41
CA LEU A 200 -2.02 49.40 -40.57
C LEU A 200 -1.54 49.43 -39.13
N GLU A 201 -0.37 48.84 -38.86
CA GLU A 201 0.32 48.80 -37.56
C GLU A 201 -0.40 47.94 -36.54
N CYS A 202 -1.55 47.37 -36.87
CA CYS A 202 -2.18 46.35 -36.04
C CYS A 202 -1.67 44.99 -36.50
N GLY A 203 -1.06 44.24 -35.58
CA GLY A 203 -0.36 43.02 -35.94
C GLY A 203 -1.12 41.75 -35.58
N SER A 204 -0.59 40.64 -36.09
CA SER A 204 -1.05 39.29 -35.74
C SER A 204 -2.54 39.10 -36.06
N ALA A 205 -2.83 39.14 -37.36
CA ALA A 205 -4.19 38.93 -37.86
C ALA A 205 -4.85 37.73 -37.20
N VAL A 206 -5.96 37.97 -36.51
CA VAL A 206 -6.64 36.93 -35.76
C VAL A 206 -7.74 36.27 -36.60
N SER A 207 -8.63 37.06 -37.19
CA SER A 207 -9.78 36.48 -37.89
C SER A 207 -10.07 37.24 -39.17
N PHE A 208 -10.71 36.55 -40.11
CA PHE A 208 -11.24 37.16 -41.31
C PHE A 208 -12.73 36.88 -41.39
N SER A 209 -13.47 37.81 -42.00
CA SER A 209 -14.91 37.75 -42.08
C SER A 209 -15.34 37.92 -43.52
N GLY A 210 -16.65 37.85 -43.74
CA GLY A 210 -17.18 38.03 -45.08
C GLY A 210 -18.66 38.36 -45.02
N SER A 211 -19.21 38.62 -46.20
CA SER A 211 -20.63 38.99 -46.39
C SER A 211 -21.01 40.07 -45.37
N SER A 212 -22.07 39.88 -44.59
CA SER A 212 -22.68 40.95 -43.82
C SER A 212 -22.06 41.11 -42.43
N ASN A 213 -20.79 40.77 -42.28
CA ASN A 213 -20.13 40.91 -40.99
C ASN A 213 -19.89 42.36 -40.61
N PHE A 214 -19.90 43.28 -41.59
CA PHE A 214 -19.64 44.69 -41.30
C PHE A 214 -20.54 45.62 -42.12
N GLY A 215 -21.66 45.12 -42.62
CA GLY A 215 -22.65 45.96 -43.27
C GLY A 215 -22.34 46.22 -44.74
N GLU A 216 -23.23 46.99 -45.36
CA GLU A 216 -23.11 47.32 -46.77
C GLU A 216 -21.89 48.20 -47.02
N GLY A 217 -21.17 47.92 -48.11
CA GLY A 217 -20.16 48.82 -48.61
C GLY A 217 -20.70 49.76 -49.67
N SER A 218 -19.81 50.61 -50.17
CA SER A 218 -20.19 51.55 -51.23
C SER A 218 -18.98 51.82 -52.13
N GLY A 219 -19.28 52.21 -53.36
CA GLY A 219 -18.26 52.53 -54.34
C GLY A 219 -17.84 51.35 -55.20
N PRO A 220 -16.83 51.56 -56.02
CA PRO A 220 -16.35 50.49 -56.91
C PRO A 220 -15.56 49.44 -56.15
N ILE A 221 -15.29 48.34 -56.86
CA ILE A 221 -14.47 47.25 -56.34
C ILE A 221 -13.17 47.23 -57.16
N TRP A 222 -12.05 47.34 -56.46
CA TRP A 222 -10.75 47.53 -57.10
C TRP A 222 -10.03 46.22 -57.40
N PHE A 223 -10.17 45.23 -56.53
CA PHE A 223 -9.38 44.01 -56.61
C PHE A 223 -10.31 42.80 -56.62
N ASP A 224 -9.85 41.72 -57.26
CA ASP A 224 -10.61 40.48 -57.29
C ASP A 224 -9.66 39.33 -57.64
N ASP A 225 -9.90 38.18 -57.03
CA ASP A 225 -9.15 36.95 -57.33
C ASP A 225 -7.65 37.14 -57.13
N LEU A 226 -7.29 37.84 -56.06
CA LEU A 226 -5.89 38.09 -55.75
C LEU A 226 -5.23 36.86 -55.14
N ILE A 227 -3.95 36.69 -55.45
CA ILE A 227 -3.11 35.66 -54.83
C ILE A 227 -2.00 36.36 -54.08
N CYS A 228 -1.90 36.09 -52.78
CA CYS A 228 -0.95 36.78 -51.91
C CYS A 228 -0.18 35.76 -51.07
N ASN A 229 1.05 36.13 -50.73
CA ASN A 229 1.87 35.32 -49.85
C ASN A 229 1.72 35.76 -48.40
N GLY A 230 2.34 35.00 -47.49
CA GLY A 230 2.24 35.29 -46.08
C GLY A 230 3.07 36.46 -45.59
N ASN A 231 3.95 36.99 -46.44
CA ASN A 231 4.83 38.11 -46.07
C ASN A 231 4.98 39.00 -47.30
N GLU A 232 4.19 40.07 -47.35
CA GLU A 232 4.25 41.04 -48.43
C GLU A 232 4.23 42.44 -47.85
N SER A 233 4.79 43.38 -48.62
CA SER A 233 4.87 44.77 -48.16
C SER A 233 3.49 45.39 -48.03
N ALA A 234 2.59 45.12 -48.98
CA ALA A 234 1.27 45.72 -48.98
C ALA A 234 0.33 44.86 -49.80
N LEU A 235 -0.97 45.15 -49.67
CA LEU A 235 -1.98 44.38 -50.39
C LEU A 235 -1.88 44.57 -51.89
N TRP A 236 -1.43 45.75 -52.34
CA TRP A 236 -1.32 46.02 -53.77
C TRP A 236 -0.04 45.46 -54.38
N ASN A 237 0.77 44.75 -53.61
CA ASN A 237 1.97 44.09 -54.12
C ASN A 237 1.70 42.70 -54.66
N CYS A 238 0.44 42.24 -54.62
CA CYS A 238 0.08 40.91 -55.09
C CYS A 238 -0.23 40.93 -56.58
N LYS A 239 -0.22 39.73 -57.18
CA LYS A 239 -0.61 39.57 -58.57
C LYS A 239 -2.13 39.57 -58.69
N HIS A 240 -2.63 40.24 -59.73
CA HIS A 240 -4.07 40.34 -59.93
C HIS A 240 -4.38 40.50 -61.40
N GLN A 241 -5.64 40.22 -61.74
CA GLN A 241 -6.09 40.34 -63.13
C GLN A 241 -6.01 41.79 -63.62
N GLY A 242 -6.42 42.74 -62.80
CA GLY A 242 -6.37 44.14 -63.18
C GLY A 242 -7.15 45.04 -62.24
N TRP A 243 -6.80 46.32 -62.23
CA TRP A 243 -7.49 47.29 -61.37
C TRP A 243 -8.94 47.46 -61.82
N GLY A 244 -9.86 47.40 -60.87
CA GLY A 244 -11.26 47.61 -61.17
C GLY A 244 -11.96 46.48 -61.88
N LYS A 245 -11.30 45.34 -62.04
CA LYS A 245 -11.88 44.18 -62.71
C LYS A 245 -12.35 43.17 -61.66
N HIS A 246 -13.62 42.79 -61.73
CA HIS A 246 -14.19 41.89 -60.74
C HIS A 246 -15.44 41.23 -61.32
N ASN A 247 -15.69 40.00 -60.87
CA ASN A 247 -16.88 39.25 -61.29
C ASN A 247 -17.52 38.55 -60.09
N CYS A 248 -17.42 39.14 -58.90
CA CYS A 248 -17.88 38.47 -57.69
C CYS A 248 -19.40 38.44 -57.61
N ASP A 249 -20.08 39.47 -58.12
CA ASP A 249 -21.53 39.58 -58.04
C ASP A 249 -22.02 39.53 -56.60
N HIS A 250 -21.34 40.27 -55.74
CA HIS A 250 -21.70 40.40 -54.33
C HIS A 250 -21.75 41.88 -53.97
N ALA A 251 -22.25 42.16 -52.77
CA ALA A 251 -22.44 43.53 -52.30
C ALA A 251 -21.71 43.81 -50.99
N GLU A 252 -21.82 42.90 -50.03
CA GLU A 252 -21.07 43.03 -48.78
C GLU A 252 -19.66 42.49 -49.02
N ASP A 253 -18.66 43.25 -48.61
CA ASP A 253 -17.28 42.86 -48.91
C ASP A 253 -16.57 42.31 -47.67
N ALA A 254 -15.24 42.17 -47.79
CA ALA A 254 -14.43 41.50 -46.77
C ALA A 254 -14.05 42.40 -45.61
N GLY A 255 -14.00 41.81 -44.42
CA GLY A 255 -13.57 42.51 -43.23
C GLY A 255 -12.57 41.67 -42.47
N VAL A 256 -11.72 42.35 -41.69
CA VAL A 256 -10.64 41.69 -40.99
C VAL A 256 -10.62 42.11 -39.53
N ILE A 257 -10.18 41.20 -38.66
CA ILE A 257 -10.02 41.41 -37.23
C ILE A 257 -8.57 41.09 -36.89
N CYS A 258 -7.81 42.12 -36.55
CA CYS A 258 -6.44 41.90 -36.11
C CYS A 258 -6.40 41.75 -34.59
N SER A 259 -5.27 41.28 -34.07
CA SER A 259 -5.14 41.05 -32.64
C SER A 259 -5.26 42.35 -31.85
N LYS A 260 -4.64 43.42 -32.34
CA LYS A 260 -4.58 44.67 -31.59
C LYS A 260 -5.95 45.31 -31.40
N GLY A 261 -6.96 44.86 -32.14
CA GLY A 261 -8.29 45.43 -32.01
C GLY A 261 -9.28 44.48 -31.38
N ALA A 262 -9.02 43.18 -31.48
CA ALA A 262 -9.90 42.19 -30.88
C ALA A 262 -9.96 42.40 -29.38
N ASP A 263 -11.17 42.32 -28.82
CA ASP A 263 -11.39 42.56 -27.41
C ASP A 263 -11.01 41.33 -26.58
N LEU A 264 -9.76 40.92 -26.74
CA LEU A 264 -9.24 39.78 -26.00
C LEU A 264 -8.98 40.17 -24.55
N SER A 265 -9.23 39.23 -23.65
CA SER A 265 -8.95 39.42 -22.23
C SER A 265 -8.74 38.06 -21.60
N LEU A 266 -8.10 38.07 -20.43
CA LEU A 266 -7.73 36.85 -19.74
C LEU A 266 -8.13 36.96 -18.27
N ARG A 267 -8.59 35.86 -17.69
CA ARG A 267 -9.01 35.86 -16.30
C ARG A 267 -8.79 34.49 -15.69
N LEU A 268 -8.80 34.43 -14.37
CA LEU A 268 -8.68 33.19 -13.62
C LEU A 268 -9.95 32.95 -12.83
N VAL A 269 -10.40 31.70 -12.81
CA VAL A 269 -11.63 31.33 -12.13
C VAL A 269 -11.43 30.03 -11.36
N ASP A 270 -12.34 29.79 -10.41
CA ASP A 270 -12.38 28.56 -9.61
C ASP A 270 -11.06 28.32 -8.89
N GLY A 271 -10.64 29.32 -8.12
CA GLY A 271 -9.36 29.24 -7.45
C GLY A 271 -9.40 29.44 -5.95
N VAL A 272 -8.33 29.03 -5.28
CA VAL A 272 -8.24 29.19 -3.82
C VAL A 272 -7.80 30.59 -3.41
N THR A 273 -7.44 31.44 -4.37
CA THR A 273 -7.00 32.80 -4.09
C THR A 273 -7.45 33.68 -5.24
N GLU A 274 -7.19 34.98 -5.13
CA GLU A 274 -7.60 35.92 -6.17
C GLU A 274 -6.98 35.58 -7.52
N CYS A 275 -5.74 35.11 -7.53
CA CYS A 275 -5.08 34.68 -8.77
C CYS A 275 -4.56 33.25 -8.56
N SER A 276 -5.40 32.29 -8.90
CA SER A 276 -5.09 30.87 -8.91
C SER A 276 -6.24 30.13 -9.58
N GLY A 277 -5.91 29.04 -10.26
CA GLY A 277 -6.95 28.21 -10.85
C GLY A 277 -7.00 28.25 -12.37
N ARG A 278 -8.19 28.01 -12.92
CA ARG A 278 -8.35 27.79 -14.34
C ARG A 278 -8.31 29.09 -15.12
N LEU A 279 -7.69 29.05 -16.30
CA LEU A 279 -7.57 30.21 -17.16
C LEU A 279 -8.73 30.27 -18.13
N GLU A 280 -9.20 31.48 -18.41
CA GLU A 280 -10.27 31.71 -19.38
C GLU A 280 -9.93 32.92 -20.23
N VAL A 281 -10.09 32.77 -21.54
CA VAL A 281 -9.77 33.81 -22.51
C VAL A 281 -11.02 34.13 -23.30
N ARG A 282 -11.27 35.44 -23.50
CA ARG A 282 -12.44 35.88 -24.23
C ARG A 282 -12.12 35.95 -25.72
N PHE A 283 -12.91 35.25 -26.53
CA PHE A 283 -12.79 35.29 -27.98
C PHE A 283 -14.18 35.39 -28.57
N GLN A 284 -14.38 36.39 -29.43
CA GLN A 284 -15.67 36.63 -30.07
C GLN A 284 -16.80 36.77 -29.04
N GLY A 285 -16.46 37.29 -27.87
CA GLY A 285 -17.43 37.48 -26.82
C GLY A 285 -17.74 36.27 -25.98
N GLU A 286 -17.10 35.14 -26.24
CA GLU A 286 -17.32 33.91 -25.48
C GLU A 286 -16.05 33.54 -24.72
N TRP A 287 -16.22 33.15 -23.47
CA TRP A 287 -15.08 32.70 -22.66
C TRP A 287 -14.78 31.25 -22.95
N GLY A 288 -13.50 30.96 -23.25
CA GLY A 288 -13.08 29.60 -23.53
C GLY A 288 -11.80 29.29 -22.79
N THR A 289 -11.46 28.01 -22.81
CA THR A 289 -10.31 27.50 -22.08
C THR A 289 -9.10 27.37 -23.00
N ILE A 290 -7.99 26.93 -22.42
CA ILE A 290 -6.75 26.66 -23.13
C ILE A 290 -6.35 25.22 -22.87
N CYS A 291 -6.05 24.47 -23.92
CA CYS A 291 -5.58 23.10 -23.76
C CYS A 291 -4.11 23.12 -23.34
N ASP A 292 -3.76 22.24 -22.42
CA ASP A 292 -2.43 22.23 -21.82
C ASP A 292 -1.42 21.41 -22.61
N ASP A 293 -1.63 21.24 -23.91
CA ASP A 293 -0.61 20.65 -24.77
C ASP A 293 0.59 21.58 -24.82
N GLY A 294 1.70 21.17 -24.23
CA GLY A 294 2.87 22.03 -24.19
C GLY A 294 2.68 23.30 -23.39
N TRP A 295 1.88 23.25 -22.34
CA TRP A 295 1.66 24.39 -21.46
C TRP A 295 2.67 24.29 -20.31
N ASP A 296 3.69 25.15 -20.32
CA ASP A 296 4.78 25.02 -19.37
C ASP A 296 5.01 26.30 -18.56
N SER A 297 6.11 26.35 -17.83
CA SER A 297 6.35 27.43 -16.88
C SER A 297 6.47 28.79 -17.56
N TYR A 298 7.07 28.83 -18.75
CA TYR A 298 7.24 30.12 -19.43
C TYR A 298 5.89 30.74 -19.78
N ASP A 299 4.95 29.91 -20.23
CA ASP A 299 3.62 30.40 -20.53
C ASP A 299 2.91 30.85 -19.26
N ALA A 300 3.10 30.12 -18.16
CA ALA A 300 2.47 30.50 -16.92
C ALA A 300 3.03 31.82 -16.41
N ALA A 301 4.33 32.05 -16.61
CA ALA A 301 4.95 33.31 -16.23
C ALA A 301 4.36 34.46 -17.02
N VAL A 302 4.20 34.26 -18.34
CA VAL A 302 3.59 35.30 -19.16
C VAL A 302 2.16 35.57 -18.70
N ALA A 303 1.41 34.51 -18.41
CA ALA A 303 0.02 34.68 -17.96
C ALA A 303 -0.03 35.46 -16.65
N CYS A 304 0.81 35.10 -15.69
CA CYS A 304 0.79 35.79 -14.40
C CYS A 304 1.19 37.25 -14.56
N LYS A 305 2.19 37.53 -15.39
CA LYS A 305 2.61 38.91 -15.59
C LYS A 305 1.49 39.72 -16.22
N GLN A 306 0.78 39.13 -17.19
CA GLN A 306 -0.35 39.83 -17.80
C GLN A 306 -1.46 40.07 -16.78
N LEU A 307 -1.73 39.09 -15.92
CA LEU A 307 -2.83 39.21 -14.98
C LEU A 307 -2.60 40.35 -13.99
N GLY A 308 -1.38 40.50 -13.49
CA GLY A 308 -1.08 41.56 -12.55
C GLY A 308 -0.88 41.09 -11.12
N CYS A 309 -0.42 39.86 -10.94
CA CYS A 309 -0.19 39.28 -9.63
C CYS A 309 1.16 38.59 -9.67
N PRO A 310 1.77 38.34 -8.51
CA PRO A 310 3.24 38.23 -8.48
C PRO A 310 3.78 37.04 -9.26
N THR A 311 4.98 37.22 -9.80
CA THR A 311 5.61 36.26 -10.69
C THR A 311 6.85 35.61 -10.07
N ALA A 312 6.99 35.68 -8.75
CA ALA A 312 8.14 35.06 -8.10
C ALA A 312 8.12 33.55 -8.28
N VAL A 313 6.99 32.91 -7.96
CA VAL A 313 6.81 31.48 -8.17
C VAL A 313 5.54 31.29 -8.98
N THR A 314 5.68 30.79 -10.20
CA THR A 314 4.55 30.53 -11.08
C THR A 314 4.53 29.05 -11.42
N ALA A 315 3.40 28.39 -11.17
CA ALA A 315 3.26 26.97 -11.43
C ALA A 315 2.06 26.72 -12.34
N ILE A 316 2.12 25.59 -13.04
CA ILE A 316 1.06 25.20 -13.94
C ILE A 316 0.12 24.26 -13.22
N GLY A 317 -1.10 24.15 -13.73
CA GLY A 317 -2.09 23.27 -13.14
C GLY A 317 -3.28 24.02 -12.56
N ARG A 318 -4.46 23.41 -12.65
CA ARG A 318 -5.68 24.00 -12.11
C ARG A 318 -5.98 23.33 -10.78
N VAL A 319 -5.58 24.00 -9.69
CA VAL A 319 -5.83 23.49 -8.35
C VAL A 319 -7.25 23.85 -7.96
N ASN A 320 -7.99 22.87 -7.41
CA ASN A 320 -9.32 23.10 -6.86
C ASN A 320 -10.32 23.56 -7.93
N ALA A 321 -9.96 23.42 -9.20
CA ALA A 321 -10.82 23.84 -10.30
C ALA A 321 -11.25 22.63 -11.13
N SER A 322 -12.46 22.71 -11.66
CA SER A 322 -13.01 21.66 -12.51
C SER A 322 -13.00 22.11 -13.96
N LYS A 323 -12.91 21.14 -14.87
CA LYS A 323 -12.83 21.44 -16.29
C LYS A 323 -14.06 22.22 -16.73
N GLY A 324 -13.82 23.31 -17.45
CA GLY A 324 -14.91 24.17 -17.87
C GLY A 324 -15.65 23.62 -19.07
N PHE A 325 -16.93 23.99 -19.15
CA PHE A 325 -17.77 23.65 -20.29
C PHE A 325 -17.81 24.84 -21.24
N GLY A 326 -17.42 24.61 -22.48
CA GLY A 326 -17.35 25.67 -23.44
C GLY A 326 -16.28 25.37 -24.46
N HIS A 327 -15.93 26.40 -25.23
CA HIS A 327 -14.93 26.25 -26.29
C HIS A 327 -13.53 26.17 -25.71
N ILE A 328 -12.60 25.69 -26.53
CA ILE A 328 -11.18 25.64 -26.20
C ILE A 328 -10.47 26.47 -27.25
N TRP A 329 -10.22 27.75 -26.93
CA TRP A 329 -9.85 28.70 -27.98
C TRP A 329 -8.39 28.53 -28.41
N LEU A 330 -7.48 28.29 -27.48
CA LEU A 330 -6.06 28.23 -27.80
C LEU A 330 -5.51 26.85 -27.47
N ASP A 331 -4.41 26.51 -28.14
CA ASP A 331 -3.78 25.21 -27.96
C ASP A 331 -2.33 25.31 -28.41
N SER A 332 -1.45 24.61 -27.69
CA SER A 332 -0.02 24.53 -28.01
C SER A 332 0.61 25.92 -28.06
N VAL A 333 0.54 26.62 -26.94
CA VAL A 333 1.19 27.91 -26.81
C VAL A 333 2.68 27.70 -26.55
N SER A 334 3.51 28.55 -27.15
CA SER A 334 4.96 28.41 -27.09
C SER A 334 5.61 29.74 -26.75
N CYS A 335 5.13 30.39 -25.69
CA CYS A 335 5.71 31.66 -25.27
C CYS A 335 7.15 31.46 -24.82
N GLN A 336 7.95 32.51 -24.93
CA GLN A 336 9.38 32.44 -24.66
C GLN A 336 9.77 33.10 -23.35
N GLY A 337 8.83 33.70 -22.63
CA GLY A 337 9.10 34.23 -21.30
C GLY A 337 9.20 35.74 -21.21
N HIS A 338 8.97 36.47 -22.29
CA HIS A 338 9.02 37.93 -22.25
C HIS A 338 7.83 38.60 -22.94
N GLU A 339 6.98 37.85 -23.62
CA GLU A 339 5.90 38.45 -24.38
C GLU A 339 4.92 39.15 -23.44
N PRO A 340 4.43 40.34 -23.80
CA PRO A 340 3.52 41.07 -22.91
C PRO A 340 2.14 40.44 -22.79
N ALA A 341 1.83 39.42 -23.58
CA ALA A 341 0.51 38.80 -23.55
C ALA A 341 0.63 37.36 -23.98
N ILE A 342 -0.34 36.54 -23.55
CA ILE A 342 -0.32 35.12 -23.85
C ILE A 342 -0.57 34.88 -25.34
N TRP A 343 -1.43 35.69 -25.96
CA TRP A 343 -1.78 35.52 -27.36
C TRP A 343 -0.78 36.14 -28.32
N GLN A 344 0.13 36.98 -27.84
CA GLN A 344 1.15 37.56 -28.70
C GLN A 344 2.25 36.57 -29.06
N CYS A 345 2.30 35.42 -28.40
CA CYS A 345 3.30 34.40 -28.72
C CYS A 345 2.85 33.61 -29.94
N LYS A 346 3.57 32.54 -30.25
CA LYS A 346 3.18 31.62 -31.30
C LYS A 346 2.21 30.59 -30.75
N HIS A 347 1.05 30.48 -31.37
CA HIS A 347 0.04 29.53 -30.92
C HIS A 347 -0.74 29.03 -32.12
N HIS A 348 -1.38 27.88 -31.94
CA HIS A 348 -2.23 27.33 -32.99
C HIS A 348 -3.39 28.27 -33.26
N GLU A 349 -3.85 28.28 -34.51
CA GLU A 349 -4.84 29.26 -34.94
C GLU A 349 -6.11 29.12 -34.12
N TRP A 350 -6.73 30.27 -33.82
CA TRP A 350 -7.95 30.30 -33.02
C TRP A 350 -9.01 29.39 -33.62
N GLY A 351 -9.41 28.39 -32.85
CA GLY A 351 -10.41 27.45 -33.32
C GLY A 351 -10.94 26.61 -32.19
N LYS A 352 -12.11 26.04 -32.41
CA LYS A 352 -12.75 25.17 -31.42
C LYS A 352 -12.04 23.83 -31.51
N HIS A 353 -11.00 23.66 -30.69
CA HIS A 353 -10.18 22.47 -30.77
C HIS A 353 -10.92 21.27 -30.17
N TYR A 354 -10.54 20.08 -30.64
CA TYR A 354 -11.08 18.83 -30.15
C TYR A 354 -10.10 18.11 -29.24
N CYS A 355 -9.22 18.86 -28.59
CA CYS A 355 -8.17 18.24 -27.77
C CYS A 355 -8.81 17.36 -26.70
N ASN A 356 -8.41 16.10 -26.68
CA ASN A 356 -9.10 15.05 -25.94
C ASN A 356 -8.22 14.38 -24.90
N HIS A 357 -6.99 14.02 -25.27
CA HIS A 357 -6.09 13.36 -24.33
C HIS A 357 -5.65 14.28 -23.21
N ASN A 358 -5.91 15.58 -23.32
CA ASN A 358 -5.46 16.58 -22.37
C ASN A 358 -6.66 17.30 -21.79
N GLU A 359 -6.40 18.16 -20.80
CA GLU A 359 -7.46 18.88 -20.10
C GLU A 359 -7.20 20.39 -20.13
N ASP A 360 -8.03 21.15 -19.44
CA ASP A 360 -7.91 22.59 -19.46
C ASP A 360 -6.66 23.04 -18.71
N ALA A 361 -6.21 24.26 -19.03
CA ALA A 361 -4.99 24.82 -18.46
C ALA A 361 -5.32 25.88 -17.43
N GLY A 362 -4.45 26.00 -16.44
CA GLY A 362 -4.61 26.97 -15.37
C GLY A 362 -3.27 27.21 -14.72
N VAL A 363 -3.22 28.28 -13.93
CA VAL A 363 -1.96 28.72 -13.35
C VAL A 363 -2.15 29.02 -11.86
N THR A 364 -1.04 28.96 -11.13
CA THR A 364 -0.98 29.36 -9.72
C THR A 364 0.22 30.27 -9.55
N CYS A 365 -0.04 31.55 -9.32
CA CYS A 365 1.01 32.55 -9.16
C CYS A 365 1.11 32.97 -7.70
N SER A 366 2.34 33.10 -7.20
CA SER A 366 2.56 33.45 -5.81
C SER A 366 3.91 34.14 -5.67
N ASP A 367 4.11 34.79 -4.53
CA ASP A 367 5.33 35.51 -4.25
C ASP A 367 6.36 34.71 -3.46
N GLY A 368 6.08 33.44 -3.16
CA GLY A 368 7.01 32.58 -2.47
C GLY A 368 6.89 32.57 -0.96
N SER A 369 6.05 33.42 -0.37
CA SER A 369 5.87 33.47 1.07
C SER A 369 4.65 32.71 1.56
N ASP A 370 4.01 31.94 0.68
CA ASP A 370 2.83 31.17 1.06
C ASP A 370 2.92 29.72 0.58
N LEU A 371 4.14 29.19 0.50
CA LEU A 371 4.38 27.80 0.14
C LEU A 371 5.16 27.13 1.25
N GLU A 372 4.66 26.00 1.74
CA GLU A 372 5.31 25.27 2.81
C GLU A 372 5.32 23.78 2.48
N LEU A 373 6.31 23.08 3.00
CA LEU A 373 6.50 21.66 2.75
C LEU A 373 6.76 20.95 4.07
N ARG A 374 6.12 19.80 4.27
CA ARG A 374 6.26 19.06 5.52
C ARG A 374 6.20 17.56 5.23
N LEU A 375 6.55 16.78 6.23
CA LEU A 375 6.44 15.33 6.19
C LEU A 375 5.55 14.88 7.34
N ARG A 376 4.61 13.98 7.05
CA ARG A 376 3.68 13.51 8.05
C ARG A 376 3.57 12.00 8.01
N GLY A 377 3.28 11.41 9.16
CA GLY A 377 3.12 9.98 9.28
C GLY A 377 4.36 9.23 9.72
N GLY A 378 5.51 9.89 9.81
CA GLY A 378 6.74 9.25 10.21
C GLY A 378 7.05 9.45 11.68
N GLY A 379 8.20 8.93 12.08
CA GLY A 379 8.63 9.03 13.47
C GLY A 379 9.19 10.37 13.87
N SER A 380 9.46 11.25 12.93
CA SER A 380 9.99 12.57 13.22
C SER A 380 9.65 13.49 12.07
N ARG A 381 10.18 14.71 12.11
CA ARG A 381 9.93 15.67 11.04
C ARG A 381 10.69 15.33 9.77
N CYS A 382 11.60 14.37 9.81
CA CYS A 382 12.43 14.01 8.67
C CYS A 382 12.10 12.62 8.14
N ALA A 383 10.82 12.25 8.17
CA ALA A 383 10.37 10.97 7.66
C ALA A 383 8.86 11.00 7.51
N GLY A 384 8.35 10.35 6.47
CA GLY A 384 6.94 10.17 6.26
C GLY A 384 6.54 10.48 4.84
N THR A 385 5.22 10.57 4.62
CA THR A 385 4.68 11.00 3.35
C THR A 385 4.80 12.52 3.23
N VAL A 386 5.16 12.98 2.04
CA VAL A 386 5.40 14.40 1.82
C VAL A 386 4.08 15.11 1.57
N GLU A 387 3.85 16.17 2.32
CA GLU A 387 2.66 17.00 2.17
C GLU A 387 3.08 18.43 1.87
N VAL A 388 2.28 19.10 1.06
CA VAL A 388 2.54 20.47 0.64
C VAL A 388 1.38 21.33 1.07
N GLU A 389 1.66 22.60 1.33
CA GLU A 389 0.66 23.60 1.69
C GLU A 389 0.93 24.80 0.79
N ILE A 390 0.15 24.94 -0.27
CA ILE A 390 0.31 26.03 -1.22
C ILE A 390 -0.88 26.96 -1.06
N GLN A 391 -0.61 28.25 -0.93
CA GLN A 391 -1.61 29.21 -0.49
C GLN A 391 -2.13 28.74 0.87
N ARG A 392 -3.39 28.32 0.94
CA ARG A 392 -3.93 27.75 2.17
C ARG A 392 -4.43 26.32 1.97
N LEU A 393 -4.05 25.66 0.88
CA LEU A 393 -4.57 24.34 0.55
C LEU A 393 -3.49 23.29 0.71
N LEU A 394 -3.87 22.14 1.29
CA LEU A 394 -2.99 21.02 1.54
C LEU A 394 -3.07 20.01 0.40
N GLY A 395 -1.98 19.25 0.25
CA GLY A 395 -1.95 18.24 -0.80
C GLY A 395 -0.79 17.29 -0.59
N LYS A 396 -0.74 16.27 -1.44
CA LYS A 396 0.34 15.29 -1.46
C LYS A 396 1.12 15.41 -2.77
N VAL A 397 2.17 14.60 -2.89
CA VAL A 397 3.00 14.58 -4.09
C VAL A 397 2.90 13.20 -4.71
N CYS A 398 2.51 13.13 -5.97
CA CYS A 398 2.42 11.88 -6.70
C CYS A 398 3.82 11.44 -7.13
N ASP A 399 4.03 10.12 -7.14
CA ASP A 399 5.36 9.57 -7.42
C ASP A 399 5.60 9.29 -8.89
N ARG A 400 5.20 10.18 -9.80
CA ARG A 400 5.51 10.00 -11.22
C ARG A 400 6.99 9.70 -11.42
N GLY A 401 7.84 10.67 -11.12
CA GLY A 401 9.27 10.49 -11.22
C GLY A 401 9.94 10.68 -9.87
N TRP A 402 9.41 10.03 -8.84
CA TRP A 402 9.89 10.22 -7.47
C TRP A 402 11.11 9.33 -7.21
N GLY A 403 12.26 9.80 -7.68
CA GLY A 403 13.51 9.11 -7.45
C GLY A 403 14.24 9.70 -6.24
N LEU A 404 15.38 9.08 -5.93
CA LEU A 404 16.20 9.58 -4.83
C LEU A 404 16.75 10.97 -5.14
N LYS A 405 17.04 11.24 -6.41
CA LYS A 405 17.44 12.57 -6.81
C LYS A 405 16.34 13.60 -6.54
N GLU A 406 15.08 13.19 -6.62
CA GLU A 406 13.98 14.08 -6.28
C GLU A 406 13.87 14.28 -4.78
N ALA A 407 14.00 13.21 -4.00
CA ALA A 407 13.84 13.29 -2.56
C ALA A 407 14.99 14.03 -1.90
N ASP A 408 16.16 14.06 -2.56
CA ASP A 408 17.30 14.78 -2.01
C ASP A 408 16.97 16.26 -1.91
N VAL A 409 16.23 16.79 -2.91
CA VAL A 409 15.84 18.19 -2.88
C VAL A 409 14.93 18.48 -1.70
N VAL A 410 13.98 17.58 -1.43
CA VAL A 410 13.07 17.78 -0.30
C VAL A 410 13.84 17.72 1.01
N CYS A 411 14.73 16.75 1.17
CA CYS A 411 15.51 16.66 2.40
C CYS A 411 16.38 17.90 2.59
N ARG A 412 16.96 18.41 1.51
CA ARG A 412 17.76 19.62 1.60
C ARG A 412 16.91 20.82 1.98
N GLN A 413 15.70 20.92 1.43
CA GLN A 413 14.81 22.02 1.76
C GLN A 413 14.43 21.99 3.23
N LEU A 414 14.10 20.81 3.76
CA LEU A 414 13.72 20.71 5.16
C LEU A 414 14.93 20.87 6.08
N GLY A 415 16.11 20.48 5.64
CA GLY A 415 17.30 20.54 6.45
C GLY A 415 17.72 19.23 7.09
N CYS A 416 17.21 18.10 6.63
CA CYS A 416 17.48 16.80 7.23
C CYS A 416 18.56 16.02 6.50
N GLY A 417 19.48 16.72 5.84
CA GLY A 417 20.68 16.11 5.29
C GLY A 417 20.57 15.48 3.92
N SER A 418 20.02 14.27 3.82
CA SER A 418 20.04 13.55 2.56
C SER A 418 18.93 12.50 2.56
N ALA A 419 18.59 12.04 1.35
CA ALA A 419 17.53 11.06 1.15
C ALA A 419 18.12 9.66 1.02
N LEU A 420 17.51 8.71 1.70
CA LEU A 420 17.99 7.33 1.71
C LEU A 420 16.99 6.33 1.15
N LYS A 421 15.71 6.48 1.44
CA LYS A 421 14.72 5.47 1.11
C LYS A 421 13.42 6.16 0.74
N THR A 422 12.62 5.50 -0.09
CA THR A 422 11.33 6.02 -0.52
C THR A 422 10.18 5.33 0.24
N SER A 423 10.40 5.00 1.50
CA SER A 423 9.37 4.43 2.34
C SER A 423 9.64 4.84 3.78
N TYR A 424 8.59 4.83 4.60
CA TYR A 424 8.72 5.18 6.00
C TYR A 424 7.94 4.21 6.87
N GLN A 425 8.57 3.71 7.92
CA GLN A 425 7.82 2.95 8.92
C GLN A 425 6.72 3.87 9.44
N VAL A 426 5.51 3.33 9.58
CA VAL A 426 4.32 4.14 9.89
C VAL A 426 4.00 4.20 11.38
N TYR A 427 4.06 5.42 11.94
CA TYR A 427 3.76 5.65 13.34
C TYR A 427 2.37 6.26 13.55
N SER A 428 1.70 6.69 12.48
CA SER A 428 0.42 7.36 12.63
C SER A 428 -0.32 7.32 11.31
N LYS A 429 -1.64 7.52 11.39
CA LYS A 429 -2.49 7.57 10.21
C LYS A 429 -2.62 9.02 9.75
N ILE A 430 -2.53 9.22 8.43
CA ILE A 430 -2.63 10.54 7.85
C ILE A 430 -3.92 10.64 7.04
N GLN A 431 -4.50 11.84 7.02
CA GLN A 431 -5.78 12.05 6.35
C GLN A 431 -5.61 12.04 4.85
N ALA A 432 -6.74 11.91 4.16
CA ALA A 432 -6.80 11.94 2.70
C ALA A 432 -6.95 13.37 2.21
N THR A 433 -6.57 13.57 0.95
CA THR A 433 -6.62 14.90 0.35
C THR A 433 -6.84 14.74 -1.15
N ASN A 434 -7.61 15.66 -1.72
CA ASN A 434 -8.07 15.52 -3.10
C ASN A 434 -7.00 15.96 -4.10
N THR A 435 -6.37 17.10 -3.87
CA THR A 435 -5.43 17.67 -4.83
C THR A 435 -4.03 17.12 -4.61
N TRP A 436 -3.27 17.04 -5.70
CA TRP A 436 -1.92 16.50 -5.69
C TRP A 436 -0.96 17.45 -6.39
N LEU A 437 0.33 17.17 -6.25
CA LEU A 437 1.40 17.92 -6.89
C LEU A 437 2.22 16.95 -7.73
N PHE A 438 2.61 17.38 -8.93
CA PHE A 438 3.33 16.54 -9.87
C PHE A 438 4.67 17.18 -10.22
N LEU A 439 5.67 16.33 -10.41
CA LEU A 439 7.03 16.77 -10.72
C LEU A 439 7.51 16.13 -12.02
N SER A 440 8.57 16.71 -12.58
CA SER A 440 9.16 16.15 -13.80
C SER A 440 10.66 16.44 -13.81
N SER A 441 11.44 15.51 -13.27
CA SER A 441 12.89 15.42 -13.50
C SER A 441 13.61 16.72 -13.10
N CYS A 442 13.59 16.99 -11.79
CA CYS A 442 14.40 18.07 -11.27
C CYS A 442 15.88 17.72 -11.43
N ASN A 443 16.72 18.77 -11.49
CA ASN A 443 18.14 18.57 -11.74
C ASN A 443 18.80 17.76 -10.62
N GLY A 444 18.54 18.14 -9.37
CA GLY A 444 19.13 17.45 -8.23
C GLY A 444 19.88 18.37 -7.30
N ASN A 445 20.39 19.48 -7.82
CA ASN A 445 21.13 20.45 -7.03
C ASN A 445 20.28 21.64 -6.59
N GLU A 446 18.97 21.58 -6.81
CA GLU A 446 18.11 22.69 -6.46
C GLU A 446 18.02 22.85 -4.95
N THR A 447 17.96 24.10 -4.49
CA THR A 447 17.88 24.37 -3.06
C THR A 447 16.49 24.11 -2.50
N SER A 448 15.46 24.15 -3.33
CA SER A 448 14.10 23.95 -2.86
C SER A 448 13.27 23.34 -3.98
N LEU A 449 12.16 22.70 -3.59
CA LEU A 449 11.28 22.09 -4.58
C LEU A 449 10.50 23.11 -5.38
N TRP A 450 10.46 24.37 -4.95
CA TRP A 450 9.80 25.42 -5.72
C TRP A 450 10.63 25.90 -6.90
N ASP A 451 11.89 25.49 -7.00
CA ASP A 451 12.76 25.87 -8.10
C ASP A 451 12.89 24.76 -9.14
N CYS A 452 12.10 23.70 -9.05
CA CYS A 452 12.13 22.64 -10.03
C CYS A 452 11.56 23.11 -11.36
N LYS A 453 11.56 22.21 -12.33
CA LYS A 453 11.12 22.50 -13.69
C LYS A 453 9.65 22.10 -13.85
N ASN A 454 8.82 23.08 -14.19
CA ASN A 454 7.43 22.88 -14.65
C ASN A 454 6.63 21.89 -13.82
N TRP A 455 6.79 21.96 -12.50
CA TRP A 455 5.97 21.17 -11.61
C TRP A 455 4.51 21.61 -11.70
N GLN A 456 3.60 20.65 -11.58
CA GLN A 456 2.18 20.88 -11.76
C GLN A 456 1.45 20.74 -10.43
N TRP A 457 0.69 21.77 -10.05
CA TRP A 457 -0.09 21.78 -8.83
C TRP A 457 -1.56 21.65 -9.20
N GLY A 458 -2.15 20.49 -8.92
CA GLY A 458 -3.53 20.26 -9.29
C GLY A 458 -3.68 19.85 -10.74
N GLY A 459 -4.94 19.79 -11.18
CA GLY A 459 -5.27 19.45 -12.54
C GLY A 459 -5.41 17.97 -12.83
N LEU A 460 -4.85 17.09 -12.02
CA LEU A 460 -4.92 15.66 -12.28
C LEU A 460 -5.15 14.91 -10.99
N THR A 461 -5.67 13.69 -11.11
CA THR A 461 -5.85 12.79 -9.99
C THR A 461 -4.85 11.65 -10.13
N CYS A 462 -3.94 11.54 -9.16
CA CYS A 462 -2.84 10.58 -9.22
C CYS A 462 -3.40 9.19 -8.89
N ASP A 463 -3.90 8.51 -9.93
CA ASP A 463 -4.32 7.13 -9.82
C ASP A 463 -3.39 6.25 -10.66
N HIS A 464 -3.32 4.98 -10.27
CA HIS A 464 -2.32 4.00 -10.69
C HIS A 464 -0.94 4.33 -10.12
N TYR A 465 -0.81 5.44 -9.40
CA TYR A 465 0.42 5.84 -8.74
C TYR A 465 0.08 6.21 -7.29
N GLU A 466 1.07 6.11 -6.42
CA GLU A 466 0.87 6.29 -4.99
C GLU A 466 1.55 7.57 -4.50
N GLU A 467 1.29 7.90 -3.24
CA GLU A 467 1.86 9.10 -2.65
C GLU A 467 3.38 8.95 -2.50
N ALA A 468 4.07 10.08 -2.55
CA ALA A 468 5.51 10.09 -2.34
C ALA A 468 5.82 10.11 -0.86
N LYS A 469 6.86 9.37 -0.46
CA LYS A 469 7.23 9.22 0.94
C LYS A 469 8.72 9.01 1.04
N ILE A 470 9.36 9.64 2.02
CA ILE A 470 10.81 9.62 2.17
C ILE A 470 11.19 9.44 3.64
N THR A 471 12.47 9.14 3.86
CA THR A 471 13.09 9.16 5.19
C THR A 471 14.49 9.73 5.03
N CYS A 472 14.72 10.93 5.53
CA CYS A 472 16.02 11.57 5.45
C CYS A 472 16.96 11.04 6.52
N SER A 473 18.24 11.45 6.44
CA SER A 473 19.27 10.92 7.33
C SER A 473 19.06 11.38 8.77
N ALA A 474 18.60 12.61 8.96
CA ALA A 474 18.39 13.15 10.30
C ALA A 474 17.26 12.50 11.04
N HIS A 475 16.63 11.46 10.49
CA HIS A 475 15.54 10.80 11.18
C HIS A 475 16.00 10.23 12.52
N ARG A 476 17.13 9.54 12.52
CA ARG A 476 17.74 8.98 13.74
C ARG A 476 19.25 9.12 13.57
N GLU A 477 19.80 10.22 14.06
CA GLU A 477 21.20 10.54 13.78
C GLU A 477 22.05 10.18 15.00
N PRO A 478 22.96 9.22 14.88
CA PRO A 478 23.74 8.80 16.05
C PRO A 478 24.96 9.69 16.28
N ARG A 479 25.51 9.57 17.48
CA ARG A 479 26.66 10.35 17.91
C ARG A 479 27.29 9.64 19.10
N LEU A 480 28.62 9.76 19.21
CA LEU A 480 29.37 9.18 20.32
C LEU A 480 29.95 10.31 21.16
N VAL A 481 29.64 10.30 22.45
CA VAL A 481 30.06 11.38 23.35
C VAL A 481 30.71 10.78 24.60
N GLY A 482 31.53 11.59 25.25
CA GLY A 482 32.10 11.20 26.53
C GLY A 482 33.23 10.19 26.46
N GLY A 483 33.85 10.00 25.30
CA GLY A 483 34.88 9.00 25.14
C GLY A 483 36.28 9.58 25.30
N ASP A 484 37.18 8.78 25.88
CA ASP A 484 38.56 9.17 26.01
C ASP A 484 39.36 8.95 24.73
N ILE A 485 38.83 8.16 23.81
CA ILE A 485 39.49 7.91 22.52
C ILE A 485 38.45 8.06 21.42
N PRO A 486 38.85 8.39 20.19
CA PRO A 486 37.86 8.53 19.11
C PRO A 486 37.19 7.21 18.79
N CYS A 487 35.97 7.30 18.27
CA CYS A 487 35.14 6.14 17.95
C CYS A 487 34.93 5.25 19.17
N SER A 488 34.67 5.88 20.31
CA SER A 488 34.30 5.18 21.52
C SER A 488 33.53 6.15 22.41
N GLY A 489 32.45 5.67 23.00
CA GLY A 489 31.75 6.47 23.98
C GLY A 489 30.28 6.10 24.06
N ARG A 490 29.56 6.91 24.83
CA ARG A 490 28.13 6.75 25.01
C ARG A 490 27.39 7.15 23.75
N VAL A 491 26.37 6.37 23.41
CA VAL A 491 25.57 6.59 22.21
C VAL A 491 24.45 7.57 22.50
N GLU A 492 24.37 8.61 21.69
CA GLU A 492 23.24 9.53 21.69
C GLU A 492 22.61 9.52 20.31
N VAL A 493 21.29 9.68 20.26
CA VAL A 493 20.55 9.69 19.01
C VAL A 493 19.69 10.94 18.94
N LYS A 494 19.78 11.64 17.82
CA LYS A 494 18.90 12.76 17.51
C LYS A 494 17.66 12.25 16.79
N HIS A 495 16.50 12.48 17.39
CA HIS A 495 15.21 12.08 16.83
C HIS A 495 14.62 13.30 16.14
N GLY A 496 15.15 13.61 14.96
CA GLY A 496 14.71 14.80 14.25
C GLY A 496 15.46 16.05 14.66
N ASP A 497 15.15 16.57 15.85
CA ASP A 497 15.82 17.77 16.33
C ASP A 497 16.16 17.73 17.81
N THR A 498 15.92 16.63 18.52
CA THR A 498 16.22 16.53 19.94
C THR A 498 17.18 15.36 20.17
N TRP A 499 18.15 15.58 21.06
CA TRP A 499 19.14 14.58 21.40
C TRP A 499 18.70 13.79 22.62
N GLY A 500 18.86 12.47 22.56
CA GLY A 500 18.54 11.61 23.68
C GLY A 500 19.58 10.52 23.85
N SER A 501 19.59 9.92 25.04
CA SER A 501 20.47 8.82 25.36
C SER A 501 19.67 7.53 25.44
N ILE A 502 20.22 6.47 24.87
CA ILE A 502 19.49 5.22 24.70
C ILE A 502 19.79 4.27 25.85
N CYS A 503 18.90 3.29 26.03
CA CYS A 503 18.97 2.35 27.13
C CYS A 503 19.72 1.10 26.71
N ASP A 504 20.27 0.39 27.71
CA ASP A 504 21.15 -0.74 27.45
C ASP A 504 20.43 -1.89 26.75
N SER A 505 19.21 -2.19 27.18
CA SER A 505 18.49 -3.36 26.69
C SER A 505 18.00 -3.22 25.25
N ASP A 506 18.04 -2.03 24.67
CA ASP A 506 17.49 -1.79 23.35
C ASP A 506 18.52 -1.91 22.24
N PHE A 507 19.76 -2.26 22.56
CA PHE A 507 20.85 -2.29 21.57
C PHE A 507 21.45 -3.69 21.47
N SER A 508 21.68 -4.11 20.23
CA SER A 508 22.30 -5.38 19.91
C SER A 508 23.57 -5.13 19.13
N LEU A 509 24.32 -6.21 18.89
CA LEU A 509 25.60 -6.07 18.19
C LEU A 509 25.41 -5.61 16.75
N GLU A 510 24.30 -6.00 16.11
CA GLU A 510 24.03 -5.53 14.76
C GLU A 510 23.78 -4.03 14.73
N ALA A 511 23.05 -3.51 15.72
CA ALA A 511 22.86 -2.07 15.82
C ALA A 511 24.17 -1.35 16.05
N ALA A 512 25.03 -1.92 16.90
CA ALA A 512 26.36 -1.34 17.11
C ALA A 512 27.17 -1.33 15.82
N SER A 513 27.08 -2.41 15.04
CA SER A 513 27.79 -2.48 13.77
C SER A 513 27.29 -1.41 12.81
N VAL A 514 25.98 -1.24 12.69
CA VAL A 514 25.45 -0.23 11.78
C VAL A 514 25.80 1.17 12.28
N LEU A 515 25.85 1.38 13.60
CA LEU A 515 26.22 2.68 14.13
C LEU A 515 27.68 2.99 13.81
N CYS A 516 28.58 2.05 14.07
CA CYS A 516 29.98 2.29 13.78
C CYS A 516 30.25 2.40 12.29
N ARG A 517 29.41 1.78 11.47
CA ARG A 517 29.55 1.92 10.02
C ARG A 517 29.08 3.28 9.54
N GLU A 518 27.95 3.77 10.07
CA GLU A 518 27.44 5.06 9.65
C GLU A 518 28.35 6.20 10.11
N LEU A 519 28.91 6.08 11.31
CA LEU A 519 29.87 7.05 11.81
C LEU A 519 31.24 6.92 11.17
N GLN A 520 31.42 5.99 10.23
CA GLN A 520 32.72 5.68 9.64
C GLN A 520 33.73 5.32 10.73
N CYS A 521 33.28 4.56 11.73
CA CYS A 521 34.14 4.14 12.83
C CYS A 521 34.49 2.66 12.77
N GLY A 522 34.11 1.97 11.70
CA GLY A 522 34.60 0.63 11.46
C GLY A 522 33.76 -0.48 12.05
N THR A 523 34.39 -1.61 12.34
CA THR A 523 33.70 -2.71 12.99
C THR A 523 33.57 -2.44 14.48
N VAL A 524 32.67 -3.19 15.13
CA VAL A 524 32.43 -3.05 16.55
C VAL A 524 33.33 -4.01 17.32
N VAL A 525 34.05 -3.48 18.30
CA VAL A 525 34.93 -4.31 19.13
C VAL A 525 34.38 -4.54 20.52
N SER A 526 33.50 -3.67 21.03
CA SER A 526 32.91 -3.94 22.33
C SER A 526 31.67 -3.09 22.54
N ILE A 527 30.72 -3.62 23.31
CA ILE A 527 29.54 -2.90 23.74
C ILE A 527 29.54 -2.91 25.27
N LEU A 528 29.47 -1.73 25.87
CA LEU A 528 29.54 -1.57 27.32
C LEU A 528 28.23 -1.03 27.85
N GLY A 529 27.85 -1.47 29.05
CA GLY A 529 26.65 -1.02 29.71
C GLY A 529 26.93 -0.42 31.07
N GLY A 530 25.85 0.00 31.72
CA GLY A 530 25.95 0.58 33.05
C GLY A 530 26.67 1.90 33.12
N ALA A 531 26.51 2.75 32.10
CA ALA A 531 27.11 4.08 32.07
C ALA A 531 28.63 4.00 32.24
N HIS A 532 29.28 3.29 31.32
CA HIS A 532 30.73 3.16 31.38
C HIS A 532 31.42 4.51 31.19
N PHE A 533 30.90 5.33 30.29
CA PHE A 533 31.48 6.64 29.99
C PHE A 533 30.75 7.77 30.69
N GLY A 534 29.80 7.47 31.57
CA GLY A 534 29.03 8.47 32.25
C GLY A 534 27.59 8.54 31.74
N GLU A 535 26.74 9.11 32.57
CA GLU A 535 25.32 9.23 32.27
C GLU A 535 24.99 10.62 31.75
N GLY A 536 23.98 10.68 30.89
CA GLY A 536 23.57 11.92 30.26
C GLY A 536 22.74 12.80 31.18
N ASN A 537 22.11 13.81 30.58
CA ASN A 537 21.29 14.74 31.33
C ASN A 537 20.04 15.14 30.56
N GLY A 538 19.50 14.24 29.73
CA GLY A 538 18.39 14.58 28.87
C GLY A 538 17.42 13.43 28.68
N GLN A 539 16.68 13.45 27.57
CA GLN A 539 15.66 12.43 27.35
C GLN A 539 16.31 11.06 27.22
N ILE A 540 15.56 10.02 27.56
CA ILE A 540 16.04 8.64 27.45
C ILE A 540 15.08 7.87 26.54
N TRP A 541 15.34 7.95 25.23
CA TRP A 541 14.52 7.26 24.23
C TRP A 541 14.26 5.82 24.64
N ALA A 542 13.05 5.35 24.35
CA ALA A 542 12.62 4.01 24.77
C ALA A 542 12.07 3.24 23.59
N GLU A 543 12.82 3.24 22.49
CA GLU A 543 12.50 2.46 21.31
C GLU A 543 13.57 1.40 21.10
N GLU A 544 13.15 0.18 20.78
CA GLU A 544 14.09 -0.89 20.50
C GLU A 544 14.46 -0.90 19.03
N PHE A 545 15.71 -1.27 18.76
CA PHE A 545 16.23 -1.38 17.40
C PHE A 545 16.19 -2.83 16.96
N GLN A 546 15.64 -3.08 15.78
CA GLN A 546 15.55 -4.41 15.21
C GLN A 546 16.40 -4.49 13.93
N CYS A 547 17.61 -3.93 14.00
CA CYS A 547 18.47 -3.88 12.82
C CYS A 547 18.89 -5.28 12.38
N GLU A 548 18.99 -5.45 11.06
CA GLU A 548 19.71 -6.57 10.49
C GLU A 548 21.15 -6.12 10.24
N GLY A 549 21.92 -6.93 9.52
CA GLY A 549 23.26 -6.55 9.14
C GLY A 549 23.29 -5.75 7.85
N HIS A 550 24.50 -5.33 7.48
CA HIS A 550 24.80 -4.71 6.18
C HIS A 550 23.86 -3.55 5.84
N GLU A 551 23.36 -2.85 6.86
CA GLU A 551 22.63 -1.62 6.64
C GLU A 551 23.59 -0.43 6.63
N SER A 552 23.23 0.60 5.86
CA SER A 552 24.12 1.74 5.68
C SER A 552 23.93 2.80 6.75
N HIS A 553 22.70 3.03 7.21
CA HIS A 553 22.41 4.04 8.20
C HIS A 553 21.46 3.48 9.24
N LEU A 554 21.47 4.11 10.41
CA LEU A 554 20.57 3.73 11.50
C LEU A 554 19.13 4.13 11.24
N SER A 555 18.88 4.97 10.23
CA SER A 555 17.51 5.37 9.91
C SER A 555 16.75 4.25 9.22
N LEU A 556 17.43 3.48 8.37
CA LEU A 556 16.76 2.41 7.62
C LEU A 556 16.31 1.25 8.49
N CYS A 557 16.81 1.15 9.72
CA CYS A 557 16.49 0.02 10.57
C CYS A 557 15.01 0.03 10.95
N PRO A 558 14.36 -1.13 11.01
CA PRO A 558 13.05 -1.19 11.64
C PRO A 558 13.15 -0.95 13.13
N VAL A 559 12.09 -0.38 13.69
CA VAL A 559 12.07 0.05 15.09
C VAL A 559 10.78 -0.43 15.73
N ALA A 560 10.90 -0.99 16.93
CA ALA A 560 9.74 -1.42 17.71
C ALA A 560 9.55 -0.48 18.89
N PRO A 561 8.52 0.36 18.88
CA PRO A 561 8.33 1.29 20.01
C PRO A 561 7.92 0.55 21.27
N ARG A 562 8.12 1.23 22.40
CA ARG A 562 7.85 0.69 23.72
C ARG A 562 7.28 1.79 24.58
N PRO A 563 6.61 1.45 25.69
CA PRO A 563 6.12 2.48 26.60
C PRO A 563 7.25 3.22 27.31
N GLU A 564 6.91 4.09 28.25
CA GLU A 564 7.92 4.87 28.95
C GLU A 564 8.93 3.94 29.61
N GLY A 565 10.21 4.29 29.49
CA GLY A 565 11.27 3.38 29.86
C GLY A 565 11.32 3.04 31.33
N THR A 566 11.44 1.74 31.63
CA THR A 566 11.67 1.33 33.01
C THR A 566 13.06 1.70 33.50
N CYS A 567 14.05 1.67 32.60
CA CYS A 567 15.42 1.95 33.03
C CYS A 567 15.59 3.42 33.39
N SER A 568 16.35 3.68 34.45
CA SER A 568 16.71 5.02 34.85
C SER A 568 17.86 5.51 33.98
N HIS A 569 18.46 6.62 34.35
CA HIS A 569 19.50 7.23 33.54
C HIS A 569 20.86 6.59 33.74
N SER A 570 20.94 5.53 34.56
CA SER A 570 22.20 4.90 34.91
C SER A 570 22.37 3.57 34.19
N ARG A 571 21.76 3.45 33.01
CA ARG A 571 21.88 2.27 32.16
C ARG A 571 22.20 2.66 30.72
N ASP A 572 22.70 3.87 30.50
CA ASP A 572 23.03 4.30 29.15
C ASP A 572 24.11 3.40 28.59
N VAL A 573 24.02 3.10 27.29
CA VAL A 573 24.93 2.17 26.67
C VAL A 573 26.05 2.95 26.02
N GLY A 574 27.15 2.25 25.76
CA GLY A 574 28.25 2.83 25.02
C GLY A 574 28.87 1.78 24.12
N VAL A 575 29.60 2.24 23.13
CA VAL A 575 30.22 1.33 22.19
C VAL A 575 31.68 1.73 22.00
N VAL A 576 32.50 0.74 21.65
CA VAL A 576 33.87 0.95 21.21
C VAL A 576 34.00 0.24 19.88
N CYS A 577 34.25 1.01 18.83
CA CYS A 577 34.47 0.49 17.48
C CYS A 577 35.96 0.27 17.26
N SER A 578 36.36 0.08 16.01
CA SER A 578 37.71 -0.38 15.71
C SER A 578 38.68 0.74 15.41
N ARG A 579 38.25 1.78 14.70
CA ARG A 579 39.15 2.86 14.28
C ARG A 579 39.35 3.84 15.43
N TYR A 580 40.27 3.50 16.32
CA TYR A 580 40.60 4.33 17.48
C TYR A 580 41.99 4.92 17.38
N THR A 581 42.66 4.80 16.24
CA THR A 581 44.05 5.21 16.09
C THR A 581 44.11 6.69 15.73
N GLU A 582 44.69 7.49 16.62
CA GLU A 582 44.86 8.91 16.40
C GLU A 582 46.25 9.17 15.82
N ILE A 583 46.29 9.68 14.60
CA ILE A 583 47.54 10.06 13.95
C ILE A 583 47.38 11.44 13.32
N ARG A 584 48.44 12.24 13.38
CA ARG A 584 48.44 13.56 12.80
C ARG A 584 49.74 13.77 12.03
N LEU A 585 49.71 14.76 11.13
CA LEU A 585 50.91 15.22 10.43
C LEU A 585 51.24 16.63 10.90
N VAL A 586 52.47 16.81 11.38
CA VAL A 586 52.86 18.05 12.03
C VAL A 586 54.09 18.63 11.32
N ASN A 587 54.34 19.92 11.55
CA ASN A 587 55.56 20.60 11.09
C ASN A 587 55.69 20.59 9.57
N GLY A 588 54.56 20.59 8.86
CA GLY A 588 54.56 20.64 7.41
C GLY A 588 53.95 21.95 6.93
N LYS A 589 54.39 22.38 5.75
CA LYS A 589 53.82 23.59 5.15
C LYS A 589 52.34 23.42 4.89
N THR A 590 51.93 22.21 4.51
CA THR A 590 50.54 21.84 4.29
C THR A 590 50.24 20.59 5.10
N PRO A 591 48.97 20.37 5.47
CA PRO A 591 48.62 19.15 6.22
C PRO A 591 48.83 17.86 5.44
N CYS A 592 49.29 17.95 4.19
CA CYS A 592 49.52 16.78 3.35
C CYS A 592 50.97 16.30 3.39
N GLU A 593 51.79 16.87 4.26
CA GLU A 593 53.17 16.43 4.40
C GLU A 593 53.66 16.85 5.78
N GLY A 594 54.49 16.01 6.39
CA GLY A 594 55.06 16.32 7.67
C GLY A 594 55.34 15.07 8.48
N ARG A 595 55.65 15.30 9.75
CA ARG A 595 55.99 14.24 10.69
C ARG A 595 54.73 13.53 11.18
N VAL A 596 54.83 12.22 11.31
CA VAL A 596 53.72 11.38 11.76
C VAL A 596 53.76 11.28 13.29
N GLU A 597 52.72 11.77 13.94
CA GLU A 597 52.57 11.64 15.39
C GLU A 597 51.41 10.71 15.70
N LEU A 598 51.62 9.79 16.62
CA LEU A 598 50.65 8.80 17.04
C LEU A 598 50.31 9.03 18.49
N LYS A 599 49.00 9.04 18.81
CA LYS A 599 48.54 9.27 20.16
C LYS A 599 48.26 7.91 20.81
N THR A 600 49.02 7.60 21.86
CA THR A 600 48.86 6.35 22.58
C THR A 600 48.90 6.64 24.06
N LEU A 601 48.26 5.77 24.85
CA LEU A 601 48.09 6.02 26.27
C LEU A 601 47.45 7.39 26.45
N GLY A 602 48.18 8.34 27.01
CA GLY A 602 47.68 9.69 27.13
C GLY A 602 48.60 10.73 26.51
N ALA A 603 49.43 10.35 25.55
CA ALA A 603 50.41 11.27 25.01
C ALA A 603 50.64 11.00 23.54
N TRP A 604 51.13 12.04 22.85
CA TRP A 604 51.55 11.93 21.45
C TRP A 604 53.02 11.52 21.40
N GLY A 605 53.39 10.87 20.30
CA GLY A 605 54.77 10.45 20.13
C GLY A 605 55.11 10.27 18.67
N SER A 606 56.42 10.18 18.42
CA SER A 606 56.94 10.03 17.06
C SER A 606 57.06 8.54 16.74
N LEU A 607 56.33 8.10 15.72
CA LEU A 607 56.36 6.70 15.33
C LEU A 607 57.73 6.33 14.76
N CYS A 608 58.12 5.09 14.97
CA CYS A 608 59.45 4.61 14.58
C CYS A 608 59.37 4.00 13.18
N ASN A 609 60.20 4.51 12.27
CA ASN A 609 60.16 4.14 10.87
C ASN A 609 60.95 2.87 10.57
N SER A 610 61.21 2.03 11.57
CA SER A 610 61.91 0.78 11.31
C SER A 610 61.11 -0.13 10.40
N HIS A 611 59.78 -0.16 10.57
CA HIS A 611 58.90 -0.97 9.74
C HIS A 611 57.92 -0.13 8.93
N TRP A 612 58.21 1.17 8.78
CA TRP A 612 57.32 2.06 8.04
C TRP A 612 57.59 1.95 6.55
N ASP A 613 56.53 1.78 5.76
CA ASP A 613 56.64 1.58 4.33
C ASP A 613 55.66 2.49 3.60
N ILE A 614 55.71 2.44 2.27
CA ILE A 614 54.92 3.36 1.45
C ILE A 614 53.44 3.04 1.52
N GLU A 615 53.08 1.76 1.67
CA GLU A 615 51.67 1.40 1.77
C GLU A 615 51.03 2.00 3.02
N ASP A 616 51.77 1.98 4.13
CA ASP A 616 51.27 2.61 5.35
C ASP A 616 51.04 4.10 5.14
N ALA A 617 51.94 4.77 4.42
CA ALA A 617 51.75 6.17 4.09
C ALA A 617 50.51 6.36 3.22
N HIS A 618 50.28 5.43 2.29
CA HIS A 618 49.08 5.50 1.47
C HIS A 618 47.82 5.43 2.32
N VAL A 619 47.77 4.50 3.27
CA VAL A 619 46.61 4.42 4.16
C VAL A 619 46.49 5.69 4.99
N LEU A 620 47.62 6.20 5.50
CA LEU A 620 47.56 7.37 6.37
C LEU A 620 47.00 8.57 5.62
N CYS A 621 47.46 8.80 4.38
CA CYS A 621 47.00 9.96 3.64
C CYS A 621 45.66 9.73 2.96
N GLN A 622 45.21 8.47 2.84
CA GLN A 622 43.83 8.24 2.47
C GLN A 622 42.90 8.56 3.64
N GLN A 623 43.35 8.31 4.87
CA GLN A 623 42.57 8.69 6.04
C GLN A 623 42.37 10.19 6.09
N LEU A 624 43.43 10.95 5.84
CA LEU A 624 43.35 12.41 5.87
C LEU A 624 42.86 13.01 4.56
N LYS A 625 42.27 12.18 3.69
CA LYS A 625 41.69 12.64 2.42
C LYS A 625 42.71 13.38 1.56
N CYS A 626 43.95 12.90 1.57
CA CYS A 626 45.04 13.50 0.81
C CYS A 626 45.49 12.61 -0.34
N GLY A 627 44.74 11.56 -0.65
CA GLY A 627 45.07 10.74 -1.80
C GLY A 627 46.33 9.90 -1.59
N VAL A 628 46.95 9.55 -2.72
CA VAL A 628 48.11 8.68 -2.71
C VAL A 628 49.32 9.40 -2.15
N ALA A 629 50.03 8.75 -1.24
CA ALA A 629 51.25 9.29 -0.67
C ALA A 629 52.38 9.27 -1.69
N LEU A 630 53.24 10.28 -1.65
CA LEU A 630 54.29 10.41 -2.66
C LEU A 630 55.56 9.66 -2.25
N SER A 631 56.14 10.03 -1.11
CA SER A 631 57.38 9.39 -0.68
C SER A 631 57.51 9.53 0.83
N THR A 632 58.37 8.70 1.40
CA THR A 632 58.63 8.68 2.84
C THR A 632 60.07 9.08 3.10
N PRO A 633 60.33 10.36 3.38
CA PRO A 633 61.72 10.78 3.64
C PRO A 633 62.28 10.12 4.90
N GLY A 634 63.58 9.81 4.85
CA GLY A 634 64.27 9.28 6.01
C GLY A 634 64.93 10.37 6.83
N GLY A 635 65.57 9.94 7.92
CA GLY A 635 66.25 10.86 8.81
C GLY A 635 65.27 11.80 9.49
N ALA A 636 65.86 12.72 10.28
CA ALA A 636 65.07 13.74 10.97
C ALA A 636 64.74 14.90 10.01
N ARG A 637 63.98 14.55 8.98
CA ARG A 637 63.66 15.52 7.93
C ARG A 637 62.83 16.68 8.46
N PHE A 638 61.93 16.42 9.41
CA PHE A 638 61.03 17.45 9.92
C PHE A 638 61.23 17.72 11.40
N GLY A 639 62.38 17.37 11.95
CA GLY A 639 62.64 17.62 13.35
C GLY A 639 62.58 16.37 14.20
N LYS A 640 63.49 16.27 15.15
CA LYS A 640 63.53 15.13 16.06
C LYS A 640 62.31 15.12 16.97
N GLY A 641 62.05 13.96 17.57
CA GLY A 641 60.93 13.84 18.48
C GLY A 641 61.13 14.66 19.74
N ASN A 642 59.99 14.97 20.39
CA ASN A 642 59.97 15.79 21.59
C ASN A 642 59.24 15.06 22.71
N GLY A 643 59.56 13.78 22.88
CA GLY A 643 58.94 12.98 23.91
C GLY A 643 59.07 11.50 23.68
N GLN A 644 57.99 10.76 23.91
CA GLN A 644 57.99 9.32 23.71
C GLN A 644 58.15 8.99 22.23
N ILE A 645 58.80 7.86 21.97
CA ILE A 645 58.95 7.34 20.61
C ILE A 645 58.19 6.03 20.55
N TRP A 646 56.93 6.08 20.11
CA TRP A 646 56.14 4.87 19.99
C TRP A 646 56.73 3.97 18.91
N ARG A 647 56.80 2.67 19.20
CA ARG A 647 57.42 1.71 18.31
C ARG A 647 56.39 0.77 17.68
N HIS A 648 55.17 1.24 17.47
CA HIS A 648 54.15 0.43 16.83
C HIS A 648 54.61 -0.01 15.45
N MET A 649 54.36 -1.27 15.12
CA MET A 649 54.74 -1.85 13.84
C MET A 649 53.46 -2.06 13.03
N PHE A 650 53.24 -1.19 12.05
CA PHE A 650 52.06 -1.28 11.19
C PHE A 650 52.35 -2.13 9.96
N HIS A 651 51.40 -2.99 9.61
CA HIS A 651 51.54 -3.94 8.53
C HIS A 651 50.38 -3.80 7.54
N CYS A 652 50.12 -2.57 7.10
CA CYS A 652 49.02 -2.32 6.19
C CYS A 652 49.20 -3.06 4.88
N THR A 653 48.10 -3.60 4.35
CA THR A 653 48.14 -4.23 3.03
C THR A 653 48.26 -3.19 1.93
N GLY A 654 47.49 -2.10 2.03
CA GLY A 654 47.59 -1.03 1.06
C GLY A 654 46.25 -0.45 0.64
N THR A 655 45.18 -1.25 0.75
CA THR A 655 43.86 -0.81 0.33
C THR A 655 42.97 -0.37 1.49
N GLU A 656 43.49 -0.35 2.72
CA GLU A 656 42.68 0.03 3.86
C GLU A 656 42.31 1.51 3.80
N GLN A 657 41.13 1.83 4.33
CA GLN A 657 40.65 3.20 4.35
C GLN A 657 41.07 3.95 5.60
N HIS A 658 41.51 3.25 6.64
CA HIS A 658 41.91 3.86 7.90
C HIS A 658 43.09 3.10 8.45
N MET A 659 44.00 3.83 9.11
CA MET A 659 45.16 3.18 9.71
C MET A 659 44.77 2.31 10.90
N GLY A 660 43.57 2.50 11.46
CA GLY A 660 43.11 1.64 12.53
C GLY A 660 42.56 0.30 12.08
N ASP A 661 42.27 0.15 10.80
CA ASP A 661 41.85 -1.12 10.24
C ASP A 661 43.01 -2.00 9.83
N CYS A 662 44.23 -1.48 9.86
CA CYS A 662 45.41 -2.28 9.58
C CYS A 662 45.79 -3.11 10.80
N PRO A 663 46.38 -4.29 10.59
CA PRO A 663 46.98 -5.02 11.72
C PRO A 663 48.14 -4.22 12.31
N VAL A 664 48.24 -4.23 13.63
CA VAL A 664 49.25 -3.47 14.34
C VAL A 664 49.78 -4.31 15.49
N THR A 665 51.10 -4.24 15.71
CA THR A 665 51.75 -4.96 16.79
C THR A 665 52.66 -4.00 17.54
N ALA A 666 52.55 -4.00 18.87
CA ALA A 666 53.38 -3.14 19.70
C ALA A 666 54.03 -3.84 20.88
N LEU A 667 53.73 -5.12 21.12
CA LEU A 667 54.33 -5.83 22.24
C LEU A 667 55.75 -6.25 21.88
N GLY A 668 56.68 -5.93 22.75
CA GLY A 668 58.08 -6.26 22.49
C GLY A 668 58.64 -5.56 21.27
N ALA A 669 58.31 -4.30 21.08
CA ALA A 669 58.77 -3.54 19.93
C ALA A 669 60.12 -2.92 20.23
N SER A 670 61.08 -3.14 19.35
CA SER A 670 62.45 -2.72 19.58
C SER A 670 62.55 -1.19 19.57
N LEU A 671 63.53 -0.69 20.32
CA LEU A 671 63.77 0.74 20.40
C LEU A 671 64.52 1.24 19.17
N CYS A 672 64.53 2.56 18.99
CA CYS A 672 65.22 3.19 17.87
C CYS A 672 65.61 4.60 18.29
N PRO A 673 66.65 5.18 17.69
CA PRO A 673 67.18 6.45 18.18
C PRO A 673 66.34 7.65 17.73
N SER A 674 66.72 8.81 18.24
CA SER A 674 65.91 10.02 18.06
C SER A 674 65.88 10.51 16.62
N GLU A 675 66.87 10.15 15.81
CA GLU A 675 66.93 10.66 14.44
C GLU A 675 66.21 9.79 13.45
N GLN A 676 66.04 8.50 13.73
CA GLN A 676 65.35 7.58 12.84
C GLN A 676 63.85 7.64 13.16
N VAL A 677 63.16 8.61 12.57
CA VAL A 677 61.77 8.90 12.86
C VAL A 677 61.00 9.02 11.57
N ALA A 678 59.77 8.50 11.56
CA ALA A 678 58.95 8.48 10.36
C ALA A 678 58.41 9.87 10.04
N SER A 679 58.10 10.08 8.76
CA SER A 679 57.50 11.30 8.24
C SER A 679 57.09 11.03 6.80
N VAL A 680 55.95 11.57 6.39
CA VAL A 680 55.40 11.26 5.07
C VAL A 680 55.00 12.53 4.34
N ILE A 681 55.13 12.50 3.02
CA ILE A 681 54.67 13.55 2.12
C ILE A 681 53.76 12.93 1.08
N CYS A 682 52.69 13.64 0.73
CA CYS A 682 51.65 13.08 -0.12
C CYS A 682 51.25 14.07 -1.21
N SER A 683 50.49 13.57 -2.18
CA SER A 683 50.18 14.34 -3.37
C SER A 683 49.35 15.58 -3.05
N GLY A 684 48.24 15.41 -2.33
CA GLY A 684 47.34 16.48 -2.02
C GLY A 684 46.10 16.54 -2.90
N ASN A 685 46.13 15.90 -4.06
CA ASN A 685 44.96 15.84 -4.93
C ASN A 685 43.93 14.90 -4.32
N GLN A 686 42.86 15.48 -3.77
CA GLN A 686 41.91 14.70 -2.97
C GLN A 686 41.25 13.59 -3.79
N SER A 687 41.09 13.79 -5.09
CA SER A 687 40.43 12.78 -5.92
C SER A 687 41.31 11.57 -6.17
N GLN A 688 42.62 11.69 -5.97
CA GLN A 688 43.51 10.58 -6.24
C GLN A 688 43.25 9.41 -5.30
N THR A 689 43.24 8.20 -5.85
CA THR A 689 43.01 7.00 -5.06
C THR A 689 43.81 5.82 -5.62
N MET A 822 52.91 -15.30 17.83
CA MET A 822 52.47 -14.85 19.14
C MET A 822 51.23 -15.61 19.61
N SER A 823 51.26 -16.07 20.85
CA SER A 823 50.14 -16.76 21.46
C SER A 823 50.24 -16.59 22.96
N LEU A 824 49.16 -16.94 23.66
CA LEU A 824 49.09 -16.76 25.10
C LEU A 824 48.37 -17.94 25.73
N ARG A 825 48.83 -18.36 26.91
CA ARG A 825 48.06 -19.34 27.66
C ARG A 825 48.30 -19.14 29.15
N LEU A 826 47.42 -19.78 29.94
CA LEU A 826 47.57 -19.87 31.38
C LEU A 826 47.80 -21.31 31.78
N THR A 827 48.82 -21.55 32.60
CA THR A 827 49.18 -22.88 33.04
C THR A 827 48.99 -23.02 34.54
N SER A 828 48.80 -24.26 34.97
CA SER A 828 48.62 -24.58 36.39
C SER A 828 48.93 -26.05 36.58
N GLU A 829 49.18 -26.42 37.85
CA GLU A 829 49.47 -27.82 38.15
C GLU A 829 48.32 -28.72 37.72
N ALA A 830 47.10 -28.35 38.08
CA ALA A 830 45.89 -29.03 37.65
C ALA A 830 44.92 -28.00 37.10
N SER A 831 44.12 -28.41 36.12
CA SER A 831 43.21 -27.49 35.46
C SER A 831 41.86 -27.43 36.18
N ARG A 832 41.91 -26.93 37.42
CA ARG A 832 40.69 -26.76 38.21
C ARG A 832 39.67 -25.91 37.44
N GLU A 833 40.07 -24.73 37.01
CA GLU A 833 39.26 -23.82 36.21
C GLU A 833 39.89 -23.73 34.82
N ALA A 834 39.66 -22.62 34.11
CA ALA A 834 40.27 -22.43 32.80
C ALA A 834 41.19 -21.23 32.73
N CYS A 835 40.94 -20.17 33.50
CA CYS A 835 41.77 -18.97 33.48
C CYS A 835 42.10 -18.56 34.92
N ALA A 836 42.94 -19.36 35.60
CA ALA A 836 43.42 -18.96 36.92
C ALA A 836 44.79 -19.59 37.14
N GLY A 837 45.82 -18.99 36.55
CA GLY A 837 47.14 -19.58 36.64
C GLY A 837 48.25 -18.62 36.26
N ARG A 838 49.38 -19.24 35.91
CA ARG A 838 50.57 -18.47 35.49
C ARG A 838 50.41 -18.12 34.01
N LEU A 839 50.93 -16.96 33.61
CA LEU A 839 50.79 -16.48 32.23
C LEU A 839 52.04 -16.78 31.43
N GLU A 840 51.86 -17.35 30.23
CA GLU A 840 52.96 -17.63 29.33
C GLU A 840 52.64 -17.08 27.94
N VAL A 841 53.61 -16.38 27.37
CA VAL A 841 53.52 -15.82 26.03
C VAL A 841 54.44 -16.61 25.12
N PHE A 842 54.01 -16.80 23.88
CA PHE A 842 54.74 -17.59 22.88
C PHE A 842 55.45 -16.65 21.91
N TYR A 843 56.76 -16.80 21.80
CA TYR A 843 57.51 -15.99 20.86
C TYR A 843 58.80 -16.73 20.52
N ASN A 844 59.28 -16.49 19.29
CA ASN A 844 60.53 -17.09 18.80
C ASN A 844 60.56 -18.60 18.98
N GLY A 845 59.38 -19.22 18.96
CA GLY A 845 59.30 -20.67 19.07
C GLY A 845 59.43 -21.22 20.46
N ALA A 846 59.26 -20.41 21.49
CA ALA A 846 59.30 -20.91 22.86
C ALA A 846 58.36 -20.07 23.71
N TRP A 847 57.93 -20.64 24.83
CA TRP A 847 57.08 -19.88 25.74
C TRP A 847 57.91 -19.29 26.88
N GLY A 848 57.37 -18.22 27.45
CA GLY A 848 58.05 -17.54 28.54
C GLY A 848 57.10 -16.67 29.32
N THR A 849 57.41 -16.45 30.59
CA THR A 849 56.50 -15.71 31.44
C THR A 849 56.64 -14.21 31.20
N VAL A 850 55.68 -13.46 31.72
CA VAL A 850 55.56 -12.03 31.48
C VAL A 850 55.82 -11.31 32.79
N GLY A 851 56.49 -10.17 32.71
CA GLY A 851 56.80 -9.40 33.91
C GLY A 851 55.55 -8.83 34.56
N LYS A 852 55.70 -8.51 35.84
CA LYS A 852 54.60 -8.00 36.64
C LYS A 852 54.69 -6.49 36.86
N SER A 853 55.86 -5.90 36.63
CA SER A 853 56.06 -4.48 36.88
C SER A 853 55.08 -3.64 36.06
N SER A 854 54.40 -2.72 36.74
CA SER A 854 53.44 -1.80 36.12
C SER A 854 52.33 -2.53 35.37
N MET A 855 51.81 -3.59 35.98
CA MET A 855 50.62 -4.25 35.46
C MET A 855 49.39 -3.58 36.07
N SER A 856 48.51 -3.08 35.21
CA SER A 856 47.37 -2.29 35.63
C SER A 856 46.08 -3.09 35.41
N GLU A 857 44.96 -2.47 35.77
CA GLU A 857 43.67 -3.13 35.62
C GLU A 857 43.33 -3.38 34.16
N THR A 858 43.60 -2.40 33.29
CA THR A 858 43.26 -2.54 31.88
C THR A 858 44.06 -3.65 31.22
N THR A 859 45.34 -3.80 31.56
CA THR A 859 46.14 -4.86 30.98
C THR A 859 45.63 -6.24 31.39
N VAL A 860 45.29 -6.40 32.67
CA VAL A 860 44.75 -7.68 33.13
C VAL A 860 43.42 -7.95 32.47
N GLY A 861 42.60 -6.92 32.29
CA GLY A 861 41.35 -7.09 31.58
C GLY A 861 41.55 -7.55 30.15
N VAL A 862 42.51 -6.94 29.45
CA VAL A 862 42.80 -7.33 28.08
C VAL A 862 43.25 -8.78 28.02
N VAL A 863 44.14 -9.19 28.92
CA VAL A 863 44.61 -10.57 28.93
C VAL A 863 43.46 -11.53 29.18
N CYS A 864 42.64 -11.22 30.19
CA CYS A 864 41.52 -12.09 30.53
C CYS A 864 40.55 -12.22 29.37
N ARG A 865 40.22 -11.10 28.72
CA ARG A 865 39.29 -11.13 27.60
C ARG A 865 39.86 -11.93 26.43
N GLN A 866 41.15 -11.76 26.13
CA GLN A 866 41.76 -12.48 25.04
C GLN A 866 41.78 -13.99 25.30
N LEU A 867 42.06 -14.39 26.54
CA LEU A 867 42.21 -15.81 26.84
C LEU A 867 40.88 -16.55 26.94
N GLY A 868 39.75 -15.85 26.90
CA GLY A 868 38.45 -16.49 26.85
C GLY A 868 37.60 -16.37 28.09
N CYS A 869 37.86 -15.41 28.96
CA CYS A 869 37.07 -15.18 30.17
C CYS A 869 36.64 -13.71 30.20
N ALA A 870 35.97 -13.33 31.29
CA ALA A 870 35.38 -12.01 31.38
C ALA A 870 36.45 -10.94 31.43
N ASP A 871 36.03 -9.70 31.17
CA ASP A 871 36.97 -8.59 31.03
C ASP A 871 37.38 -8.03 32.38
N LYS A 872 37.83 -8.90 33.28
CA LYS A 872 38.36 -8.47 34.56
C LYS A 872 39.16 -9.61 35.17
N GLY A 873 40.03 -9.27 36.10
CA GLY A 873 40.85 -10.28 36.76
C GLY A 873 41.68 -9.64 37.84
N LYS A 874 42.38 -10.50 38.59
CA LYS A 874 43.24 -10.04 39.67
C LYS A 874 44.57 -10.78 39.63
N ILE A 875 45.64 -10.05 39.95
CA ILE A 875 46.97 -10.64 40.05
C ILE A 875 47.22 -11.10 41.47
N ASN A 876 47.67 -12.34 41.61
CA ASN A 876 47.90 -12.95 42.91
C ASN A 876 49.29 -13.56 42.96
N PRO A 877 49.88 -13.67 44.16
CA PRO A 877 51.23 -14.24 44.27
C PRO A 877 51.26 -15.70 43.86
N ALA A 878 52.46 -16.16 43.49
CA ALA A 878 52.66 -17.49 42.96
C ALA A 878 52.15 -18.55 43.93
N SER A 879 51.50 -19.58 43.37
CA SER A 879 50.85 -20.62 44.16
C SER A 879 51.35 -21.99 43.72
N LEU A 880 51.45 -22.89 44.70
CA LEU A 880 51.82 -24.30 44.54
C LEU A 880 53.30 -24.47 44.23
N ASP A 881 54.00 -23.36 43.95
CA ASP A 881 55.46 -23.31 43.88
C ASP A 881 56.08 -24.46 43.09
N LYS A 882 55.36 -24.97 42.08
CA LYS A 882 55.85 -26.10 41.31
C LYS A 882 55.77 -25.86 39.80
N ALA A 883 55.70 -24.61 39.37
CA ALA A 883 55.76 -24.32 37.95
C ALA A 883 57.17 -24.51 37.42
N MET A 884 57.27 -24.90 36.15
CA MET A 884 58.56 -25.13 35.53
C MET A 884 59.35 -23.82 35.46
N SER A 885 60.68 -23.94 35.58
CA SER A 885 61.56 -22.77 35.61
C SER A 885 61.79 -22.27 34.19
N ILE A 886 60.73 -21.73 33.60
CA ILE A 886 60.76 -21.17 32.25
C ILE A 886 61.30 -19.75 32.35
N PRO A 887 62.00 -19.23 31.34
CA PRO A 887 62.53 -17.86 31.40
C PRO A 887 61.45 -16.83 31.12
N MET A 888 61.83 -15.56 31.23
CA MET A 888 60.95 -14.44 30.97
C MET A 888 61.08 -13.99 29.51
N TRP A 889 60.09 -13.22 29.07
CA TRP A 889 60.11 -12.72 27.70
C TRP A 889 59.92 -11.21 27.61
N VAL A 890 59.08 -10.63 28.46
CA VAL A 890 58.68 -9.24 28.30
C VAL A 890 58.30 -8.68 29.66
N ASP A 891 58.53 -7.38 29.84
CA ASP A 891 58.21 -6.70 31.09
C ASP A 891 57.68 -5.31 30.79
N ASN A 892 57.00 -4.74 31.78
CA ASN A 892 56.45 -3.39 31.71
C ASN A 892 55.44 -3.25 30.55
N VAL A 893 54.39 -4.05 30.63
CA VAL A 893 53.33 -4.04 29.63
C VAL A 893 52.23 -3.09 30.07
N GLN A 894 52.01 -2.03 29.29
CA GLN A 894 50.94 -1.08 29.51
C GLN A 894 49.96 -1.16 28.37
N CYS A 895 48.67 -1.21 28.69
CA CYS A 895 47.63 -1.40 27.69
C CYS A 895 46.74 -0.16 27.62
N PRO A 896 46.52 0.40 26.44
CA PRO A 896 45.58 1.51 26.30
C PRO A 896 44.15 1.02 26.19
N LYS A 897 43.23 1.96 26.34
CA LYS A 897 41.82 1.64 26.12
C LYS A 897 41.55 1.48 24.63
N GLY A 898 40.79 0.46 24.27
CA GLY A 898 40.37 0.26 22.91
C GLY A 898 40.75 -1.07 22.29
N PRO A 899 42.02 -1.46 22.37
CA PRO A 899 42.41 -2.78 21.88
C PRO A 899 41.99 -3.89 22.82
N ASP A 900 41.72 -5.07 22.25
CA ASP A 900 41.29 -6.23 23.08
C ASP A 900 42.39 -7.31 23.10
N THR A 901 43.31 -7.27 22.13
CA THR A 901 44.38 -8.24 22.08
C THR A 901 45.60 -7.65 22.78
N LEU A 902 46.44 -8.52 23.34
CA LEU A 902 47.60 -8.02 24.06
C LEU A 902 48.74 -7.57 23.16
N TRP A 903 48.71 -7.94 21.88
CA TRP A 903 49.82 -7.63 20.98
C TRP A 903 49.88 -6.15 20.61
N GLN A 904 48.83 -5.39 20.91
CA GLN A 904 48.78 -3.97 20.57
C GLN A 904 49.10 -3.08 21.78
N CYS A 905 49.57 -3.66 22.86
CA CYS A 905 49.89 -2.93 24.08
C CYS A 905 51.37 -2.57 24.09
N PRO A 906 51.73 -1.29 24.24
CA PRO A 906 53.14 -0.93 24.33
C PRO A 906 53.81 -1.54 25.54
N SER A 907 55.09 -1.88 25.38
CA SER A 907 55.86 -2.51 26.46
C SER A 907 57.34 -2.41 26.11
N SER A 908 58.16 -2.98 27.00
CA SER A 908 59.59 -3.07 26.79
C SER A 908 59.92 -4.18 25.80
N PRO A 909 61.06 -4.09 25.13
CA PRO A 909 61.38 -5.08 24.08
C PRO A 909 61.59 -6.46 24.66
N TRP A 910 61.54 -7.45 23.77
CA TRP A 910 61.71 -8.84 24.18
C TRP A 910 63.10 -9.07 24.75
N GLU A 911 63.17 -9.93 25.77
CA GLU A 911 64.43 -10.37 26.34
C GLU A 911 64.19 -11.68 27.07
N LYS A 912 65.11 -12.63 26.92
CA LYS A 912 64.97 -13.95 27.51
C LYS A 912 65.70 -14.06 28.83
N ARG A 913 65.74 -12.98 29.61
CA ARG A 913 66.42 -13.00 30.89
C ARG A 913 65.73 -13.96 31.85
N LEU A 914 66.53 -14.57 32.72
CA LEU A 914 65.99 -15.40 33.78
C LEU A 914 65.42 -14.53 34.89
N ALA A 915 64.27 -14.90 35.40
CA ALA A 915 63.58 -14.13 36.42
C ALA A 915 63.16 -15.03 37.56
N SER A 916 63.20 -14.48 38.77
CA SER A 916 62.77 -15.21 39.94
C SER A 916 61.25 -15.32 39.96
N PRO A 917 60.71 -16.33 40.65
CA PRO A 917 59.25 -16.44 40.76
C PRO A 917 58.59 -15.24 41.43
N SER A 918 59.36 -14.37 42.09
CA SER A 918 58.75 -13.21 42.74
C SER A 918 58.29 -12.17 41.71
N GLU A 919 58.95 -12.09 40.56
CA GLU A 919 58.56 -11.17 39.51
C GLU A 919 57.63 -11.80 38.49
N GLU A 920 57.37 -13.10 38.60
CA GLU A 920 56.57 -13.82 37.63
C GLU A 920 55.09 -13.63 37.92
N THR A 921 54.28 -13.50 36.88
CA THR A 921 52.91 -13.04 37.02
C THR A 921 51.94 -14.21 37.06
N TRP A 922 50.93 -14.09 37.93
CA TRP A 922 49.85 -15.05 38.01
C TRP A 922 48.54 -14.28 38.06
N ILE A 923 47.57 -14.73 37.27
CA ILE A 923 46.30 -14.02 37.13
C ILE A 923 45.15 -14.99 37.34
N THR A 924 44.09 -14.49 37.97
CA THR A 924 42.84 -15.23 38.15
C THR A 924 41.71 -14.36 37.63
N CYS A 925 41.05 -14.82 36.57
CA CYS A 925 40.05 -14.03 35.87
C CYS A 925 38.65 -14.44 36.31
N ASP A 926 37.71 -13.50 36.18
CA ASP A 926 36.31 -13.78 36.47
C ASP A 926 35.77 -14.73 35.42
N ASN A 927 34.95 -15.70 35.86
CA ASN A 927 34.49 -16.70 34.91
C ASN A 927 33.48 -16.08 33.95
N LYS A 928 33.10 -16.86 32.94
CA LYS A 928 32.21 -16.35 31.90
C LYS A 928 30.75 -16.57 32.21
N ILE A 929 30.42 -17.45 33.16
CA ILE A 929 29.05 -17.79 33.50
C ILE A 929 28.90 -17.56 35.00
N ARG A 930 28.11 -16.55 35.37
CA ARG A 930 27.88 -16.27 36.77
C ARG A 930 26.39 -16.37 37.09
N LEU A 931 26.09 -16.52 38.37
CA LEU A 931 24.72 -16.48 38.87
C LEU A 931 24.56 -15.24 39.72
N GLN A 932 23.58 -14.42 39.37
CA GLN A 932 23.39 -13.11 39.98
C GLN A 932 22.02 -13.04 40.67
N GLU A 933 21.94 -12.16 41.66
CA GLU A 933 20.73 -11.81 42.41
C GLU A 933 20.18 -12.94 43.25
N GLY A 934 20.82 -14.11 43.27
CA GLY A 934 20.35 -15.21 44.08
C GLY A 934 20.53 -14.92 45.56
N PRO A 935 19.67 -15.52 46.39
CA PRO A 935 19.83 -15.35 47.84
C PRO A 935 21.18 -15.81 48.35
N THR A 936 21.73 -16.88 47.75
CA THR A 936 23.05 -17.35 48.06
C THR A 936 23.76 -17.65 46.74
N SER A 937 25.01 -18.10 46.83
CA SER A 937 25.69 -18.59 45.65
C SER A 937 25.04 -19.90 45.20
N CYS A 938 25.36 -20.30 43.97
CA CYS A 938 24.83 -21.50 43.33
C CYS A 938 23.33 -21.42 43.08
N SER A 939 22.78 -20.21 42.96
CA SER A 939 21.36 -20.04 42.68
C SER A 939 21.12 -18.63 42.18
N GLY A 940 20.25 -18.50 41.18
CA GLY A 940 19.86 -17.19 40.72
C GLY A 940 19.88 -17.10 39.20
N ARG A 941 19.85 -15.87 38.71
CA ARG A 941 19.79 -15.61 37.28
C ARG A 941 21.13 -15.92 36.61
N VAL A 942 21.07 -16.55 35.44
CA VAL A 942 22.26 -16.88 34.68
C VAL A 942 22.67 -15.65 33.87
N GLU A 943 23.90 -15.20 34.08
CA GLU A 943 24.48 -14.11 33.29
C GLU A 943 25.75 -14.60 32.62
N ILE A 944 25.92 -14.23 31.35
CA ILE A 944 27.00 -14.72 30.52
C ILE A 944 27.68 -13.54 29.85
N TRP A 945 29.00 -13.54 29.83
CA TRP A 945 29.78 -12.41 29.32
C TRP A 945 30.12 -12.61 27.85
N HIS A 946 29.88 -11.60 27.04
CA HIS A 946 30.30 -11.61 25.65
C HIS A 946 30.26 -10.19 25.11
N GLY A 947 31.10 -9.94 24.09
CA GLY A 947 31.12 -8.65 23.45
C GLY A 947 31.43 -7.49 24.36
N GLY A 948 32.07 -7.75 25.49
CA GLY A 948 32.36 -6.71 26.45
C GLY A 948 31.26 -6.42 27.44
N SER A 949 30.14 -7.12 27.38
CA SER A 949 29.01 -6.86 28.25
C SER A 949 28.46 -8.16 28.82
N TRP A 950 27.77 -8.02 29.95
CA TRP A 950 27.11 -9.15 30.60
C TRP A 950 25.66 -9.20 30.13
N GLY A 951 25.31 -10.28 29.42
CA GLY A 951 23.96 -10.50 28.95
C GLY A 951 23.28 -11.64 29.69
N THR A 952 22.01 -11.83 29.35
CA THR A 952 21.17 -12.82 29.99
C THR A 952 20.91 -13.99 29.04
N VAL A 953 20.19 -14.99 29.56
CA VAL A 953 19.79 -16.16 28.80
C VAL A 953 18.27 -16.22 28.79
N CYS A 954 17.69 -16.32 27.61
CA CYS A 954 16.24 -16.36 27.48
C CYS A 954 15.70 -17.73 27.92
N ASP A 955 14.45 -17.73 28.38
CA ASP A 955 13.88 -18.90 29.03
C ASP A 955 13.31 -19.93 28.07
N ASP A 956 13.34 -19.66 26.76
CA ASP A 956 12.81 -20.61 25.81
C ASP A 956 13.60 -21.91 25.84
N SER A 957 12.88 -23.03 26.00
CA SER A 957 13.48 -24.36 26.08
C SER A 957 14.51 -24.45 27.21
N TRP A 958 14.20 -23.81 28.34
CA TRP A 958 15.06 -23.86 29.52
C TRP A 958 14.62 -25.03 30.38
N ASP A 959 15.38 -26.11 30.34
CA ASP A 959 15.02 -27.33 31.07
C ASP A 959 16.19 -27.87 31.89
N LEU A 960 16.05 -29.09 32.40
CA LEU A 960 16.99 -29.59 33.39
C LEU A 960 18.35 -29.91 32.80
N ASP A 961 18.41 -30.31 31.53
CA ASP A 961 19.71 -30.63 30.93
C ASP A 961 20.58 -29.39 30.82
N ASP A 962 20.00 -28.27 30.38
CA ASP A 962 20.76 -27.03 30.28
C ASP A 962 21.20 -26.55 31.66
N ALA A 963 20.35 -26.71 32.67
CA ALA A 963 20.74 -26.36 34.04
C ALA A 963 21.87 -27.25 34.52
N GLN A 964 21.84 -28.54 34.16
CA GLN A 964 22.93 -29.44 34.53
C GLN A 964 24.25 -29.00 33.90
N VAL A 965 24.21 -28.63 32.62
CA VAL A 965 25.42 -28.12 31.97
C VAL A 965 25.90 -26.83 32.65
N VAL A 966 24.96 -25.94 32.99
CA VAL A 966 25.33 -24.68 33.61
C VAL A 966 26.03 -24.93 34.94
N CYS A 967 25.47 -25.82 35.76
CA CYS A 967 26.07 -26.09 37.05
C CYS A 967 27.21 -27.08 36.96
N GLN A 968 27.48 -27.59 35.76
CA GLN A 968 28.71 -28.35 35.51
C GLN A 968 29.85 -27.38 35.23
N GLN A 969 29.57 -26.35 34.42
CA GLN A 969 30.60 -25.32 34.15
C GLN A 969 31.03 -24.71 35.49
N LEU A 970 30.07 -24.20 36.26
CA LEU A 970 30.38 -23.63 37.57
C LEU A 970 30.65 -24.82 38.48
N GLY A 971 31.57 -24.66 39.41
CA GLY A 971 31.83 -25.80 40.28
C GLY A 971 30.88 -25.90 41.45
N CYS A 972 29.61 -26.21 41.17
CA CYS A 972 28.64 -26.46 42.22
C CYS A 972 27.99 -27.83 42.19
N GLY A 973 28.22 -28.65 41.17
CA GLY A 973 27.69 -29.99 41.17
C GLY A 973 26.38 -30.14 40.40
N PRO A 974 25.64 -31.21 40.71
CA PRO A 974 24.41 -31.49 39.95
C PRO A 974 23.30 -30.50 40.23
N ALA A 975 22.52 -30.20 39.19
CA ALA A 975 21.37 -29.32 39.28
C ALA A 975 20.11 -30.10 39.62
N LEU A 976 19.09 -29.38 40.10
CA LEU A 976 17.81 -29.99 40.44
C LEU A 976 16.58 -29.25 39.93
N LYS A 977 16.74 -28.06 39.33
CA LYS A 977 15.58 -27.31 38.87
C LYS A 977 16.05 -26.18 37.95
N ALA A 978 15.19 -25.84 37.00
CA ALA A 978 15.39 -24.69 36.12
C ALA A 978 14.17 -23.78 36.22
N PHE A 979 14.41 -22.47 36.24
CA PHE A 979 13.39 -21.47 36.51
C PHE A 979 13.08 -20.68 35.25
N LYS A 980 11.88 -20.09 35.21
CA LYS A 980 11.44 -19.33 34.05
C LYS A 980 10.82 -18.00 34.48
N GLU A 981 10.90 -17.02 33.58
CA GLU A 981 10.19 -15.74 33.73
C GLU A 981 10.74 -14.91 34.89
N ALA A 982 12.07 -14.85 34.99
CA ALA A 982 12.77 -13.94 35.90
C ALA A 982 12.33 -14.12 37.35
N GLU A 983 12.53 -15.33 37.86
CA GLU A 983 12.14 -15.64 39.23
C GLU A 983 13.00 -14.87 40.23
N PHE A 984 14.30 -14.77 39.98
CA PHE A 984 15.22 -14.13 40.92
C PHE A 984 15.42 -12.65 40.64
N GLY A 985 14.72 -12.10 39.66
CA GLY A 985 14.83 -10.68 39.36
C GLY A 985 15.10 -10.40 37.90
N GLN A 986 14.49 -9.34 37.38
CA GLN A 986 14.69 -8.98 35.98
C GLN A 986 16.11 -8.48 35.75
N GLY A 987 16.70 -8.89 34.63
CA GLY A 987 18.10 -8.64 34.36
C GLY A 987 18.34 -7.30 33.68
N THR A 988 19.59 -7.13 33.24
CA THR A 988 20.06 -5.90 32.65
C THR A 988 21.04 -6.20 31.54
N GLY A 989 20.90 -5.51 30.43
CA GLY A 989 21.83 -5.66 29.32
C GLY A 989 21.21 -6.37 28.13
N PRO A 990 22.05 -6.84 27.23
CA PRO A 990 21.57 -7.61 26.08
C PRO A 990 21.21 -9.04 26.46
N ILE A 991 20.76 -9.79 25.46
CA ILE A 991 20.43 -11.21 25.59
C ILE A 991 21.25 -11.98 24.56
N TRP A 992 21.98 -13.00 25.03
CA TRP A 992 22.91 -13.72 24.16
C TRP A 992 22.39 -15.07 23.68
N LEU A 993 21.92 -15.92 24.60
CA LEU A 993 21.56 -17.29 24.27
C LEU A 993 20.06 -17.47 24.19
N ASN A 994 19.62 -18.30 23.24
CA ASN A 994 18.22 -18.62 23.05
C ASN A 994 18.07 -20.05 22.57
N GLU A 995 17.04 -20.73 23.07
CA GLU A 995 16.69 -22.08 22.66
C GLU A 995 17.88 -23.03 22.80
N VAL A 996 18.52 -22.98 23.95
CA VAL A 996 19.64 -23.88 24.22
C VAL A 996 19.13 -25.32 24.31
N LYS A 997 19.84 -26.23 23.66
CA LYS A 997 19.43 -27.62 23.50
C LYS A 997 20.57 -28.56 23.89
N CYS A 998 21.15 -28.35 25.06
CA CYS A 998 22.21 -29.22 25.55
C CYS A 998 21.73 -30.66 25.65
N LYS A 999 22.63 -31.60 25.33
CA LYS A 999 22.32 -33.00 25.49
C LYS A 999 22.39 -33.46 26.94
N GLY A 1000 23.00 -32.67 27.82
CA GLY A 1000 23.12 -33.01 29.22
C GLY A 1000 24.51 -33.36 29.70
N ASN A 1001 25.47 -33.54 28.79
CA ASN A 1001 26.83 -33.91 29.17
C ASN A 1001 27.90 -33.04 28.51
N GLU A 1002 27.52 -31.91 27.90
CA GLU A 1002 28.51 -31.05 27.27
C GLU A 1002 29.40 -30.40 28.31
N SER A 1003 30.68 -30.25 27.97
CA SER A 1003 31.64 -29.67 28.91
C SER A 1003 31.33 -28.20 29.18
N SER A 1004 31.00 -27.44 28.14
CA SER A 1004 30.77 -26.01 28.27
C SER A 1004 29.39 -25.65 27.73
N LEU A 1005 28.69 -24.77 28.43
CA LEU A 1005 27.37 -24.31 27.92
C LEU A 1005 27.57 -23.73 26.52
N TRP A 1006 28.71 -23.09 26.27
CA TRP A 1006 28.98 -22.45 24.96
C TRP A 1006 29.45 -23.52 23.97
N ASP A 1007 29.22 -24.80 24.28
CA ASP A 1007 29.52 -25.89 23.31
C ASP A 1007 28.17 -26.36 22.79
N CYS A 1008 27.10 -26.10 23.55
CA CYS A 1008 25.77 -26.47 23.12
C CYS A 1008 25.25 -25.56 21.99
N PRO A 1009 24.32 -26.08 21.18
CA PRO A 1009 23.68 -25.24 20.16
C PRO A 1009 22.72 -24.23 20.77
N ALA A 1010 22.60 -23.07 20.10
CA ALA A 1010 21.67 -22.01 20.48
C ALA A 1010 21.80 -20.89 19.46
N ARG A 1011 20.81 -19.98 19.50
CA ARG A 1011 20.83 -18.78 18.63
C ARG A 1011 21.86 -17.84 19.23
N ARG A 1012 23.12 -18.12 18.94
CA ARG A 1012 24.23 -17.38 19.57
C ARG A 1012 24.36 -15.95 19.08
N TRP A 1013 24.92 -15.09 19.91
CA TRP A 1013 25.23 -13.70 19.55
C TRP A 1013 23.97 -12.91 19.20
N GLY A 1014 23.04 -12.87 20.15
CA GLY A 1014 21.87 -12.06 19.99
C GLY A 1014 20.79 -12.75 19.17
N HIS A 1015 19.99 -11.95 18.47
CA HIS A 1015 18.91 -12.42 17.60
C HIS A 1015 17.80 -13.03 18.46
N SER A 1016 18.06 -13.20 19.76
CA SER A 1016 17.08 -13.73 20.68
C SER A 1016 15.89 -12.78 20.79
N GLU A 1017 14.74 -13.21 20.27
CA GLU A 1017 13.53 -12.42 20.27
C GLU A 1017 12.80 -12.42 21.60
N CYS A 1018 13.53 -12.13 22.68
CA CYS A 1018 13.02 -12.16 24.03
C CYS A 1018 13.29 -10.83 24.73
N GLY A 1019 12.31 -10.36 25.49
CA GLY A 1019 12.52 -9.25 26.38
C GLY A 1019 13.25 -9.70 27.62
N HIS A 1020 13.36 -8.78 28.59
CA HIS A 1020 14.03 -9.11 29.85
C HIS A 1020 13.11 -9.71 30.89
N LYS A 1021 11.82 -9.87 30.59
CA LYS A 1021 10.96 -10.64 31.47
C LYS A 1021 11.12 -12.14 31.28
N GLU A 1022 11.95 -12.57 30.33
CA GLU A 1022 12.19 -13.98 30.05
C GLU A 1022 13.57 -14.45 30.49
N ASP A 1023 14.19 -13.76 31.45
CA ASP A 1023 15.53 -14.11 31.88
C ASP A 1023 15.52 -15.43 32.66
N ALA A 1024 16.43 -16.32 32.30
CA ALA A 1024 16.49 -17.64 32.89
C ALA A 1024 17.18 -17.62 34.25
N ALA A 1025 17.03 -18.71 34.99
CA ALA A 1025 17.63 -18.84 36.31
C ALA A 1025 17.76 -20.32 36.65
N VAL A 1026 18.72 -20.61 37.53
CA VAL A 1026 19.00 -21.99 37.93
C VAL A 1026 19.16 -22.05 39.44
N ASN A 1027 18.64 -23.12 40.03
CA ASN A 1027 18.91 -23.51 41.41
C ASN A 1027 19.69 -24.81 41.40
N CYS A 1028 20.62 -24.96 42.32
CA CYS A 1028 21.52 -26.10 42.28
C CYS A 1028 21.88 -26.55 43.69
N THR A 1029 22.37 -27.79 43.77
CA THR A 1029 22.79 -28.36 45.04
C THR A 1029 24.10 -27.73 45.48
N ASP A 1030 24.11 -27.16 46.68
CA ASP A 1030 25.31 -26.52 47.22
C ASP A 1030 26.41 -27.54 47.47
N LEU B 264 -36.90 33.35 -47.67
CA LEU B 264 -36.18 32.39 -46.84
C LEU B 264 -36.89 31.04 -46.85
N SER B 265 -36.11 29.96 -47.00
CA SER B 265 -36.67 28.63 -46.99
C SER B 265 -35.61 27.64 -46.55
N LEU B 266 -36.07 26.53 -45.97
CA LEU B 266 -35.26 25.46 -45.43
C LEU B 266 -35.33 24.20 -46.27
N ARG B 267 -34.32 23.34 -46.09
CA ARG B 267 -34.22 22.11 -46.88
C ARG B 267 -33.23 21.20 -46.19
N LEU B 268 -33.30 19.91 -46.51
CA LEU B 268 -32.31 18.94 -46.10
C LEU B 268 -31.67 18.34 -47.34
N VAL B 269 -30.38 18.02 -47.22
CA VAL B 269 -29.60 17.50 -48.34
C VAL B 269 -28.78 16.30 -47.87
N ASP B 270 -28.55 15.40 -48.82
CA ASP B 270 -27.70 14.21 -48.71
C ASP B 270 -27.79 13.58 -47.32
N GLY B 271 -29.01 13.20 -46.97
CA GLY B 271 -29.27 12.39 -45.81
C GLY B 271 -29.59 10.97 -46.21
N VAL B 272 -30.66 10.42 -45.62
CA VAL B 272 -31.13 9.09 -45.99
C VAL B 272 -32.62 9.05 -46.26
N THR B 273 -33.39 10.04 -45.85
CA THR B 273 -34.80 10.19 -46.23
C THR B 273 -35.06 11.65 -46.49
N GLU B 274 -36.35 12.01 -46.57
CA GLU B 274 -36.73 13.41 -46.69
C GLU B 274 -36.54 14.17 -45.40
N CYS B 275 -36.38 13.48 -44.28
CA CYS B 275 -36.28 14.11 -42.97
C CYS B 275 -35.01 13.71 -42.25
N SER B 276 -33.89 13.68 -42.97
CA SER B 276 -32.60 13.38 -42.37
C SER B 276 -31.50 13.99 -43.22
N GLY B 277 -30.41 14.39 -42.56
CA GLY B 277 -29.25 14.89 -43.26
C GLY B 277 -28.90 16.32 -42.94
N ARG B 278 -28.13 16.95 -43.83
CA ARG B 278 -27.63 18.30 -43.59
C ARG B 278 -28.73 19.32 -43.82
N LEU B 279 -28.75 20.36 -43.00
CA LEU B 279 -29.78 21.38 -43.06
C LEU B 279 -29.27 22.62 -43.76
N GLU B 280 -30.10 23.22 -44.60
CA GLU B 280 -29.71 24.39 -45.35
C GLU B 280 -30.84 25.43 -45.35
N VAL B 281 -30.44 26.69 -45.46
CA VAL B 281 -31.33 27.84 -45.46
C VAL B 281 -30.93 28.76 -46.62
N ARG B 282 -31.92 29.32 -47.29
CA ARG B 282 -31.65 30.27 -48.37
C ARG B 282 -31.85 31.69 -47.87
N PHE B 283 -30.83 32.52 -48.06
CA PHE B 283 -30.89 33.92 -47.65
C PHE B 283 -30.34 34.77 -48.78
N GLN B 284 -31.03 35.87 -49.07
CA GLN B 284 -30.70 36.79 -50.17
C GLN B 284 -30.63 36.09 -51.52
N GLY B 285 -31.14 34.87 -51.61
CA GLY B 285 -31.11 34.13 -52.85
C GLY B 285 -29.98 33.13 -52.94
N GLU B 286 -29.18 32.94 -51.90
CA GLU B 286 -28.07 32.01 -51.95
C GLU B 286 -28.26 30.98 -50.85
N TRP B 287 -27.75 29.78 -51.08
CA TRP B 287 -28.04 28.64 -50.22
C TRP B 287 -26.88 28.38 -49.27
N GLY B 288 -27.11 28.57 -47.97
CA GLY B 288 -26.06 28.34 -46.99
C GLY B 288 -26.47 27.43 -45.86
N THR B 289 -25.59 27.24 -44.88
CA THR B 289 -25.79 26.28 -43.81
C THR B 289 -25.81 26.96 -42.46
N ILE B 290 -26.19 26.18 -41.44
CA ILE B 290 -26.23 26.65 -40.06
C ILE B 290 -25.04 26.03 -39.32
N CYS B 291 -24.59 26.72 -38.27
CA CYS B 291 -23.45 26.28 -37.49
C CYS B 291 -23.89 25.33 -36.38
N ASP B 292 -22.93 24.52 -35.91
CA ASP B 292 -23.23 23.48 -34.95
C ASP B 292 -23.44 24.05 -33.55
N ASP B 293 -22.69 25.08 -33.18
CA ASP B 293 -22.78 25.61 -31.83
C ASP B 293 -24.18 26.14 -31.52
N GLY B 294 -24.67 25.81 -30.33
CA GLY B 294 -26.01 26.18 -29.92
C GLY B 294 -27.10 25.26 -30.42
N TRP B 295 -26.76 24.22 -31.16
CA TRP B 295 -27.74 23.30 -31.76
C TRP B 295 -28.12 22.25 -30.73
N ASP B 296 -29.30 22.40 -30.14
CA ASP B 296 -29.82 21.47 -29.14
C ASP B 296 -31.07 20.79 -29.70
N SER B 297 -31.67 19.93 -28.86
CA SER B 297 -32.85 19.19 -29.28
C SER B 297 -34.03 20.11 -29.52
N TYR B 298 -34.15 21.21 -28.76
CA TYR B 298 -35.24 22.14 -28.97
C TYR B 298 -35.17 22.78 -30.35
N ASP B 299 -33.96 23.13 -30.78
CA ASP B 299 -33.78 23.71 -32.12
C ASP B 299 -34.16 22.70 -33.20
N ALA B 300 -33.80 21.43 -33.02
CA ALA B 300 -34.18 20.41 -33.98
C ALA B 300 -35.69 20.24 -34.02
N ALA B 301 -36.34 20.31 -32.85
CA ALA B 301 -37.79 20.23 -32.80
C ALA B 301 -38.42 21.38 -33.56
N VAL B 302 -37.90 22.59 -33.39
CA VAL B 302 -38.41 23.75 -34.12
C VAL B 302 -38.21 23.56 -35.62
N ALA B 303 -37.03 23.10 -36.01
CA ALA B 303 -36.71 22.96 -37.42
C ALA B 303 -37.64 21.94 -38.08
N CYS B 304 -37.87 20.81 -37.42
CA CYS B 304 -38.77 19.80 -37.98
C CYS B 304 -40.23 20.20 -37.87
N LYS B 305 -40.58 21.10 -36.95
CA LYS B 305 -41.91 21.68 -36.97
C LYS B 305 -42.10 22.55 -38.20
N GLN B 306 -41.09 23.35 -38.54
CA GLN B 306 -41.18 24.18 -39.75
C GLN B 306 -41.29 23.32 -41.00
N LEU B 307 -40.54 22.23 -41.05
CA LEU B 307 -40.58 21.32 -42.18
C LEU B 307 -41.74 20.35 -42.06
N GLY B 308 -42.01 19.63 -43.14
CA GLY B 308 -43.05 18.62 -43.13
C GLY B 308 -42.55 17.27 -42.68
N CYS B 309 -42.23 17.15 -41.39
CA CYS B 309 -41.61 15.94 -40.86
C CYS B 309 -42.22 15.61 -39.50
N PRO B 310 -42.25 14.33 -39.13
CA PRO B 310 -42.76 13.97 -37.81
C PRO B 310 -41.87 14.50 -36.71
N THR B 311 -42.49 14.80 -35.56
CA THR B 311 -41.80 15.41 -34.43
C THR B 311 -41.75 14.50 -33.22
N ALA B 312 -41.99 13.20 -33.39
CA ALA B 312 -41.94 12.30 -32.25
C ALA B 312 -40.53 12.20 -31.68
N VAL B 313 -39.55 11.94 -32.52
CA VAL B 313 -38.14 11.96 -32.15
C VAL B 313 -37.42 12.92 -33.08
N THR B 314 -36.76 13.92 -32.49
CA THR B 314 -36.07 14.97 -33.23
C THR B 314 -34.66 15.07 -32.67
N ALA B 315 -33.67 14.52 -33.38
CA ALA B 315 -32.31 14.48 -32.88
C ALA B 315 -31.38 15.30 -33.79
N ILE B 316 -30.39 15.91 -33.16
CA ILE B 316 -29.40 16.71 -33.88
C ILE B 316 -28.32 15.78 -34.43
N GLY B 317 -27.72 16.16 -35.53
CA GLY B 317 -26.67 15.35 -36.13
C GLY B 317 -26.73 15.37 -37.65
N ARG B 318 -25.60 15.03 -38.26
CA ARG B 318 -25.51 15.00 -39.71
C ARG B 318 -25.37 13.61 -40.28
N VAL B 319 -26.40 12.77 -40.11
CA VAL B 319 -26.35 11.42 -40.62
C VAL B 319 -25.95 11.42 -42.08
N ASN B 320 -24.92 10.65 -42.42
CA ASN B 320 -24.56 10.30 -43.79
C ASN B 320 -24.04 11.49 -44.58
N ALA B 321 -24.04 12.69 -44.01
CA ALA B 321 -23.76 13.91 -44.76
C ALA B 321 -22.27 14.25 -44.73
N SER B 322 -21.78 14.75 -45.85
CA SER B 322 -20.40 15.20 -45.99
C SER B 322 -20.30 16.69 -45.66
N LYS B 323 -19.07 17.20 -45.66
CA LYS B 323 -18.81 18.62 -45.44
C LYS B 323 -19.62 19.46 -46.42
N GLY B 324 -20.34 20.45 -45.88
CA GLY B 324 -21.16 21.31 -46.70
C GLY B 324 -20.32 22.26 -47.53
N PHE B 325 -21.03 23.05 -48.35
CA PHE B 325 -20.39 24.02 -49.22
C PHE B 325 -21.26 25.27 -49.31
N GLY B 326 -20.63 26.43 -49.22
CA GLY B 326 -21.33 27.68 -49.37
C GLY B 326 -21.08 28.59 -48.18
N HIS B 327 -21.96 29.57 -48.02
CA HIS B 327 -21.86 30.53 -46.95
C HIS B 327 -22.48 29.97 -45.67
N ILE B 328 -22.04 30.49 -44.54
CA ILE B 328 -22.64 30.18 -43.24
C ILE B 328 -23.52 31.37 -42.86
N TRP B 329 -24.80 31.12 -42.61
CA TRP B 329 -25.74 32.21 -42.45
C TRP B 329 -26.30 32.36 -41.05
N LEU B 330 -26.21 31.35 -40.20
CA LEU B 330 -26.73 31.49 -38.85
C LEU B 330 -25.89 30.68 -37.88
N ASP B 331 -25.88 31.11 -36.63
CA ASP B 331 -25.13 30.46 -35.57
C ASP B 331 -25.73 30.88 -34.24
N SER B 332 -25.42 30.11 -33.20
CA SER B 332 -25.90 30.38 -31.85
C SER B 332 -27.42 30.51 -31.81
N VAL B 333 -28.09 29.63 -32.54
CA VAL B 333 -29.55 29.58 -32.50
C VAL B 333 -30.00 29.18 -31.10
N SER B 334 -30.94 29.94 -30.54
CA SER B 334 -31.35 29.79 -29.16
C SER B 334 -32.87 29.70 -29.07
N CYS B 335 -33.46 28.83 -29.88
CA CYS B 335 -34.90 28.64 -29.86
C CYS B 335 -35.35 28.00 -28.55
N GLN B 336 -36.63 28.18 -28.23
CA GLN B 336 -37.22 27.67 -27.00
C GLN B 336 -38.33 26.65 -27.25
N GLY B 337 -38.61 26.30 -28.51
CA GLY B 337 -39.71 25.42 -28.82
C GLY B 337 -41.07 26.08 -28.82
N HIS B 338 -41.13 27.41 -28.80
CA HIS B 338 -42.39 28.14 -28.74
C HIS B 338 -42.56 29.06 -29.95
N GLU B 339 -41.79 28.83 -31.01
CA GLU B 339 -41.77 29.69 -32.19
C GLU B 339 -42.08 28.85 -33.44
N PRO B 340 -42.60 29.47 -34.49
CA PRO B 340 -42.99 28.71 -35.68
C PRO B 340 -41.90 28.53 -36.73
N ALA B 341 -40.71 29.08 -36.52
CA ALA B 341 -39.65 28.96 -37.52
C ALA B 341 -38.29 29.06 -36.83
N ILE B 342 -37.27 28.58 -37.54
CA ILE B 342 -35.91 28.61 -37.01
C ILE B 342 -35.40 30.05 -36.93
N TRP B 343 -35.87 30.93 -37.80
CA TRP B 343 -35.36 32.29 -37.89
C TRP B 343 -36.19 33.31 -37.12
N GLN B 344 -37.25 32.88 -36.44
CA GLN B 344 -37.95 33.72 -35.48
C GLN B 344 -37.32 33.66 -34.09
N CYS B 345 -36.24 32.91 -33.92
CA CYS B 345 -35.60 32.76 -32.61
C CYS B 345 -34.64 33.93 -32.38
N LYS B 346 -33.82 33.83 -31.33
CA LYS B 346 -32.87 34.88 -30.98
C LYS B 346 -31.51 34.62 -31.62
N HIS B 347 -31.51 34.62 -32.95
CA HIS B 347 -30.27 34.45 -33.69
C HIS B 347 -29.35 35.64 -33.47
N HIS B 348 -28.05 35.41 -33.65
CA HIS B 348 -27.06 36.42 -33.27
C HIS B 348 -27.11 37.62 -34.23
N GLU B 349 -26.75 37.39 -35.50
CA GLU B 349 -26.82 38.41 -36.54
C GLU B 349 -26.45 37.75 -37.87
N TRP B 350 -27.09 38.18 -38.96
CA TRP B 350 -26.93 37.51 -40.24
C TRP B 350 -25.49 37.59 -40.73
N GLY B 351 -24.86 36.44 -40.89
CA GLY B 351 -23.48 36.38 -41.38
C GLY B 351 -22.48 37.12 -40.54
N LYS B 352 -22.60 37.02 -39.21
CA LYS B 352 -21.81 37.83 -38.29
C LYS B 352 -20.85 37.01 -37.44
N HIS B 353 -20.52 35.79 -37.86
CA HIS B 353 -19.64 34.95 -37.06
C HIS B 353 -18.95 33.95 -37.97
N TYR B 354 -18.13 33.09 -37.36
CA TYR B 354 -17.30 32.15 -38.10
C TYR B 354 -17.47 30.75 -37.53
N CYS B 355 -17.66 29.79 -38.43
CA CYS B 355 -17.61 28.37 -38.11
C CYS B 355 -17.03 27.67 -39.32
N ASN B 356 -16.08 26.76 -39.10
CA ASN B 356 -15.52 26.01 -40.20
C ASN B 356 -16.56 25.04 -40.75
N HIS B 357 -16.28 24.49 -41.94
CA HIS B 357 -17.29 23.70 -42.63
C HIS B 357 -17.45 22.29 -42.10
N ASN B 358 -16.62 21.85 -41.15
CA ASN B 358 -16.79 20.54 -40.56
C ASN B 358 -17.90 20.51 -39.51
N GLU B 359 -18.43 21.65 -39.09
CA GLU B 359 -19.48 21.71 -38.09
C GLU B 359 -20.75 22.35 -38.62
N ASP B 360 -21.09 22.04 -39.87
CA ASP B 360 -22.38 22.42 -40.41
C ASP B 360 -23.49 21.55 -39.83
N ALA B 361 -24.64 22.18 -39.56
CA ALA B 361 -25.70 21.54 -38.79
C ALA B 361 -26.42 20.46 -39.60
N GLY B 362 -27.12 19.59 -38.88
CA GLY B 362 -27.94 18.56 -39.50
C GLY B 362 -29.00 18.07 -38.54
N VAL B 363 -30.02 17.41 -39.08
CA VAL B 363 -31.10 16.87 -38.27
C VAL B 363 -31.46 15.46 -38.70
N THR B 364 -32.08 14.73 -37.78
CA THR B 364 -32.75 13.46 -38.08
C THR B 364 -34.05 13.39 -37.31
N CYS B 365 -35.15 13.23 -38.02
CA CYS B 365 -36.47 13.25 -37.43
C CYS B 365 -37.23 11.99 -37.80
N SER B 366 -37.97 11.45 -36.84
CA SER B 366 -38.69 10.20 -37.05
C SER B 366 -39.94 10.18 -36.18
N ASP B 367 -40.88 9.31 -36.55
CA ASP B 367 -42.07 9.06 -35.76
C ASP B 367 -41.85 8.01 -34.67
N GLY B 368 -40.64 7.48 -34.55
CA GLY B 368 -40.33 6.46 -33.58
C GLY B 368 -40.55 5.04 -34.04
N SER B 369 -40.95 4.83 -35.29
CA SER B 369 -41.28 3.50 -35.77
C SER B 369 -40.10 2.76 -36.38
N ASP B 370 -38.95 3.41 -36.57
CA ASP B 370 -37.83 2.75 -37.23
C ASP B 370 -36.50 3.06 -36.56
N LEU B 371 -36.51 3.25 -35.25
CA LEU B 371 -35.31 3.52 -34.45
C LEU B 371 -35.03 2.27 -33.63
N GLU B 372 -33.95 1.56 -33.95
CA GLU B 372 -33.70 0.27 -33.34
C GLU B 372 -32.29 0.21 -32.76
N LEU B 373 -32.14 -0.63 -31.75
CA LEU B 373 -30.88 -0.81 -31.04
C LEU B 373 -30.67 -2.29 -30.80
N ARG B 374 -29.45 -2.78 -31.05
CA ARG B 374 -29.17 -4.18 -30.80
C ARG B 374 -27.69 -4.38 -30.55
N LEU B 375 -27.37 -5.38 -29.75
CA LEU B 375 -25.98 -5.72 -29.45
C LEU B 375 -25.54 -6.86 -30.36
N ARG B 376 -24.39 -6.69 -31.01
CA ARG B 376 -23.86 -7.68 -31.92
C ARG B 376 -22.43 -8.01 -31.56
N GLY B 377 -22.04 -9.26 -31.83
CA GLY B 377 -20.69 -9.69 -31.56
C GLY B 377 -20.46 -10.14 -30.13
N GLY B 378 -21.30 -11.05 -29.65
CA GLY B 378 -21.18 -11.55 -28.30
C GLY B 378 -21.84 -12.90 -28.18
N GLY B 379 -21.82 -13.43 -26.95
CA GLY B 379 -22.40 -14.74 -26.69
C GLY B 379 -23.91 -14.76 -26.68
N SER B 380 -24.55 -13.61 -26.48
CA SER B 380 -26.00 -13.54 -26.41
C SER B 380 -26.44 -12.13 -26.81
N ARG B 381 -27.76 -11.93 -26.88
CA ARG B 381 -28.31 -10.65 -27.28
C ARG B 381 -27.99 -9.53 -26.30
N CYS B 382 -27.56 -9.86 -25.08
CA CYS B 382 -27.31 -8.86 -24.04
C CYS B 382 -25.82 -8.63 -23.81
N ALA B 383 -24.98 -8.94 -24.79
CA ALA B 383 -23.56 -8.69 -24.69
C ALA B 383 -22.99 -8.48 -26.08
N GLY B 384 -22.33 -7.35 -26.30
CA GLY B 384 -21.71 -7.08 -27.57
C GLY B 384 -21.49 -5.58 -27.78
N THR B 385 -21.12 -5.25 -29.00
CA THR B 385 -21.07 -3.86 -29.43
C THR B 385 -22.48 -3.36 -29.71
N VAL B 386 -22.75 -2.13 -29.29
CA VAL B 386 -24.05 -1.51 -29.55
C VAL B 386 -24.11 -1.03 -30.99
N GLU B 387 -25.15 -1.42 -31.69
CA GLU B 387 -25.41 -0.97 -33.05
C GLU B 387 -26.78 -0.33 -33.09
N VAL B 388 -26.83 0.89 -33.64
CA VAL B 388 -28.05 1.69 -33.74
C VAL B 388 -28.44 1.77 -35.20
N GLU B 389 -29.69 1.45 -35.49
CA GLU B 389 -30.25 1.53 -36.83
C GLU B 389 -31.28 2.65 -36.84
N ILE B 390 -30.94 3.76 -37.49
CA ILE B 390 -31.81 4.91 -37.63
C ILE B 390 -32.12 5.08 -39.10
N GLN B 391 -33.41 5.00 -39.45
CA GLN B 391 -33.86 5.17 -40.82
C GLN B 391 -33.10 4.26 -41.78
N ARG B 392 -32.94 3.00 -41.37
CA ARG B 392 -32.27 1.95 -42.15
C ARG B 392 -30.78 2.23 -42.36
N LEU B 393 -30.18 3.12 -41.58
CA LEU B 393 -28.73 3.33 -41.58
C LEU B 393 -28.17 2.78 -40.27
N LEU B 394 -27.16 1.93 -40.38
CA LEU B 394 -26.64 1.18 -39.23
C LEU B 394 -25.27 1.71 -38.85
N GLY B 395 -25.08 1.98 -37.56
CA GLY B 395 -23.81 2.49 -37.07
C GLY B 395 -23.56 2.13 -35.62
N LYS B 396 -22.48 2.64 -35.03
CA LYS B 396 -22.07 2.31 -33.68
C LYS B 396 -22.28 3.52 -32.77
N VAL B 397 -21.87 3.37 -31.51
CA VAL B 397 -21.92 4.42 -30.51
C VAL B 397 -20.52 4.60 -29.94
N CYS B 398 -20.09 5.85 -29.84
CA CYS B 398 -18.72 6.16 -29.43
C CYS B 398 -18.67 6.45 -27.94
N ASP B 399 -17.55 6.07 -27.33
CA ASP B 399 -17.34 6.21 -25.89
C ASP B 399 -17.09 7.67 -25.54
N ARG B 400 -18.14 8.36 -25.11
CA ARG B 400 -18.04 9.74 -24.63
C ARG B 400 -18.83 9.81 -23.31
N GLY B 401 -18.13 9.59 -22.20
CA GLY B 401 -18.80 9.45 -20.93
C GLY B 401 -19.60 8.16 -20.82
N TRP B 402 -19.20 7.13 -21.56
CA TRP B 402 -19.94 5.87 -21.62
C TRP B 402 -19.58 5.01 -20.40
N GLY B 403 -20.27 5.28 -19.30
CA GLY B 403 -20.10 4.52 -18.09
C GLY B 403 -21.20 3.48 -17.89
N LEU B 404 -21.14 2.81 -16.74
CA LEU B 404 -22.20 1.88 -16.37
C LEU B 404 -23.51 2.61 -16.17
N LYS B 405 -23.45 3.84 -15.67
CA LYS B 405 -24.64 4.66 -15.50
C LYS B 405 -25.31 4.95 -16.84
N GLU B 406 -24.51 5.23 -17.87
CA GLU B 406 -25.05 5.32 -19.23
C GLU B 406 -25.54 3.97 -19.73
N ALA B 407 -24.82 2.90 -19.40
CA ALA B 407 -25.09 1.57 -19.96
C ALA B 407 -26.39 0.97 -19.44
N ASP B 408 -26.80 1.33 -18.23
CA ASP B 408 -28.01 0.76 -17.66
C ASP B 408 -29.23 1.13 -18.49
N VAL B 409 -29.24 2.32 -19.11
CA VAL B 409 -30.35 2.70 -19.98
C VAL B 409 -30.49 1.73 -21.14
N VAL B 410 -29.36 1.40 -21.77
CA VAL B 410 -29.39 0.46 -22.89
C VAL B 410 -29.83 -0.92 -22.43
N CYS B 411 -29.28 -1.39 -21.30
CA CYS B 411 -29.68 -2.71 -20.82
C CYS B 411 -31.16 -2.77 -20.49
N ARG B 412 -31.70 -1.72 -19.88
CA ARG B 412 -33.12 -1.67 -19.58
C ARG B 412 -33.96 -1.63 -20.86
N GLN B 413 -33.51 -0.86 -21.85
CA GLN B 413 -34.24 -0.79 -23.11
C GLN B 413 -34.30 -2.14 -23.80
N LEU B 414 -33.17 -2.87 -23.80
CA LEU B 414 -33.17 -4.20 -24.41
C LEU B 414 -33.92 -5.22 -23.56
N GLY B 415 -34.06 -4.97 -22.26
CA GLY B 415 -34.71 -5.90 -21.38
C GLY B 415 -33.79 -6.86 -20.65
N CYS B 416 -32.49 -6.62 -20.65
CA CYS B 416 -31.51 -7.49 -20.00
C CYS B 416 -30.98 -6.80 -18.75
N GLY B 417 -31.63 -7.09 -17.61
CA GLY B 417 -31.15 -6.71 -16.30
C GLY B 417 -30.47 -5.37 -16.14
N SER B 418 -29.30 -5.37 -15.51
CA SER B 418 -28.51 -4.15 -15.29
C SER B 418 -27.09 -4.38 -15.78
N ALA B 419 -26.46 -3.30 -16.24
CA ALA B 419 -25.13 -3.39 -16.80
C ALA B 419 -24.08 -3.63 -15.73
N LEU B 420 -23.05 -4.40 -16.09
CA LEU B 420 -21.98 -4.73 -15.18
C LEU B 420 -20.63 -4.19 -15.62
N LYS B 421 -20.19 -4.50 -16.85
CA LYS B 421 -18.91 -4.00 -17.33
C LYS B 421 -19.00 -3.73 -18.82
N THR B 422 -18.05 -2.94 -19.31
CA THR B 422 -18.03 -2.51 -20.72
C THR B 422 -17.01 -3.37 -21.48
N SER B 423 -17.43 -4.58 -21.82
CA SER B 423 -16.58 -5.51 -22.58
C SER B 423 -17.41 -6.72 -22.97
N TYR B 424 -17.04 -7.32 -24.10
CA TYR B 424 -17.62 -8.57 -24.56
C TYR B 424 -16.50 -9.60 -24.64
N GLN B 425 -16.81 -10.78 -25.16
CA GLN B 425 -15.76 -11.79 -25.33
C GLN B 425 -15.56 -12.20 -26.78
N VAL B 426 -16.61 -12.63 -27.49
CA VAL B 426 -16.44 -13.47 -28.67
C VAL B 426 -16.91 -12.70 -29.91
N TYR B 427 -16.46 -13.19 -31.07
CA TYR B 427 -16.99 -12.84 -32.39
C TYR B 427 -16.84 -11.34 -32.67
N SER B 428 -15.57 -10.93 -32.80
CA SER B 428 -15.26 -9.56 -33.20
C SER B 428 -15.59 -9.28 -34.65
N LYS B 429 -16.07 -10.28 -35.40
CA LYS B 429 -16.42 -10.14 -36.81
C LYS B 429 -17.72 -9.36 -36.95
N ILE B 430 -17.63 -8.05 -36.76
CA ILE B 430 -18.77 -7.14 -36.91
C ILE B 430 -18.50 -6.23 -38.10
N GLN B 431 -19.53 -6.03 -38.93
CA GLN B 431 -19.39 -5.17 -40.09
C GLN B 431 -19.11 -3.73 -39.66
N ALA B 432 -18.13 -3.12 -40.29
CA ALA B 432 -17.67 -1.80 -39.92
C ALA B 432 -18.44 -0.73 -40.69
N THR B 433 -18.64 0.42 -40.03
CA THR B 433 -19.33 1.55 -40.63
C THR B 433 -18.69 2.84 -40.15
N ASN B 434 -18.98 3.93 -40.87
CA ASN B 434 -18.36 5.21 -40.61
C ASN B 434 -19.29 6.21 -39.93
N THR B 435 -20.53 5.83 -39.65
CA THR B 435 -21.48 6.70 -38.96
C THR B 435 -21.51 6.35 -37.48
N TRP B 436 -21.53 7.38 -36.64
CA TRP B 436 -21.42 7.20 -35.20
C TRP B 436 -22.51 7.98 -34.48
N LEU B 437 -22.82 7.51 -33.26
CA LEU B 437 -23.81 8.13 -32.39
C LEU B 437 -23.11 8.61 -31.13
N PHE B 438 -23.40 9.84 -30.72
CA PHE B 438 -22.72 10.50 -29.61
C PHE B 438 -23.73 10.84 -28.52
N LEU B 439 -23.48 10.35 -27.31
CA LEU B 439 -24.32 10.61 -26.16
C LEU B 439 -23.68 11.69 -25.30
N SER B 440 -24.49 12.67 -24.88
CA SER B 440 -23.97 13.74 -24.04
C SER B 440 -23.91 13.30 -22.58
N SER B 441 -25.07 13.04 -21.98
CA SER B 441 -25.16 12.60 -20.59
C SER B 441 -26.57 12.13 -20.31
N CYS B 442 -26.71 10.96 -19.70
CA CYS B 442 -28.01 10.42 -19.33
C CYS B 442 -27.99 10.02 -17.86
N ASN B 443 -29.17 10.03 -17.24
CA ASN B 443 -29.27 9.85 -15.80
C ASN B 443 -29.22 8.39 -15.36
N GLY B 444 -29.20 7.43 -16.28
CA GLY B 444 -29.39 6.04 -15.87
C GLY B 444 -30.79 5.73 -15.41
N ASN B 445 -31.73 6.63 -15.66
CA ASN B 445 -33.08 6.57 -15.13
C ASN B 445 -34.12 6.38 -16.22
N GLU B 446 -33.73 6.46 -17.48
CA GLU B 446 -34.66 6.49 -18.58
C GLU B 446 -34.99 5.08 -19.06
N THR B 447 -36.10 4.98 -19.80
CA THR B 447 -36.55 3.69 -20.33
C THR B 447 -35.99 3.38 -21.70
N SER B 448 -35.65 4.42 -22.47
CA SER B 448 -35.06 4.21 -23.80
C SER B 448 -33.94 5.21 -23.99
N LEU B 449 -32.90 4.78 -24.72
CA LEU B 449 -31.81 5.67 -25.06
C LEU B 449 -32.28 6.85 -25.89
N TRP B 450 -33.39 6.71 -26.61
CA TRP B 450 -33.93 7.83 -27.37
C TRP B 450 -34.46 8.94 -26.48
N ASP B 451 -34.67 8.65 -25.19
CA ASP B 451 -35.12 9.65 -24.23
C ASP B 451 -33.95 10.36 -23.57
N CYS B 452 -32.73 9.92 -23.82
CA CYS B 452 -31.56 10.57 -23.29
C CYS B 452 -31.41 11.95 -23.94
N LYS B 453 -30.99 12.93 -23.14
CA LYS B 453 -30.97 14.32 -23.62
C LYS B 453 -29.79 14.57 -24.55
N ASN B 454 -30.09 15.14 -25.73
CA ASN B 454 -29.10 15.65 -26.66
C ASN B 454 -28.11 14.55 -27.09
N TRP B 455 -28.63 13.54 -27.78
CA TRP B 455 -27.82 12.55 -28.45
C TRP B 455 -27.66 12.92 -29.92
N GLN B 456 -26.42 12.91 -30.39
CA GLN B 456 -26.09 13.39 -31.73
C GLN B 456 -25.87 12.21 -32.66
N TRP B 457 -26.50 12.26 -33.83
CA TRP B 457 -26.41 11.19 -34.83
C TRP B 457 -25.52 11.63 -35.97
N GLY B 458 -24.37 10.97 -36.11
CA GLY B 458 -23.49 11.22 -37.23
C GLY B 458 -22.80 12.57 -37.16
N GLY B 459 -22.22 12.94 -38.30
CA GLY B 459 -21.53 14.20 -38.45
C GLY B 459 -20.11 14.16 -37.95
N LEU B 460 -19.94 14.16 -36.63
CA LEU B 460 -18.60 14.08 -36.06
C LEU B 460 -18.07 12.65 -36.16
N THR B 461 -16.75 12.54 -36.22
CA THR B 461 -16.06 11.27 -36.15
C THR B 461 -15.11 11.29 -34.96
N CYS B 462 -14.96 10.14 -34.31
CA CYS B 462 -14.15 10.04 -33.10
C CYS B 462 -13.00 9.07 -33.35
N ASP B 463 -11.78 9.58 -33.28
CA ASP B 463 -10.59 8.76 -33.23
C ASP B 463 -9.96 8.88 -31.85
N HIS B 464 -9.06 7.94 -31.55
CA HIS B 464 -8.54 7.70 -30.21
C HIS B 464 -9.62 7.20 -29.25
N TYR B 465 -10.77 6.79 -29.78
CA TYR B 465 -11.91 6.38 -28.97
C TYR B 465 -12.63 5.27 -29.71
N GLU B 466 -12.91 4.17 -29.00
CA GLU B 466 -13.36 2.94 -29.61
C GLU B 466 -14.88 2.83 -29.49
N GLU B 467 -15.42 1.72 -30.00
CA GLU B 467 -16.85 1.48 -29.95
C GLU B 467 -17.29 1.16 -28.51
N ALA B 468 -18.58 1.37 -28.26
CA ALA B 468 -19.14 1.09 -26.95
C ALA B 468 -19.47 -0.39 -26.81
N LYS B 469 -19.19 -0.94 -25.64
CA LYS B 469 -19.32 -2.36 -25.38
C LYS B 469 -20.27 -2.56 -24.21
N ILE B 470 -20.93 -3.72 -24.19
CA ILE B 470 -21.95 -4.00 -23.17
C ILE B 470 -21.90 -5.47 -22.83
N THR B 471 -22.09 -5.78 -21.55
CA THR B 471 -22.54 -7.11 -21.12
C THR B 471 -23.49 -6.91 -19.94
N CYS B 472 -24.77 -7.07 -20.20
CA CYS B 472 -25.79 -6.91 -19.17
C CYS B 472 -25.82 -8.13 -18.26
N SER B 473 -26.58 -8.03 -17.18
CA SER B 473 -26.62 -9.09 -16.19
C SER B 473 -27.32 -10.34 -16.70
N ALA B 474 -28.28 -10.19 -17.61
CA ALA B 474 -29.04 -11.31 -18.13
C ALA B 474 -28.27 -12.14 -19.13
N HIS B 475 -26.96 -11.93 -19.26
CA HIS B 475 -26.15 -12.70 -20.18
C HIS B 475 -26.08 -14.17 -19.76
N ARG B 476 -25.80 -14.43 -18.50
CA ARG B 476 -25.57 -15.79 -18.00
C ARG B 476 -26.28 -16.00 -16.67
N GLU B 477 -27.55 -15.66 -16.61
CA GLU B 477 -28.30 -15.76 -15.35
C GLU B 477 -28.30 -17.19 -14.83
N PRO B 478 -27.89 -17.43 -13.59
CA PRO B 478 -27.99 -18.76 -13.00
C PRO B 478 -29.29 -18.95 -12.22
N ARG B 479 -29.63 -20.23 -12.02
CA ARG B 479 -30.87 -20.59 -11.36
C ARG B 479 -30.76 -21.99 -10.80
N LEU B 480 -31.40 -22.21 -9.65
CA LEU B 480 -31.48 -23.52 -9.02
C LEU B 480 -32.92 -24.01 -9.13
N VAL B 481 -33.11 -25.21 -9.67
CA VAL B 481 -34.41 -25.65 -10.14
C VAL B 481 -35.10 -26.59 -9.16
N GLY B 482 -34.41 -27.61 -8.68
CA GLY B 482 -35.08 -28.60 -7.84
C GLY B 482 -34.30 -29.07 -6.63
N GLY B 483 -34.88 -28.90 -5.45
CA GLY B 483 -34.23 -29.32 -4.23
C GLY B 483 -35.18 -29.27 -3.06
N ASP B 484 -34.85 -30.02 -2.02
CA ASP B 484 -35.68 -30.09 -0.82
C ASP B 484 -35.52 -28.87 0.07
N ILE B 485 -34.43 -28.15 -0.04
CA ILE B 485 -34.12 -27.03 0.85
C ILE B 485 -33.93 -25.78 0.00
N PRO B 486 -34.09 -24.59 0.59
CA PRO B 486 -34.22 -23.38 -0.23
C PRO B 486 -33.11 -23.11 -1.24
N CYS B 487 -31.84 -23.36 -0.90
CA CYS B 487 -30.76 -22.89 -1.76
C CYS B 487 -29.90 -24.01 -2.32
N SER B 488 -30.53 -25.05 -2.85
CA SER B 488 -29.78 -26.14 -3.47
C SER B 488 -30.54 -26.66 -4.67
N GLY B 489 -29.84 -27.39 -5.52
CA GLY B 489 -30.45 -28.08 -6.63
C GLY B 489 -29.56 -28.07 -7.85
N ARG B 490 -30.16 -28.45 -8.98
CA ARG B 490 -29.44 -28.49 -10.24
C ARG B 490 -29.20 -27.08 -10.75
N VAL B 491 -28.04 -26.86 -11.37
CA VAL B 491 -27.63 -25.54 -11.82
C VAL B 491 -28.09 -25.35 -13.26
N GLU B 492 -28.66 -24.19 -13.54
CA GLU B 492 -29.11 -23.84 -14.87
C GLU B 492 -28.64 -22.43 -15.19
N VAL B 493 -28.36 -22.18 -16.47
CA VAL B 493 -27.92 -20.87 -16.94
C VAL B 493 -28.77 -20.48 -18.12
N LYS B 494 -29.09 -19.19 -18.20
CA LYS B 494 -29.91 -18.66 -19.29
C LYS B 494 -29.01 -17.98 -20.31
N HIS B 495 -28.95 -18.58 -21.50
CA HIS B 495 -28.31 -17.98 -22.67
C HIS B 495 -29.39 -17.15 -23.34
N GLY B 496 -29.44 -15.87 -22.99
CA GLY B 496 -30.34 -14.98 -23.70
C GLY B 496 -31.77 -15.33 -23.34
N ASP B 497 -32.52 -15.84 -24.31
CA ASP B 497 -33.90 -16.26 -24.07
C ASP B 497 -34.05 -17.72 -23.65
N THR B 498 -32.99 -18.54 -23.70
CA THR B 498 -33.17 -19.97 -23.51
C THR B 498 -32.42 -20.51 -22.29
N TRP B 499 -33.05 -21.45 -21.58
CA TRP B 499 -32.49 -22.07 -20.39
C TRP B 499 -31.75 -23.35 -20.74
N GLY B 500 -30.58 -23.55 -20.16
CA GLY B 500 -29.81 -24.77 -20.39
C GLY B 500 -29.00 -25.16 -19.18
N SER B 501 -28.81 -26.46 -19.02
CA SER B 501 -28.04 -26.99 -17.90
C SER B 501 -26.55 -26.99 -18.24
N ILE B 502 -25.74 -27.35 -17.24
CA ILE B 502 -24.28 -27.27 -17.33
C ILE B 502 -23.70 -28.66 -17.09
N CYS B 503 -22.69 -29.01 -17.90
CA CYS B 503 -21.98 -30.26 -17.70
C CYS B 503 -21.21 -30.23 -16.39
N ASP B 504 -20.99 -31.41 -15.81
CA ASP B 504 -20.16 -31.49 -14.61
C ASP B 504 -18.69 -31.23 -14.89
N SER B 505 -18.27 -31.34 -16.16
CA SER B 505 -16.87 -31.13 -16.49
C SER B 505 -16.49 -29.65 -16.42
N ASP B 506 -17.34 -28.79 -16.99
CA ASP B 506 -17.04 -27.37 -17.09
C ASP B 506 -17.67 -26.59 -15.94
N PHE B 507 -17.09 -26.81 -14.75
CA PHE B 507 -17.50 -26.11 -13.55
C PHE B 507 -16.38 -26.21 -12.52
N SER B 508 -16.44 -25.36 -11.51
CA SER B 508 -15.41 -25.31 -10.48
C SER B 508 -15.99 -24.69 -9.23
N LEU B 509 -15.22 -24.77 -8.15
CA LEU B 509 -15.67 -24.20 -6.87
C LEU B 509 -15.88 -22.70 -6.98
N GLU B 510 -15.01 -22.01 -7.73
CA GLU B 510 -15.18 -20.58 -7.93
C GLU B 510 -16.47 -20.29 -8.68
N ALA B 511 -16.78 -21.09 -9.70
CA ALA B 511 -18.02 -20.89 -10.44
C ALA B 511 -19.24 -21.03 -9.54
N ALA B 512 -19.24 -22.06 -8.69
CA ALA B 512 -20.34 -22.23 -7.74
C ALA B 512 -20.40 -21.07 -6.75
N SER B 513 -19.25 -20.59 -6.31
CA SER B 513 -19.23 -19.48 -5.36
C SER B 513 -19.85 -18.23 -5.96
N VAL B 514 -19.46 -17.88 -7.19
CA VAL B 514 -20.05 -16.70 -7.81
C VAL B 514 -21.52 -16.93 -8.14
N LEU B 515 -21.90 -18.17 -8.48
CA LEU B 515 -23.31 -18.46 -8.75
C LEU B 515 -24.15 -18.24 -7.52
N CYS B 516 -23.71 -18.75 -6.37
CA CYS B 516 -24.48 -18.56 -5.14
C CYS B 516 -24.37 -17.15 -4.59
N ARG B 517 -23.33 -16.40 -4.97
CA ARG B 517 -23.30 -14.98 -4.64
C ARG B 517 -24.33 -14.22 -5.45
N GLU B 518 -24.50 -14.58 -6.72
CA GLU B 518 -25.50 -13.91 -7.55
C GLU B 518 -26.91 -14.19 -7.04
N LEU B 519 -27.18 -15.41 -6.63
CA LEU B 519 -28.51 -15.80 -6.18
C LEU B 519 -28.77 -15.44 -4.72
N GLN B 520 -27.78 -14.90 -4.02
CA GLN B 520 -27.89 -14.57 -2.59
C GLN B 520 -28.22 -15.82 -1.77
N CYS B 521 -27.32 -16.81 -1.86
CA CYS B 521 -27.45 -18.04 -1.11
C CYS B 521 -26.21 -18.37 -0.28
N GLY B 522 -25.29 -17.43 -0.11
CA GLY B 522 -24.14 -17.64 0.73
C GLY B 522 -23.02 -18.38 0.03
N THR B 523 -21.99 -18.70 0.80
CA THR B 523 -20.83 -19.40 0.27
C THR B 523 -21.18 -20.85 -0.06
N VAL B 524 -20.45 -21.41 -1.03
CA VAL B 524 -20.74 -22.76 -1.49
C VAL B 524 -20.38 -23.76 -0.40
N VAL B 525 -21.25 -24.74 -0.21
CA VAL B 525 -20.97 -25.82 0.74
C VAL B 525 -20.89 -27.19 0.08
N SER B 526 -21.42 -27.38 -1.13
CA SER B 526 -21.31 -28.68 -1.78
C SER B 526 -21.50 -28.51 -3.28
N ILE B 527 -20.63 -29.15 -4.05
CA ILE B 527 -20.80 -29.29 -5.49
C ILE B 527 -20.87 -30.77 -5.81
N LEU B 528 -21.90 -31.18 -6.54
CA LEU B 528 -22.22 -32.59 -6.73
C LEU B 528 -22.26 -32.91 -8.21
N GLY B 529 -21.54 -33.96 -8.60
CA GLY B 529 -21.61 -34.46 -9.96
C GLY B 529 -22.74 -35.46 -10.15
N GLY B 530 -23.02 -35.77 -11.42
CA GLY B 530 -24.11 -36.65 -11.74
C GLY B 530 -25.45 -36.00 -11.52
N ALA B 531 -26.52 -36.58 -12.08
CA ALA B 531 -27.84 -36.01 -11.90
C ALA B 531 -28.33 -36.29 -10.49
N HIS B 532 -27.71 -35.62 -9.51
CA HIS B 532 -28.05 -35.87 -8.11
C HIS B 532 -29.45 -35.37 -7.77
N PHE B 533 -29.87 -34.28 -8.39
CA PHE B 533 -31.21 -33.73 -8.17
C PHE B 533 -32.17 -34.06 -9.30
N GLY B 534 -31.75 -34.85 -10.28
CA GLY B 534 -32.61 -35.23 -11.38
C GLY B 534 -32.15 -34.74 -12.73
N GLU B 535 -32.30 -35.58 -13.75
CA GLU B 535 -31.92 -35.19 -15.11
C GLU B 535 -32.92 -34.18 -15.67
N GLY B 536 -32.40 -33.18 -16.37
CA GLY B 536 -33.23 -32.13 -16.93
C GLY B 536 -33.78 -32.48 -18.30
N ASN B 537 -34.51 -31.52 -18.87
CA ASN B 537 -35.09 -31.64 -20.20
C ASN B 537 -34.90 -30.31 -20.92
N GLY B 538 -33.80 -30.18 -21.64
CA GLY B 538 -33.49 -28.94 -22.34
C GLY B 538 -32.13 -29.02 -23.00
N GLN B 539 -31.67 -27.88 -23.46
CA GLN B 539 -30.38 -27.81 -24.13
C GLN B 539 -29.25 -27.95 -23.13
N ILE B 540 -28.12 -28.48 -23.60
CA ILE B 540 -26.92 -28.67 -22.78
C ILE B 540 -25.81 -27.84 -23.42
N TRP B 541 -25.23 -26.94 -22.63
CA TRP B 541 -24.11 -26.14 -23.10
C TRP B 541 -22.80 -26.84 -22.84
N ALA B 542 -21.78 -26.44 -23.61
CA ALA B 542 -20.38 -26.85 -23.37
C ALA B 542 -19.55 -25.57 -23.36
N GLU B 543 -19.52 -24.91 -22.21
CA GLU B 543 -18.83 -23.63 -22.06
C GLU B 543 -18.06 -23.66 -20.75
N GLU B 544 -16.73 -23.72 -20.84
CA GLU B 544 -15.89 -23.83 -19.66
C GLU B 544 -15.81 -22.47 -18.96
N PHE B 545 -16.23 -22.44 -17.70
CA PHE B 545 -16.08 -21.24 -16.90
C PHE B 545 -14.69 -21.20 -16.27
N GLN B 546 -14.04 -20.05 -16.33
CA GLN B 546 -12.70 -19.84 -15.80
C GLN B 546 -12.69 -18.67 -14.83
N CYS B 547 -13.66 -18.68 -13.90
CA CYS B 547 -13.85 -17.56 -13.01
C CYS B 547 -12.65 -17.39 -12.07
N GLU B 548 -12.31 -16.13 -11.80
CA GLU B 548 -11.27 -15.84 -10.81
C GLU B 548 -11.79 -16.06 -9.40
N GLY B 549 -13.06 -15.77 -9.15
CA GLY B 549 -13.68 -15.99 -7.86
C GLY B 549 -14.17 -14.76 -7.16
N HIS B 550 -13.83 -13.56 -7.63
CA HIS B 550 -14.29 -12.32 -7.01
C HIS B 550 -15.43 -11.66 -7.76
N GLU B 551 -15.89 -12.25 -8.86
CA GLU B 551 -16.93 -11.63 -9.67
C GLU B 551 -18.27 -11.67 -8.94
N SER B 552 -19.04 -10.60 -9.10
CA SER B 552 -20.38 -10.54 -8.53
C SER B 552 -21.40 -11.33 -9.34
N HIS B 553 -21.10 -11.67 -10.58
CA HIS B 553 -22.03 -12.37 -11.43
C HIS B 553 -21.30 -13.37 -12.33
N LEU B 554 -22.06 -14.34 -12.84
CA LEU B 554 -21.51 -15.25 -13.83
C LEU B 554 -21.27 -14.58 -15.17
N SER B 555 -21.95 -13.46 -15.44
CA SER B 555 -21.75 -12.75 -16.70
C SER B 555 -20.32 -12.23 -16.80
N LEU B 556 -19.77 -11.74 -15.70
CA LEU B 556 -18.40 -11.22 -15.70
C LEU B 556 -17.36 -12.32 -15.81
N CYS B 557 -17.75 -13.58 -15.68
CA CYS B 557 -16.79 -14.67 -15.73
C CYS B 557 -16.28 -14.87 -17.15
N PRO B 558 -14.98 -14.82 -17.39
CA PRO B 558 -14.47 -15.23 -18.70
C PRO B 558 -14.75 -16.70 -18.92
N VAL B 559 -15.23 -17.01 -20.13
CA VAL B 559 -15.63 -18.36 -20.49
C VAL B 559 -14.87 -18.79 -21.74
N ALA B 560 -14.25 -19.95 -21.67
CA ALA B 560 -13.57 -20.50 -22.84
C ALA B 560 -14.59 -20.88 -23.91
N PRO B 561 -14.22 -20.78 -25.18
CA PRO B 561 -15.16 -21.11 -26.25
C PRO B 561 -15.57 -22.57 -26.21
N ARG B 562 -16.63 -22.88 -26.94
CA ARG B 562 -17.15 -24.24 -26.95
C ARG B 562 -16.17 -25.19 -27.63
N PRO B 563 -16.01 -26.40 -27.12
CA PRO B 563 -15.23 -27.42 -27.84
C PRO B 563 -16.10 -28.09 -28.89
N GLU B 564 -15.51 -29.07 -29.57
CA GLU B 564 -16.23 -29.85 -30.57
C GLU B 564 -17.01 -31.02 -29.98
N GLY B 565 -16.81 -31.33 -28.70
CA GLY B 565 -17.50 -32.42 -28.06
C GLY B 565 -18.72 -31.96 -27.29
N THR B 566 -19.62 -32.90 -27.02
CA THR B 566 -20.85 -32.64 -26.27
C THR B 566 -21.03 -33.69 -25.19
N CYS B 567 -21.72 -33.32 -24.13
CA CYS B 567 -21.96 -34.22 -23.01
C CYS B 567 -23.24 -35.03 -23.24
N SER B 568 -23.48 -35.96 -22.32
CA SER B 568 -24.78 -36.61 -22.21
C SER B 568 -25.63 -35.84 -21.21
N HIS B 569 -26.96 -35.94 -21.36
CA HIS B 569 -27.85 -35.16 -20.53
C HIS B 569 -27.78 -35.57 -19.06
N SER B 570 -27.30 -36.77 -18.77
CA SER B 570 -27.19 -37.27 -17.39
C SER B 570 -25.91 -36.78 -16.69
N ARG B 571 -25.26 -35.74 -17.22
CA ARG B 571 -24.03 -35.22 -16.64
C ARG B 571 -24.21 -33.82 -16.07
N ASP B 572 -25.41 -33.51 -15.59
CA ASP B 572 -25.67 -32.21 -14.99
C ASP B 572 -24.95 -32.09 -13.64
N VAL B 573 -24.69 -30.84 -13.25
CA VAL B 573 -23.97 -30.54 -12.02
C VAL B 573 -24.90 -29.81 -11.07
N GLY B 574 -24.84 -30.18 -9.79
CA GLY B 574 -25.69 -29.58 -8.78
C GLY B 574 -24.92 -28.86 -7.70
N VAL B 575 -25.59 -27.95 -7.00
CA VAL B 575 -24.94 -27.10 -6.01
C VAL B 575 -25.84 -27.00 -4.78
N VAL B 576 -25.24 -27.12 -3.59
CA VAL B 576 -25.90 -26.88 -2.32
C VAL B 576 -25.12 -25.78 -1.61
N CYS B 577 -25.83 -24.78 -1.09
CA CYS B 577 -25.19 -23.59 -0.53
C CYS B 577 -25.69 -23.34 0.89
N SER B 578 -25.09 -22.33 1.53
CA SER B 578 -25.17 -22.16 2.97
C SER B 578 -26.57 -21.80 3.45
N ARG B 579 -27.21 -20.83 2.82
CA ARG B 579 -28.46 -20.26 3.34
C ARG B 579 -29.63 -21.20 3.07
N TYR B 580 -29.86 -22.14 3.98
CA TYR B 580 -30.95 -23.09 3.87
C TYR B 580 -31.86 -23.09 5.10
N THR B 581 -31.78 -22.06 5.93
CA THR B 581 -32.51 -22.02 7.19
C THR B 581 -33.86 -21.35 6.97
N GLU B 582 -34.94 -22.11 7.16
CA GLU B 582 -36.30 -21.60 7.03
C GLU B 582 -36.83 -21.23 8.41
N ILE B 583 -37.06 -19.94 8.64
CA ILE B 583 -37.60 -19.46 9.91
C ILE B 583 -38.76 -18.51 9.62
N ARG B 584 -39.82 -18.64 10.40
CA ARG B 584 -41.01 -17.82 10.29
C ARG B 584 -41.42 -17.32 11.67
N LEU B 585 -42.32 -16.35 11.68
CA LEU B 585 -42.97 -15.90 12.90
C LEU B 585 -44.47 -16.13 12.79
N VAL B 586 -45.05 -16.72 13.82
CA VAL B 586 -46.44 -17.17 13.80
C VAL B 586 -47.15 -16.65 15.05
N ASN B 587 -48.48 -16.73 15.01
CA ASN B 587 -49.34 -16.37 16.15
C ASN B 587 -49.14 -14.92 16.56
N GLY B 588 -48.95 -14.04 15.59
CA GLY B 588 -48.72 -12.64 15.89
C GLY B 588 -49.75 -11.72 15.27
N LYS B 589 -49.87 -10.51 15.84
CA LYS B 589 -50.80 -9.53 15.29
C LYS B 589 -50.35 -9.06 13.91
N THR B 590 -49.05 -8.91 13.72
CA THR B 590 -48.46 -8.45 12.47
C THR B 590 -47.39 -9.42 12.04
N PRO B 591 -47.03 -9.43 10.75
CA PRO B 591 -45.97 -10.34 10.30
C PRO B 591 -44.61 -10.08 10.93
N CYS B 592 -44.38 -8.90 11.49
CA CYS B 592 -43.09 -8.54 12.08
C CYS B 592 -43.01 -8.81 13.57
N GLU B 593 -44.03 -9.44 14.15
CA GLU B 593 -44.03 -9.78 15.57
C GLU B 593 -44.63 -11.16 15.73
N GLY B 594 -44.00 -12.01 16.53
CA GLY B 594 -44.58 -13.32 16.79
C GLY B 594 -43.56 -14.32 17.28
N ARG B 595 -44.01 -15.57 17.34
CA ARG B 595 -43.22 -16.68 17.86
C ARG B 595 -42.39 -17.31 16.74
N VAL B 596 -41.16 -17.67 17.06
CA VAL B 596 -40.21 -18.19 16.09
C VAL B 596 -40.52 -19.66 15.81
N GLU B 597 -40.58 -20.02 14.53
CA GLU B 597 -40.75 -21.41 14.12
C GLU B 597 -39.73 -21.72 13.05
N LEU B 598 -39.05 -22.86 13.18
CA LEU B 598 -37.94 -23.21 12.30
C LEU B 598 -38.20 -24.56 11.65
N LYS B 599 -37.93 -24.64 10.36
CA LYS B 599 -38.10 -25.87 9.60
C LYS B 599 -36.78 -26.63 9.52
N THR B 600 -36.79 -27.88 9.94
CA THR B 600 -35.60 -28.72 9.88
C THR B 600 -36.05 -30.17 9.84
N LEU B 601 -35.47 -30.95 8.94
CA LEU B 601 -35.68 -32.37 8.76
C LEU B 601 -37.07 -32.71 8.23
N GLY B 602 -37.93 -31.72 8.02
CA GLY B 602 -39.21 -31.98 7.41
C GLY B 602 -40.43 -31.49 8.17
N ALA B 603 -40.22 -30.89 9.34
CA ALA B 603 -41.33 -30.42 10.15
C ALA B 603 -41.02 -29.07 10.75
N TRP B 604 -42.07 -28.30 11.02
CA TRP B 604 -41.95 -27.04 11.72
C TRP B 604 -41.89 -27.27 13.22
N GLY B 605 -41.55 -26.23 13.96
CA GLY B 605 -41.52 -26.32 15.41
C GLY B 605 -41.00 -25.05 16.02
N SER B 606 -41.22 -24.94 17.33
CA SER B 606 -40.83 -23.76 18.09
C SER B 606 -39.34 -23.83 18.45
N LEU B 607 -38.83 -22.70 18.94
CA LEU B 607 -37.40 -22.55 19.21
C LEU B 607 -37.20 -22.17 20.67
N CYS B 608 -36.28 -22.88 21.34
CA CYS B 608 -35.97 -22.60 22.72
C CYS B 608 -35.14 -21.33 22.84
N ASN B 609 -35.19 -20.71 24.02
CA ASN B 609 -34.49 -19.47 24.28
C ASN B 609 -33.34 -19.64 25.27
N SER B 610 -32.76 -20.84 25.31
CA SER B 610 -31.60 -21.07 26.18
C SER B 610 -30.43 -20.18 25.76
N HIS B 611 -30.21 -20.06 24.46
CA HIS B 611 -29.15 -19.20 23.92
C HIS B 611 -29.71 -18.23 22.89
N TRP B 612 -30.99 -17.89 23.00
CA TRP B 612 -31.62 -16.91 22.12
C TRP B 612 -31.54 -15.54 22.77
N ASP B 613 -30.92 -14.59 22.06
CA ASP B 613 -30.72 -13.26 22.59
C ASP B 613 -31.01 -12.23 21.49
N ILE B 614 -30.75 -10.96 21.80
CA ILE B 614 -31.08 -9.88 20.89
C ILE B 614 -30.21 -9.95 19.64
N GLU B 615 -28.96 -10.37 19.79
CA GLU B 615 -28.04 -10.41 18.66
C GLU B 615 -28.53 -11.34 17.57
N ASP B 616 -29.25 -12.41 17.94
CA ASP B 616 -29.83 -13.31 16.94
C ASP B 616 -31.16 -12.77 16.40
N ALA B 617 -31.93 -12.10 17.25
CA ALA B 617 -33.19 -11.52 16.80
C ALA B 617 -32.97 -10.43 15.76
N HIS B 618 -31.86 -9.70 15.85
CA HIS B 618 -31.55 -8.71 14.83
C HIS B 618 -31.42 -9.37 13.46
N VAL B 619 -30.67 -10.47 13.40
CA VAL B 619 -30.49 -11.18 12.13
C VAL B 619 -31.80 -11.79 11.66
N LEU B 620 -32.60 -12.30 12.60
CA LEU B 620 -33.87 -12.91 12.23
C LEU B 620 -34.81 -11.88 11.60
N CYS B 621 -34.93 -10.71 12.22
CA CYS B 621 -35.79 -9.68 11.66
C CYS B 621 -35.18 -8.99 10.45
N GLN B 622 -33.86 -9.13 10.25
CA GLN B 622 -33.28 -8.69 9.00
C GLN B 622 -33.51 -9.69 7.88
N GLN B 623 -33.72 -10.96 8.20
CA GLN B 623 -34.08 -11.95 7.19
C GLN B 623 -35.44 -11.63 6.57
N LEU B 624 -36.42 -11.32 7.40
CA LEU B 624 -37.78 -11.06 6.95
C LEU B 624 -38.02 -9.59 6.62
N LYS B 625 -36.99 -8.76 6.67
CA LYS B 625 -37.08 -7.35 6.30
C LYS B 625 -38.07 -6.61 7.20
N CYS B 626 -37.89 -6.76 8.51
CA CYS B 626 -38.73 -6.08 9.49
C CYS B 626 -37.96 -5.10 10.37
N GLY B 627 -36.70 -4.83 10.06
CA GLY B 627 -35.95 -3.83 10.78
C GLY B 627 -35.27 -4.36 12.03
N VAL B 628 -34.72 -3.41 12.79
CA VAL B 628 -33.98 -3.73 14.00
C VAL B 628 -34.92 -4.32 15.05
N ALA B 629 -34.46 -5.38 15.72
CA ALA B 629 -35.27 -6.05 16.72
C ALA B 629 -35.51 -5.15 17.92
N LEU B 630 -36.70 -5.25 18.50
CA LEU B 630 -37.09 -4.44 19.65
C LEU B 630 -36.91 -5.18 20.96
N SER B 631 -37.50 -6.36 21.11
CA SER B 631 -37.42 -7.11 22.35
C SER B 631 -37.68 -8.58 22.07
N THR B 632 -37.42 -9.41 23.08
CA THR B 632 -37.66 -10.84 23.03
C THR B 632 -38.54 -11.19 24.23
N PRO B 633 -39.86 -11.17 24.06
CA PRO B 633 -40.75 -11.48 25.19
C PRO B 633 -40.51 -12.89 25.72
N GLY B 634 -40.51 -13.01 27.04
CA GLY B 634 -40.22 -14.26 27.70
C GLY B 634 -41.45 -15.16 27.83
N GLY B 635 -41.22 -16.32 28.43
CA GLY B 635 -42.30 -17.29 28.60
C GLY B 635 -42.86 -17.72 27.26
N ALA B 636 -44.18 -17.60 27.13
CA ALA B 636 -44.88 -17.91 25.88
C ALA B 636 -45.90 -16.81 25.59
N ARG B 637 -45.42 -15.56 25.59
CA ARG B 637 -46.32 -14.41 25.50
C ARG B 637 -47.20 -14.47 24.25
N PHE B 638 -46.67 -14.99 23.14
CA PHE B 638 -47.44 -15.11 21.91
C PHE B 638 -47.98 -16.53 21.71
N GLY B 639 -47.79 -17.43 22.67
CA GLY B 639 -48.33 -18.77 22.54
C GLY B 639 -47.37 -19.87 22.94
N LYS B 640 -47.89 -20.85 23.68
CA LYS B 640 -47.09 -22.00 24.06
C LYS B 640 -46.88 -22.94 22.89
N GLY B 641 -45.90 -23.82 23.03
CA GLY B 641 -45.65 -24.81 21.99
C GLY B 641 -46.75 -25.84 21.92
N ASN B 642 -47.02 -26.31 20.71
CA ASN B 642 -48.07 -27.29 20.45
C ASN B 642 -47.57 -28.38 19.52
N GLY B 643 -46.30 -28.77 19.68
CA GLY B 643 -45.72 -29.79 18.84
C GLY B 643 -44.25 -30.03 19.10
N GLN B 644 -43.45 -30.10 18.04
CA GLN B 644 -42.03 -30.35 18.17
C GLN B 644 -41.31 -29.07 18.57
N ILE B 645 -40.28 -29.22 19.40
CA ILE B 645 -39.47 -28.10 19.87
C ILE B 645 -38.04 -28.34 19.40
N TRP B 646 -37.54 -27.43 18.56
CA TRP B 646 -36.16 -27.49 18.11
C TRP B 646 -35.25 -26.77 19.09
N ARG B 647 -34.11 -27.38 19.38
CA ARG B 647 -33.22 -26.92 20.43
C ARG B 647 -31.97 -26.22 19.89
N HIS B 648 -32.09 -25.62 18.71
CA HIS B 648 -30.94 -24.98 18.08
C HIS B 648 -30.53 -23.75 18.87
N MET B 649 -29.23 -23.62 19.14
CA MET B 649 -28.66 -22.45 19.78
C MET B 649 -27.94 -21.65 18.71
N PHE B 650 -28.47 -20.46 18.40
CA PHE B 650 -27.86 -19.57 17.42
C PHE B 650 -26.90 -18.63 18.14
N HIS B 651 -25.71 -18.45 17.57
CA HIS B 651 -24.69 -17.62 18.18
C HIS B 651 -24.31 -16.48 17.25
N CYS B 652 -25.32 -15.81 16.69
CA CYS B 652 -25.07 -14.74 15.74
C CYS B 652 -24.26 -13.61 16.38
N THR B 653 -23.28 -13.11 15.64
CA THR B 653 -22.58 -11.90 16.06
C THR B 653 -23.51 -10.70 16.04
N GLY B 654 -24.40 -10.63 15.06
CA GLY B 654 -25.32 -9.51 14.89
C GLY B 654 -25.19 -8.81 13.56
N THR B 655 -24.07 -8.98 12.85
CA THR B 655 -23.85 -8.32 11.58
C THR B 655 -24.20 -9.18 10.37
N GLU B 656 -24.49 -10.46 10.56
CA GLU B 656 -24.86 -11.30 9.43
C GLU B 656 -26.26 -10.97 8.94
N GLN B 657 -26.47 -11.13 7.64
CA GLN B 657 -27.70 -10.73 6.96
C GLN B 657 -28.74 -11.82 6.94
N HIS B 658 -28.41 -13.03 7.40
CA HIS B 658 -29.31 -14.17 7.31
C HIS B 658 -28.82 -15.23 8.29
N MET B 659 -29.78 -15.95 8.87
CA MET B 659 -29.45 -16.90 9.94
C MET B 659 -28.52 -18.02 9.48
N GLY B 660 -28.47 -18.30 8.18
CA GLY B 660 -27.57 -19.32 7.68
C GLY B 660 -26.10 -18.94 7.76
N ASP B 661 -25.80 -17.65 7.80
CA ASP B 661 -24.43 -17.21 7.95
C ASP B 661 -23.92 -17.36 9.37
N CYS B 662 -24.82 -17.35 10.34
CA CYS B 662 -24.43 -17.46 11.75
C CYS B 662 -23.89 -18.84 12.06
N PRO B 663 -23.03 -18.96 13.07
CA PRO B 663 -22.67 -20.29 13.57
C PRO B 663 -23.82 -20.89 14.36
N VAL B 664 -24.16 -22.13 14.02
CA VAL B 664 -25.31 -22.82 14.60
C VAL B 664 -24.83 -24.12 15.22
N THR B 665 -25.34 -24.43 16.41
CA THR B 665 -25.05 -25.69 17.08
C THR B 665 -26.36 -26.35 17.48
N ALA B 666 -26.54 -27.60 17.07
CA ALA B 666 -27.73 -28.37 17.42
C ALA B 666 -27.43 -29.73 17.99
N LEU B 667 -26.18 -30.21 17.89
CA LEU B 667 -25.83 -31.53 18.41
C LEU B 667 -25.80 -31.50 19.92
N GLY B 668 -26.42 -32.52 20.54
CA GLY B 668 -26.36 -32.65 21.98
C GLY B 668 -27.03 -31.54 22.75
N ALA B 669 -27.95 -30.80 22.13
CA ALA B 669 -28.60 -29.70 22.82
C ALA B 669 -29.46 -30.21 23.96
N SER B 670 -29.61 -29.37 24.98
CA SER B 670 -30.39 -29.71 26.16
C SER B 670 -31.85 -29.31 25.97
N LEU B 671 -32.75 -30.18 26.41
CA LEU B 671 -34.17 -29.92 26.27
C LEU B 671 -34.60 -28.75 27.16
N CYS B 672 -35.81 -28.26 26.92
CA CYS B 672 -36.38 -27.19 27.73
C CYS B 672 -37.90 -27.28 27.65
N PRO B 673 -38.61 -26.81 28.67
CA PRO B 673 -40.07 -26.99 28.67
C PRO B 673 -40.76 -26.11 27.63
N SER B 674 -42.01 -26.49 27.32
CA SER B 674 -42.78 -25.80 26.29
C SER B 674 -43.13 -24.37 26.70
N GLU B 675 -43.02 -24.03 27.98
CA GLU B 675 -43.31 -22.67 28.45
C GLU B 675 -42.08 -21.78 28.41
N GLN B 676 -41.06 -22.16 27.65
CA GLN B 676 -39.80 -21.43 27.55
C GLN B 676 -39.40 -21.28 26.10
N VAL B 677 -40.36 -20.88 25.26
CA VAL B 677 -40.18 -20.77 23.82
C VAL B 677 -39.95 -19.32 23.45
N ALA B 678 -38.94 -19.08 22.62
CA ALA B 678 -38.58 -17.73 22.23
C ALA B 678 -39.61 -17.14 21.27
N SER B 679 -39.52 -15.83 21.09
CA SER B 679 -40.39 -15.05 20.22
C SER B 679 -39.81 -13.65 20.15
N VAL B 680 -40.10 -12.94 19.05
CA VAL B 680 -39.52 -11.63 18.84
C VAL B 680 -40.59 -10.65 18.37
N ILE B 681 -40.55 -9.44 18.92
CA ILE B 681 -41.30 -8.30 18.43
C ILE B 681 -40.32 -7.32 17.82
N CYS B 682 -40.71 -6.71 16.69
CA CYS B 682 -39.79 -5.86 15.95
C CYS B 682 -40.47 -4.55 15.57
N SER B 683 -39.65 -3.57 15.22
CA SER B 683 -40.15 -2.25 14.88
C SER B 683 -41.03 -2.29 13.63
N GLY B 684 -40.61 -3.05 12.62
CA GLY B 684 -41.34 -3.10 11.38
C GLY B 684 -40.96 -2.03 10.38
N ASN B 685 -39.97 -1.20 10.68
CA ASN B 685 -39.53 -0.14 9.78
C ASN B 685 -38.24 -0.61 9.12
N GLN B 686 -38.26 -0.70 7.78
CA GLN B 686 -37.10 -1.16 7.04
C GLN B 686 -35.93 -0.20 7.22
N SER B 687 -36.19 1.10 7.17
CA SER B 687 -35.13 2.10 7.12
C SER B 687 -34.20 2.05 8.32
N GLN B 688 -34.63 1.48 9.44
CA GLN B 688 -33.76 1.34 10.58
C GLN B 688 -32.62 0.38 10.28
N THR B 689 -31.45 0.64 10.86
CA THR B 689 -30.29 -0.20 10.65
C THR B 689 -29.33 -0.12 11.84
N GLN B 718 -17.19 -8.91 19.04
CA GLN B 718 -16.00 -8.13 19.29
C GLN B 718 -14.94 -9.03 19.95
N LEU B 719 -15.00 -10.31 19.61
CA LEU B 719 -14.07 -11.30 20.13
C LEU B 719 -14.18 -12.55 19.27
N ARG B 720 -13.04 -13.19 19.00
CA ARG B 720 -13.05 -14.37 18.14
C ARG B 720 -11.87 -15.27 18.48
N LEU B 721 -11.96 -16.51 18.01
CA LEU B 721 -10.90 -17.49 18.16
C LEU B 721 -10.47 -17.97 16.78
N VAL B 722 -9.15 -18.06 16.58
CA VAL B 722 -8.60 -18.36 15.26
C VAL B 722 -7.60 -19.52 15.35
N ASN B 723 -7.44 -20.21 14.21
CA ASN B 723 -6.38 -21.18 13.97
C ASN B 723 -6.44 -22.40 14.88
N GLY B 724 -7.47 -22.50 15.73
CA GLY B 724 -7.52 -23.61 16.66
C GLY B 724 -8.38 -24.76 16.20
N GLY B 725 -9.16 -24.54 15.15
CA GLY B 725 -10.11 -25.54 14.71
C GLY B 725 -11.41 -25.39 15.47
N GLY B 726 -12.52 -25.26 14.77
CA GLY B 726 -13.77 -24.98 15.42
C GLY B 726 -13.86 -23.53 15.87
N ARG B 727 -14.95 -23.24 16.59
CA ARG B 727 -15.23 -21.89 17.04
C ARG B 727 -14.87 -21.64 18.50
N CYS B 728 -14.74 -22.70 19.31
CA CYS B 728 -14.54 -22.55 20.74
C CYS B 728 -13.17 -23.05 21.19
N ALA B 729 -12.17 -22.95 20.31
CA ALA B 729 -10.81 -23.32 20.66
C ALA B 729 -9.86 -22.64 19.69
N GLY B 730 -8.84 -21.98 20.23
CA GLY B 730 -7.83 -21.37 19.39
C GLY B 730 -7.31 -20.09 20.03
N ARG B 731 -6.54 -19.35 19.22
CA ARG B 731 -5.94 -18.11 19.67
C ARG B 731 -7.02 -17.02 19.78
N VAL B 732 -6.92 -16.22 20.84
CA VAL B 732 -7.92 -15.21 21.16
C VAL B 732 -7.57 -13.92 20.43
N GLU B 733 -8.55 -13.33 19.76
CA GLU B 733 -8.38 -12.06 19.08
C GLU B 733 -9.54 -11.13 19.43
N ILE B 734 -9.21 -9.86 19.62
CA ILE B 734 -10.17 -8.84 20.04
C ILE B 734 -10.11 -7.69 19.04
N TYR B 735 -11.28 -7.12 18.74
CA TYR B 735 -11.40 -6.05 17.75
C TYR B 735 -11.40 -4.70 18.44
N HIS B 736 -10.48 -3.84 18.03
CA HIS B 736 -10.44 -2.47 18.56
C HIS B 736 -9.68 -1.60 17.58
N GLU B 737 -10.05 -0.31 17.56
CA GLU B 737 -9.46 0.67 16.65
C GLU B 737 -9.50 0.19 15.20
N GLY B 738 -10.52 -0.57 14.85
CA GLY B 738 -10.66 -1.05 13.48
C GLY B 738 -9.74 -2.17 13.10
N SER B 739 -9.12 -2.86 14.06
CA SER B 739 -8.19 -3.94 13.75
C SER B 739 -8.34 -5.05 14.77
N TRP B 740 -7.93 -6.26 14.35
CA TRP B 740 -7.88 -7.43 15.21
C TRP B 740 -6.51 -7.52 15.86
N GLY B 741 -6.50 -7.68 17.19
CA GLY B 741 -5.27 -7.83 17.94
C GLY B 741 -5.36 -9.01 18.90
N THR B 742 -4.26 -9.25 19.59
CA THR B 742 -4.13 -10.41 20.46
C THR B 742 -4.02 -9.99 21.91
N ILE B 743 -3.97 -10.99 22.80
CA ILE B 743 -3.83 -10.79 24.24
C ILE B 743 -2.57 -11.53 24.67
N CYS B 744 -1.75 -10.86 25.50
CA CYS B 744 -0.46 -11.43 25.86
C CYS B 744 -0.63 -12.59 26.83
N ASP B 745 0.45 -13.38 26.94
CA ASP B 745 0.43 -14.60 27.74
C ASP B 745 0.53 -14.28 29.24
N ASP B 746 1.22 -13.20 29.60
CA ASP B 746 1.47 -12.92 31.01
C ASP B 746 0.17 -12.73 31.77
N SER B 747 0.08 -13.39 32.92
CA SER B 747 -1.11 -13.37 33.79
C SER B 747 -2.36 -13.86 33.08
N TRP B 748 -2.18 -14.81 32.15
CA TRP B 748 -3.30 -15.45 31.46
C TRP B 748 -3.53 -16.79 32.15
N ASP B 749 -4.59 -16.87 32.95
CA ASP B 749 -4.93 -18.09 33.67
C ASP B 749 -6.35 -18.51 33.28
N LEU B 750 -6.81 -19.58 33.92
CA LEU B 750 -8.09 -20.19 33.56
C LEU B 750 -9.26 -19.25 33.84
N SER B 751 -9.15 -18.41 34.87
CA SER B 751 -10.22 -17.47 35.19
C SER B 751 -10.42 -16.44 34.08
N ASP B 752 -9.39 -16.13 33.31
CA ASP B 752 -9.56 -15.24 32.17
C ASP B 752 -10.25 -15.94 31.00
N ALA B 753 -9.98 -17.24 30.84
CA ALA B 753 -10.65 -17.98 29.78
C ALA B 753 -12.11 -18.21 30.14
N HIS B 754 -12.42 -18.24 31.44
CA HIS B 754 -13.82 -18.27 31.86
C HIS B 754 -14.59 -17.11 31.24
N VAL B 755 -14.06 -15.90 31.38
CA VAL B 755 -14.77 -14.72 30.89
C VAL B 755 -14.76 -14.71 29.35
N VAL B 756 -13.65 -15.13 28.74
CA VAL B 756 -13.59 -15.12 27.28
C VAL B 756 -14.64 -16.05 26.70
N CYS B 757 -14.73 -17.28 27.21
CA CYS B 757 -15.67 -18.25 26.67
C CYS B 757 -17.08 -18.06 27.20
N ARG B 758 -17.27 -17.27 28.26
CA ARG B 758 -18.63 -16.86 28.61
C ARG B 758 -19.14 -15.81 27.62
N GLN B 759 -18.26 -14.88 27.22
CA GLN B 759 -18.66 -13.93 26.19
C GLN B 759 -18.91 -14.63 24.87
N LEU B 760 -18.07 -15.61 24.51
CA LEU B 760 -18.23 -16.30 23.24
C LEU B 760 -19.35 -17.33 23.26
N GLY B 761 -19.94 -17.62 24.41
CA GLY B 761 -21.01 -18.59 24.48
C GLY B 761 -20.59 -20.04 24.45
N CYS B 762 -19.32 -20.34 24.73
CA CYS B 762 -18.83 -21.71 24.72
C CYS B 762 -18.75 -22.31 26.12
N GLY B 763 -19.37 -21.69 27.10
CA GLY B 763 -19.39 -22.24 28.45
C GLY B 763 -18.08 -22.00 29.19
N GLU B 764 -17.83 -22.87 30.17
CA GLU B 764 -16.62 -22.78 30.96
C GLU B 764 -15.41 -23.17 30.13
N ALA B 765 -14.23 -22.89 30.69
CA ALA B 765 -12.97 -23.16 30.02
C ALA B 765 -12.32 -24.42 30.58
N ILE B 766 -11.45 -25.01 29.77
CA ILE B 766 -10.71 -26.21 30.17
C ILE B 766 -9.22 -25.92 30.13
N ASN B 767 -8.82 -24.99 29.26
CA ASN B 767 -7.41 -24.67 29.07
C ASN B 767 -7.26 -23.20 28.73
N ALA B 768 -6.40 -22.51 29.44
CA ALA B 768 -5.98 -21.16 29.10
C ALA B 768 -4.49 -21.25 28.77
N THR B 769 -4.20 -21.44 27.49
CA THR B 769 -2.85 -21.75 27.02
C THR B 769 -2.15 -20.49 26.54
N GLY B 770 -0.82 -20.55 26.56
CA GLY B 770 0.01 -19.47 26.06
C GLY B 770 1.15 -19.97 25.21
N SER B 771 2.19 -19.14 25.07
CA SER B 771 3.39 -19.48 24.29
C SER B 771 3.07 -19.80 22.84
N ALA B 772 2.01 -19.19 22.31
CA ALA B 772 1.58 -19.37 20.93
C ALA B 772 1.37 -20.84 20.59
N HIS B 773 0.44 -21.45 21.33
CA HIS B 773 0.15 -22.87 21.11
C HIS B 773 -0.45 -23.10 19.73
N PHE B 774 -1.35 -22.22 19.29
CA PHE B 774 -2.03 -22.38 18.01
C PHE B 774 -1.39 -21.57 16.89
N GLY B 775 -0.24 -20.98 17.12
CA GLY B 775 0.43 -20.21 16.11
C GLY B 775 0.44 -18.72 16.42
N GLU B 776 1.48 -18.04 15.98
CA GLU B 776 1.61 -16.61 16.22
C GLU B 776 0.63 -15.83 15.37
N GLY B 777 0.22 -14.68 15.89
CA GLY B 777 -0.72 -13.81 15.20
C GLY B 777 -0.02 -12.76 14.35
N THR B 778 -0.82 -11.81 13.87
CA THR B 778 -0.32 -10.72 13.06
C THR B 778 -1.12 -9.46 13.38
N GLY B 779 -0.42 -8.37 13.64
CA GLY B 779 -1.07 -7.11 13.96
C GLY B 779 -0.71 -6.62 15.35
N PRO B 780 -1.57 -5.76 15.91
CA PRO B 780 -1.29 -5.18 17.21
C PRO B 780 -1.56 -6.15 18.35
N ILE B 781 -1.07 -5.79 19.53
CA ILE B 781 -1.41 -6.46 20.78
C ILE B 781 -2.12 -5.45 21.65
N TRP B 782 -3.34 -5.78 22.06
CA TRP B 782 -4.20 -4.76 22.66
C TRP B 782 -4.13 -4.74 24.18
N LEU B 783 -4.17 -5.89 24.83
CA LEU B 783 -4.15 -5.94 26.28
C LEU B 783 -3.08 -6.90 26.77
N ASP B 784 -2.39 -6.52 27.85
CA ASP B 784 -1.23 -7.25 28.35
C ASP B 784 -1.57 -8.13 29.55
N GLU B 785 -2.09 -7.54 30.62
CA GLU B 785 -2.27 -8.24 31.88
C GLU B 785 -3.76 -8.42 32.18
N MET B 786 -4.12 -9.63 32.59
CA MET B 786 -5.49 -9.97 32.93
C MET B 786 -5.61 -10.24 34.43
N LYS B 787 -6.56 -9.57 35.08
CA LYS B 787 -6.88 -9.78 36.48
C LYS B 787 -8.38 -9.95 36.66
N CYS B 788 -8.99 -10.76 35.81
CA CYS B 788 -10.42 -10.98 35.89
C CYS B 788 -10.78 -11.77 37.15
N ASN B 789 -11.93 -11.43 37.74
CA ASN B 789 -12.46 -12.21 38.85
C ASN B 789 -12.93 -13.58 38.37
N GLY B 790 -13.30 -13.68 37.10
CA GLY B 790 -13.96 -14.85 36.56
C GLY B 790 -15.46 -14.73 36.50
N LYS B 791 -16.03 -13.64 37.02
CA LYS B 791 -17.46 -13.40 37.00
C LYS B 791 -17.86 -12.21 36.15
N GLU B 792 -16.90 -11.56 35.49
CA GLU B 792 -17.20 -10.40 34.66
C GLU B 792 -18.05 -10.81 33.47
N SER B 793 -18.93 -9.90 33.05
CA SER B 793 -19.84 -10.21 31.95
C SER B 793 -19.07 -10.36 30.64
N ARG B 794 -18.14 -9.45 30.37
CA ARG B 794 -17.40 -9.42 29.11
C ARG B 794 -15.92 -9.22 29.39
N ILE B 795 -15.11 -9.46 28.36
CA ILE B 795 -13.65 -9.49 28.54
C ILE B 795 -13.14 -8.11 28.96
N TRP B 796 -13.70 -7.04 28.41
CA TRP B 796 -13.14 -5.72 28.62
C TRP B 796 -13.63 -5.08 29.92
N GLN B 797 -14.48 -5.76 30.69
CA GLN B 797 -14.71 -5.37 32.07
C GLN B 797 -13.54 -5.70 32.98
N CYS B 798 -12.54 -6.41 32.48
CA CYS B 798 -11.44 -6.86 33.32
C CYS B 798 -10.41 -5.75 33.52
N HIS B 799 -9.66 -5.87 34.61
CA HIS B 799 -8.59 -4.93 34.92
C HIS B 799 -7.38 -5.24 34.06
N SER B 800 -6.84 -4.21 33.42
CA SER B 800 -5.68 -4.35 32.56
C SER B 800 -4.93 -3.03 32.56
N HIS B 801 -3.70 -3.05 32.02
CA HIS B 801 -2.89 -1.84 31.98
C HIS B 801 -3.45 -0.78 31.06
N GLY B 802 -4.44 -1.12 30.23
CA GLY B 802 -5.00 -0.18 29.28
C GLY B 802 -4.78 -0.63 27.86
N TRP B 803 -5.62 -0.14 26.95
CA TRP B 803 -5.51 -0.55 25.55
C TRP B 803 -4.14 -0.15 25.00
N GLY B 804 -3.48 -1.11 24.35
CA GLY B 804 -2.20 -0.87 23.72
C GLY B 804 -1.02 -0.89 24.65
N GLN B 805 -1.24 -0.96 25.96
CA GLN B 805 -0.16 -0.98 26.95
C GLN B 805 0.36 -2.41 27.06
N GLN B 806 1.28 -2.75 26.16
CA GLN B 806 1.81 -4.10 26.07
C GLN B 806 3.34 -4.06 26.03
N ASN B 807 3.94 -5.16 26.48
CA ASN B 807 5.38 -5.34 26.41
C ASN B 807 5.72 -6.75 25.94
N CYS B 808 4.88 -7.32 25.09
CA CYS B 808 5.02 -8.70 24.64
C CYS B 808 5.23 -8.75 23.14
N ARG B 809 5.50 -9.94 22.64
CA ARG B 809 5.69 -10.19 21.22
C ARG B 809 4.75 -11.31 20.80
N HIS B 810 4.74 -11.62 19.50
CA HIS B 810 3.76 -12.52 18.93
C HIS B 810 4.01 -13.98 19.26
N LYS B 811 5.12 -14.31 19.93
CA LYS B 811 5.35 -15.68 20.37
C LYS B 811 4.74 -15.97 21.73
N GLU B 812 4.04 -15.01 22.32
CA GLU B 812 3.38 -15.18 23.60
C GLU B 812 1.88 -14.93 23.48
N ASP B 813 1.30 -15.40 22.38
CA ASP B 813 -0.12 -15.16 22.12
C ASP B 813 -0.96 -16.09 22.97
N ALA B 814 -2.12 -15.60 23.39
CA ALA B 814 -2.99 -16.36 24.28
C ALA B 814 -3.98 -17.19 23.46
N GLY B 815 -4.38 -18.33 24.03
CA GLY B 815 -5.36 -19.18 23.41
C GLY B 815 -6.20 -19.86 24.47
N VAL B 816 -7.38 -20.33 24.05
CA VAL B 816 -8.31 -20.96 24.97
C VAL B 816 -8.85 -22.24 24.33
N ILE B 817 -9.08 -23.25 25.17
CA ILE B 817 -9.81 -24.45 24.81
C ILE B 817 -10.92 -24.62 25.84
N CYS B 818 -12.16 -24.77 25.37
CA CYS B 818 -13.31 -24.62 26.26
C CYS B 818 -14.20 -25.85 26.19
N SER B 819 -15.23 -25.84 27.05
CA SER B 819 -16.06 -27.03 27.25
C SER B 819 -16.80 -27.43 25.99
N GLU B 820 -17.33 -26.45 25.26
CA GLU B 820 -18.12 -26.73 24.07
C GLU B 820 -17.27 -26.94 22.83
N PHE B 821 -15.98 -27.22 22.98
CA PHE B 821 -15.15 -27.57 21.84
C PHE B 821 -15.45 -28.99 21.40
N MET B 822 -15.67 -29.18 20.10
CA MET B 822 -15.98 -30.48 19.55
C MET B 822 -15.03 -30.79 18.40
N SER B 823 -14.54 -32.03 18.38
CA SER B 823 -13.73 -32.53 17.29
C SER B 823 -14.16 -33.97 17.01
N LEU B 824 -13.86 -34.44 15.81
CA LEU B 824 -14.27 -35.77 15.39
C LEU B 824 -13.08 -36.52 14.84
N ARG B 825 -13.06 -37.83 15.07
CA ARG B 825 -11.98 -38.66 14.55
C ARG B 825 -12.47 -40.10 14.42
N LEU B 826 -11.73 -40.88 13.65
CA LEU B 826 -11.91 -42.32 13.55
C LEU B 826 -10.63 -43.00 14.02
N THR B 827 -10.77 -43.99 14.88
CA THR B 827 -9.61 -44.67 15.43
C THR B 827 -9.65 -46.17 15.14
N SER B 828 -8.46 -46.73 14.95
CA SER B 828 -8.24 -48.15 14.79
C SER B 828 -6.78 -48.44 15.11
N GLU B 829 -6.47 -49.71 15.28
CA GLU B 829 -5.14 -50.13 15.73
C GLU B 829 -4.21 -50.26 14.52
N ALA B 830 -3.22 -49.36 14.46
CA ALA B 830 -2.07 -49.46 13.55
C ALA B 830 -2.48 -49.87 12.13
N SER B 831 -3.49 -49.20 11.60
CA SER B 831 -3.99 -49.53 10.27
C SER B 831 -3.31 -48.66 9.21
N ARG B 832 -3.38 -49.13 7.96
CA ARG B 832 -2.86 -48.33 6.85
C ARG B 832 -3.76 -47.15 6.54
N GLU B 833 -5.07 -47.32 6.70
CA GLU B 833 -6.03 -46.26 6.45
C GLU B 833 -6.53 -45.67 7.77
N ALA B 834 -6.70 -44.35 7.79
CA ALA B 834 -7.16 -43.67 8.99
C ALA B 834 -8.67 -43.42 8.99
N CYS B 835 -9.31 -43.43 7.82
CA CYS B 835 -10.74 -43.15 7.73
C CYS B 835 -11.54 -44.45 7.74
N ALA B 836 -11.36 -45.22 8.80
CA ALA B 836 -12.08 -46.47 9.00
C ALA B 836 -11.93 -46.93 10.44
N GLY B 837 -13.04 -47.21 11.10
CA GLY B 837 -12.96 -47.66 12.48
C GLY B 837 -14.01 -47.07 13.38
N ARG B 838 -13.60 -46.65 14.58
CA ARG B 838 -14.53 -46.25 15.62
C ARG B 838 -14.64 -44.73 15.67
N LEU B 839 -15.88 -44.24 15.62
CA LEU B 839 -16.20 -42.82 15.69
C LEU B 839 -15.99 -42.28 17.09
N GLU B 840 -15.16 -41.25 17.22
CA GLU B 840 -14.91 -40.62 18.50
C GLU B 840 -15.13 -39.12 18.39
N VAL B 841 -15.91 -38.58 19.33
CA VAL B 841 -16.24 -37.17 19.41
C VAL B 841 -15.62 -36.60 20.69
N PHE B 842 -15.14 -35.37 20.61
CA PHE B 842 -14.47 -34.69 21.70
C PHE B 842 -15.43 -33.67 22.31
N TYR B 843 -15.62 -33.74 23.62
CA TYR B 843 -16.54 -32.83 24.29
C TYR B 843 -16.15 -32.72 25.75
N ASN B 844 -16.22 -31.49 26.28
CA ASN B 844 -15.93 -31.22 27.69
C ASN B 844 -14.54 -31.71 28.08
N GLY B 845 -13.61 -31.73 27.13
CA GLY B 845 -12.26 -32.16 27.39
C GLY B 845 -12.03 -33.65 27.33
N ALA B 846 -13.07 -34.43 27.11
CA ALA B 846 -12.98 -35.89 27.11
C ALA B 846 -13.48 -36.45 25.79
N TRP B 847 -12.90 -37.58 25.40
CA TRP B 847 -13.36 -38.28 24.21
C TRP B 847 -14.53 -39.20 24.56
N GLY B 848 -15.31 -39.54 23.54
CA GLY B 848 -16.42 -40.45 23.71
C GLY B 848 -16.84 -40.98 22.37
N THR B 849 -17.78 -41.92 22.39
CA THR B 849 -18.31 -42.51 21.16
C THR B 849 -19.74 -42.03 20.93
N VAL B 850 -20.24 -42.29 19.72
CA VAL B 850 -21.54 -41.81 19.27
C VAL B 850 -22.45 -43.00 19.06
N GLY B 851 -23.70 -42.87 19.49
CA GLY B 851 -24.64 -43.98 19.39
C GLY B 851 -24.98 -44.32 17.95
N LYS B 852 -25.32 -45.59 17.74
CA LYS B 852 -25.68 -46.09 16.42
C LYS B 852 -27.18 -46.03 16.15
N SER B 853 -27.99 -45.75 17.17
CA SER B 853 -29.44 -45.72 17.00
C SER B 853 -29.86 -44.62 16.04
N SER B 854 -30.81 -44.94 15.17
CA SER B 854 -31.40 -43.99 14.24
C SER B 854 -30.38 -43.38 13.28
N MET B 855 -29.36 -44.15 12.92
CA MET B 855 -28.38 -43.67 11.95
C MET B 855 -28.93 -43.83 10.54
N SER B 856 -28.40 -42.99 9.63
CA SER B 856 -28.86 -42.98 8.24
C SER B 856 -27.67 -42.78 7.32
N GLU B 857 -27.92 -42.93 6.02
CA GLU B 857 -26.87 -42.77 5.02
C GLU B 857 -26.34 -41.35 5.00
N THR B 858 -27.22 -40.36 5.13
CA THR B 858 -26.77 -38.98 5.07
C THR B 858 -25.91 -38.61 6.27
N THR B 859 -26.20 -39.16 7.45
CA THR B 859 -25.39 -38.89 8.63
C THR B 859 -23.97 -39.43 8.48
N VAL B 860 -23.83 -40.67 8.02
CA VAL B 860 -22.49 -41.21 7.78
C VAL B 860 -21.80 -40.42 6.68
N GLY B 861 -22.57 -39.98 5.67
CA GLY B 861 -21.98 -39.19 4.60
C GLY B 861 -21.41 -37.87 5.10
N VAL B 862 -22.16 -37.17 5.94
CA VAL B 862 -21.65 -35.89 6.44
C VAL B 862 -20.49 -36.10 7.40
N VAL B 863 -20.51 -37.19 8.17
CA VAL B 863 -19.35 -37.51 9.02
C VAL B 863 -18.11 -37.73 8.16
N CYS B 864 -18.26 -38.51 7.08
CA CYS B 864 -17.12 -38.78 6.21
C CYS B 864 -16.61 -37.51 5.54
N ARG B 865 -17.54 -36.63 5.13
CA ARG B 865 -17.14 -35.36 4.53
C ARG B 865 -16.40 -34.49 5.54
N GLN B 866 -16.88 -34.45 6.78
CA GLN B 866 -16.21 -33.67 7.82
C GLN B 866 -14.80 -34.19 8.06
N LEU B 867 -14.64 -35.50 8.13
CA LEU B 867 -13.29 -36.06 8.22
C LEU B 867 -12.48 -35.82 6.95
N GLY B 868 -13.14 -35.62 5.82
CA GLY B 868 -12.46 -35.31 4.58
C GLY B 868 -11.90 -36.52 3.86
N CYS B 869 -12.71 -37.57 3.74
CA CYS B 869 -12.25 -38.76 3.04
C CYS B 869 -13.19 -39.20 1.92
N ALA B 870 -14.50 -39.08 2.11
CA ALA B 870 -15.46 -39.49 1.10
C ALA B 870 -16.78 -38.78 1.37
N ASP B 871 -17.68 -38.86 0.41
CA ASP B 871 -19.00 -38.27 0.54
C ASP B 871 -20.07 -39.27 0.96
N LYS B 872 -19.68 -40.51 1.22
CA LYS B 872 -20.61 -41.57 1.63
C LYS B 872 -19.80 -42.64 2.36
N GLY B 873 -20.50 -43.45 3.14
CA GLY B 873 -19.83 -44.51 3.88
C GLY B 873 -20.83 -45.55 4.34
N LYS B 874 -20.30 -46.61 4.95
CA LYS B 874 -21.12 -47.72 5.42
C LYS B 874 -20.77 -48.06 6.85
N ILE B 875 -21.80 -48.37 7.64
CA ILE B 875 -21.61 -48.80 9.01
C ILE B 875 -21.03 -50.21 9.02
N ASN B 876 -20.23 -50.49 10.05
CA ASN B 876 -19.51 -51.75 10.19
C ASN B 876 -19.75 -52.29 11.60
N PRO B 877 -19.87 -53.61 11.75
CA PRO B 877 -20.05 -54.19 13.09
C PRO B 877 -18.83 -53.99 13.99
N ALA B 878 -18.89 -54.55 15.20
CA ALA B 878 -17.83 -54.33 16.17
C ALA B 878 -16.55 -55.06 15.76
N SER B 879 -15.74 -54.41 14.94
CA SER B 879 -14.54 -55.05 14.39
C SER B 879 -13.38 -54.96 15.38
N LEU B 880 -12.47 -55.93 15.25
CA LEU B 880 -11.21 -55.98 15.97
C LEU B 880 -11.41 -56.34 17.45
N ASP B 881 -12.67 -56.36 17.89
CA ASP B 881 -13.05 -56.80 19.24
C ASP B 881 -12.18 -56.19 20.34
N LYS B 882 -11.60 -55.01 20.09
CA LYS B 882 -10.73 -54.39 21.07
C LYS B 882 -10.71 -52.89 20.84
N ALA B 883 -10.84 -52.13 21.93
CA ALA B 883 -10.74 -50.67 21.93
C ALA B 883 -10.67 -50.22 23.37
N MET B 884 -10.50 -48.91 23.57
CA MET B 884 -10.57 -48.35 24.90
C MET B 884 -12.01 -48.31 25.39
N SER B 885 -12.18 -48.32 26.70
CA SER B 885 -13.50 -48.39 27.32
C SER B 885 -14.10 -47.00 27.58
N ILE B 886 -13.73 -46.02 26.77
CA ILE B 886 -14.30 -44.67 26.92
C ILE B 886 -15.80 -44.73 26.65
N PRO B 887 -16.62 -44.03 27.43
CA PRO B 887 -18.08 -44.15 27.27
C PRO B 887 -18.57 -43.43 26.03
N MET B 888 -19.88 -43.40 25.82
CA MET B 888 -20.47 -42.74 24.66
C MET B 888 -21.16 -41.45 25.08
N TRP B 889 -20.91 -40.39 24.30
CA TRP B 889 -21.31 -39.03 24.68
C TRP B 889 -22.71 -38.67 24.22
N VAL B 890 -23.09 -39.07 23.01
CA VAL B 890 -24.36 -38.66 22.43
C VAL B 890 -24.88 -39.80 21.56
N ASP B 891 -26.21 -39.91 21.49
CA ASP B 891 -26.87 -40.96 20.72
C ASP B 891 -28.06 -40.36 19.99
N ASN B 892 -28.57 -41.11 19.02
CA ASN B 892 -29.76 -40.75 18.25
C ASN B 892 -29.49 -39.42 17.53
N VAL B 893 -28.56 -39.49 16.58
CA VAL B 893 -28.19 -38.34 15.75
C VAL B 893 -28.98 -38.41 14.45
N GLN B 894 -29.56 -37.28 14.06
CA GLN B 894 -30.31 -37.15 12.82
C GLN B 894 -29.76 -35.96 12.05
N CYS B 895 -29.48 -36.16 10.78
CA CYS B 895 -28.89 -35.06 10.02
C CYS B 895 -29.85 -34.57 8.95
N PRO B 896 -29.94 -33.25 8.75
CA PRO B 896 -30.71 -32.72 7.64
C PRO B 896 -29.84 -32.52 6.41
N LYS B 897 -30.48 -32.22 5.29
CA LYS B 897 -29.76 -31.88 4.08
C LYS B 897 -29.22 -30.47 4.18
N GLY B 898 -27.96 -30.28 3.76
CA GLY B 898 -27.35 -28.98 3.72
C GLY B 898 -26.14 -28.77 4.60
N PRO B 899 -26.18 -29.23 5.85
CA PRO B 899 -24.98 -29.13 6.69
C PRO B 899 -23.88 -30.08 6.23
N ASP B 900 -22.65 -29.60 6.28
CA ASP B 900 -21.47 -30.41 6.05
C ASP B 900 -20.73 -30.75 7.34
N THR B 901 -21.18 -30.21 8.47
CA THR B 901 -20.58 -30.48 9.77
C THR B 901 -21.59 -31.18 10.66
N LEU B 902 -21.11 -32.17 11.41
CA LEU B 902 -22.00 -32.94 12.29
C LEU B 902 -22.57 -32.10 13.41
N TRP B 903 -21.97 -30.96 13.74
CA TRP B 903 -22.42 -30.17 14.87
C TRP B 903 -23.80 -29.59 14.67
N GLN B 904 -24.26 -29.45 13.43
CA GLN B 904 -25.59 -28.91 13.14
C GLN B 904 -26.64 -29.99 12.95
N CYS B 905 -26.28 -31.25 13.19
CA CYS B 905 -27.24 -32.34 13.13
C CYS B 905 -27.92 -32.51 14.49
N PRO B 906 -29.24 -32.36 14.57
CA PRO B 906 -29.91 -32.51 15.88
C PRO B 906 -29.75 -33.91 16.44
N SER B 907 -29.77 -34.00 17.76
CA SER B 907 -29.62 -35.27 18.45
C SER B 907 -30.16 -35.14 19.86
N SER B 908 -29.93 -36.18 20.66
CA SER B 908 -30.34 -36.20 22.06
C SER B 908 -29.34 -35.45 22.93
N PRO B 909 -29.75 -34.98 24.10
CA PRO B 909 -28.83 -34.26 24.97
C PRO B 909 -27.65 -35.11 25.41
N TRP B 910 -26.57 -34.44 25.78
CA TRP B 910 -25.34 -35.12 26.14
C TRP B 910 -25.52 -36.00 27.37
N GLU B 911 -24.89 -37.16 27.36
CA GLU B 911 -24.91 -38.07 28.50
C GLU B 911 -23.64 -38.90 28.47
N LYS B 912 -22.97 -38.96 29.62
CA LYS B 912 -21.67 -39.64 29.72
C LYS B 912 -21.87 -41.00 30.40
N ARG B 913 -22.42 -41.95 29.64
CA ARG B 913 -22.69 -43.27 30.18
C ARG B 913 -21.94 -44.35 29.41
N LEU B 914 -21.61 -45.42 30.12
CA LEU B 914 -20.90 -46.55 29.52
C LEU B 914 -21.85 -47.37 28.66
N ALA B 915 -21.32 -47.88 27.54
CA ALA B 915 -22.12 -48.65 26.60
C ALA B 915 -21.34 -49.88 26.17
N SER B 916 -22.08 -50.93 25.85
CA SER B 916 -21.48 -52.15 25.32
C SER B 916 -20.94 -51.91 23.92
N PRO B 917 -19.96 -52.70 23.48
CA PRO B 917 -19.44 -52.56 22.12
C PRO B 917 -20.50 -52.73 21.04
N SER B 918 -21.64 -53.35 21.36
CA SER B 918 -22.72 -53.45 20.38
C SER B 918 -23.29 -52.07 20.06
N GLU B 919 -23.44 -51.22 21.07
CA GLU B 919 -24.02 -49.90 20.88
C GLU B 919 -23.03 -48.87 20.32
N GLU B 920 -21.74 -49.19 20.30
CA GLU B 920 -20.76 -48.29 19.73
C GLU B 920 -20.83 -48.30 18.21
N THR B 921 -20.46 -47.18 17.61
CA THR B 921 -20.59 -46.99 16.17
C THR B 921 -19.23 -47.12 15.50
N TRP B 922 -19.17 -47.94 14.44
CA TRP B 922 -18.00 -48.08 13.60
C TRP B 922 -18.41 -47.80 12.16
N ILE B 923 -17.61 -47.00 11.46
CA ILE B 923 -17.92 -46.64 10.08
C ILE B 923 -16.68 -46.84 9.21
N THR B 924 -16.93 -47.04 7.91
CA THR B 924 -15.89 -47.08 6.90
C THR B 924 -16.34 -46.24 5.72
N CYS B 925 -15.57 -45.21 5.39
CA CYS B 925 -15.88 -44.33 4.28
C CYS B 925 -15.18 -44.81 3.02
N ASP B 926 -15.87 -44.72 1.88
CA ASP B 926 -15.32 -45.17 0.62
C ASP B 926 -14.11 -44.34 0.19
#